data_2O1K
# 
_entry.id   2O1K 
# 
_audit_conform.dict_name       mmcif_pdbx.dic 
_audit_conform.dict_version    5.380 
_audit_conform.dict_location   http://mmcif.pdb.org/dictionaries/ascii/mmcif_pdbx.dic 
# 
loop_
_database_2.database_id 
_database_2.database_code 
_database_2.pdbx_database_accession 
_database_2.pdbx_DOI 
PDB   2O1K         pdb_00002o1k 10.2210/pdb2o1k/pdb 
RCSB  RCSB040570   ?            ?                   
WWPDB D_1000040570 ?            ?                   
# 
_pdbx_database_related.db_name        PDB 
_pdbx_database_related.db_id          2O1J 
_pdbx_database_related.details        'Nonstructural protein NSP4(similar protein)' 
_pdbx_database_related.content_type   unspecified 
# 
_pdbx_database_status.status_code                     REL 
_pdbx_database_status.entry_id                        2O1K 
_pdbx_database_status.recvd_initial_deposition_date   2006-11-29 
_pdbx_database_status.deposit_site                    RCSB 
_pdbx_database_status.process_site                    PDBJ 
_pdbx_database_status.status_code_sf                  REL 
_pdbx_database_status.status_code_mr                  ? 
_pdbx_database_status.SG_entry                        ? 
_pdbx_database_status.pdb_format_compatible           Y 
_pdbx_database_status.status_code_cs                  ? 
_pdbx_database_status.methods_development_category    ? 
_pdbx_database_status.status_code_nmr_data            ? 
# 
loop_
_audit_author.name 
_audit_author.pdbx_ordinal 
'Deepa, R.'     1 
'Suguna, K.'    2 
'Durga Rao, C.' 3 
# 
_citation.id                        primary 
_citation.title                     'Structure of the extended diarrhea-inducing domain of rotavirus enterotoxigenic protein' 
_citation.journal_abbrev            'TO BE PUBLISHED' 
_citation.journal_volume            ? 
_citation.page_first                ? 
_citation.page_last                 ? 
_citation.year                      ? 
_citation.journal_id_ASTM           ? 
_citation.country                   ? 
_citation.journal_id_ISSN           ? 
_citation.journal_id_CSD            0353 
_citation.book_publisher            ? 
_citation.pdbx_database_id_PubMed   ? 
_citation.pdbx_database_id_DOI      ? 
# 
loop_
_citation_author.citation_id 
_citation_author.name 
_citation_author.ordinal 
_citation_author.identifier_ORCID 
primary 'Deepa, R.'     1 ? 
primary 'Durga Rao, C.' 2 ? 
primary 'Suguna, K.'    3 ? 
# 
_cell.entry_id           2O1K 
_cell.length_a           30.692 
_cell.length_b           38.090 
_cell.length_c           182.354 
_cell.angle_alpha        90.00 
_cell.angle_beta         90.00 
_cell.angle_gamma        90.00 
_cell.Z_PDB              16 
_cell.pdbx_unique_axis   ? 
_cell.length_a_esd       ? 
_cell.length_b_esd       ? 
_cell.length_c_esd       ? 
_cell.angle_alpha_esd    ? 
_cell.angle_beta_esd     ? 
_cell.angle_gamma_esd    ? 
# 
_symmetry.entry_id                         2O1K 
_symmetry.space_group_name_H-M             'I 2 2 2' 
_symmetry.pdbx_full_space_group_name_H-M   ? 
_symmetry.cell_setting                     ? 
_symmetry.Int_Tables_number                23 
_symmetry.space_group_name_Hall            ? 
# 
loop_
_entity.id 
_entity.type 
_entity.src_method 
_entity.pdbx_description 
_entity.formula_weight 
_entity.pdbx_number_of_molecules 
_entity.pdbx_ec 
_entity.pdbx_mutation 
_entity.pdbx_fragment 
_entity.details 
1 polymer     man 'Non-structural glycoprotein NSP4' 6335.458 2  ? ? 'Diarrhea-inducing domain (residues 95-146)' ? 
2 non-polymer syn 'CALCIUM ION'                      40.078   1  ? ? ?                                            ? 
3 water       nat water                              18.015   61 ? ? ?                                            ? 
# 
_entity_name_com.entity_id   1 
_entity_name_com.name        NS28 
# 
_entity_poly.entity_id                      1 
_entity_poly.type                           'polypeptide(L)' 
_entity_poly.nstd_linkage                   no 
_entity_poly.nstd_monomer                   no 
_entity_poly.pdbx_seq_one_letter_code       IEKQMDRVVKEMRRQLEMIDKLTTREIEQVELLKRIYDKLTVQTTGEIDMTK 
_entity_poly.pdbx_seq_one_letter_code_can   IEKQMDRVVKEMRRQLEMIDKLTTREIEQVELLKRIYDKLTVQTTGEIDMTK 
_entity_poly.pdbx_strand_id                 A,B 
_entity_poly.pdbx_target_identifier         ? 
# 
loop_
_entity_poly_seq.entity_id 
_entity_poly_seq.num 
_entity_poly_seq.mon_id 
_entity_poly_seq.hetero 
1 1  ILE n 
1 2  GLU n 
1 3  LYS n 
1 4  GLN n 
1 5  MET n 
1 6  ASP n 
1 7  ARG n 
1 8  VAL n 
1 9  VAL n 
1 10 LYS n 
1 11 GLU n 
1 12 MET n 
1 13 ARG n 
1 14 ARG n 
1 15 GLN n 
1 16 LEU n 
1 17 GLU n 
1 18 MET n 
1 19 ILE n 
1 20 ASP n 
1 21 LYS n 
1 22 LEU n 
1 23 THR n 
1 24 THR n 
1 25 ARG n 
1 26 GLU n 
1 27 ILE n 
1 28 GLU n 
1 29 GLN n 
1 30 VAL n 
1 31 GLU n 
1 32 LEU n 
1 33 LEU n 
1 34 LYS n 
1 35 ARG n 
1 36 ILE n 
1 37 TYR n 
1 38 ASP n 
1 39 LYS n 
1 40 LEU n 
1 41 THR n 
1 42 VAL n 
1 43 GLN n 
1 44 THR n 
1 45 THR n 
1 46 GLY n 
1 47 GLU n 
1 48 ILE n 
1 49 ASP n 
1 50 MET n 
1 51 THR n 
1 52 LYS n 
# 
_entity_src_gen.entity_id                          1 
_entity_src_gen.pdbx_src_id                        1 
_entity_src_gen.pdbx_alt_source_flag               sample 
_entity_src_gen.pdbx_seq_type                      ? 
_entity_src_gen.pdbx_beg_seq_num                   ? 
_entity_src_gen.pdbx_end_seq_num                   ? 
_entity_src_gen.gene_src_common_name               ? 
_entity_src_gen.gene_src_genus                     Rotavirus 
_entity_src_gen.pdbx_gene_src_gene                 G10 
_entity_src_gen.gene_src_species                   'Rotavirus A' 
_entity_src_gen.gene_src_strain                    SA11 
_entity_src_gen.gene_src_tissue                    ? 
_entity_src_gen.gene_src_tissue_fraction           ? 
_entity_src_gen.gene_src_details                   ? 
_entity_src_gen.pdbx_gene_src_fragment             ? 
_entity_src_gen.pdbx_gene_src_scientific_name      'Simian rotavirus A/SA11' 
_entity_src_gen.pdbx_gene_src_ncbi_taxonomy_id     10923 
_entity_src_gen.pdbx_gene_src_variant              ? 
_entity_src_gen.pdbx_gene_src_cell_line            ? 
_entity_src_gen.pdbx_gene_src_atcc                 ? 
_entity_src_gen.pdbx_gene_src_organ                ? 
_entity_src_gen.pdbx_gene_src_organelle            ? 
_entity_src_gen.pdbx_gene_src_cell                 ? 
_entity_src_gen.pdbx_gene_src_cellular_location    ? 
_entity_src_gen.host_org_common_name               ? 
_entity_src_gen.pdbx_host_org_scientific_name      'Escherichia coli BL21(DE3)' 
_entity_src_gen.pdbx_host_org_ncbi_taxonomy_id     469008 
_entity_src_gen.host_org_genus                     Escherichia 
_entity_src_gen.pdbx_host_org_gene                 ? 
_entity_src_gen.pdbx_host_org_organ                ? 
_entity_src_gen.host_org_species                   'Escherichia coli' 
_entity_src_gen.pdbx_host_org_tissue               ? 
_entity_src_gen.pdbx_host_org_tissue_fraction      ? 
_entity_src_gen.pdbx_host_org_strain               'BL21 DE3' 
_entity_src_gen.pdbx_host_org_variant              ? 
_entity_src_gen.pdbx_host_org_cell_line            ? 
_entity_src_gen.pdbx_host_org_atcc                 ? 
_entity_src_gen.pdbx_host_org_culture_collection   ? 
_entity_src_gen.pdbx_host_org_cell                 ? 
_entity_src_gen.pdbx_host_org_organelle            ? 
_entity_src_gen.pdbx_host_org_cellular_location    ? 
_entity_src_gen.pdbx_host_org_vector_type          Plasmid 
_entity_src_gen.pdbx_host_org_vector               ? 
_entity_src_gen.host_org_details                   ? 
_entity_src_gen.expression_system_id               ? 
_entity_src_gen.plasmid_name                       'pET22(b)+' 
_entity_src_gen.plasmid_details                    ? 
_entity_src_gen.pdbx_description                   ? 
# 
_struct_ref.id                         1 
_struct_ref.db_name                    UNP 
_struct_ref.db_code                    O92323_9REOV 
_struct_ref.pdbx_db_accession          O92323 
_struct_ref.entity_id                  1 
_struct_ref.pdbx_seq_one_letter_code   IEKQMDRVVKEMRRQLEMIDKLTTREIEQVELLKRIYDKLTVQTTGEIDMTK 
_struct_ref.pdbx_align_begin           95 
_struct_ref.pdbx_db_isoform            ? 
# 
loop_
_struct_ref_seq.align_id 
_struct_ref_seq.ref_id 
_struct_ref_seq.pdbx_PDB_id_code 
_struct_ref_seq.pdbx_strand_id 
_struct_ref_seq.seq_align_beg 
_struct_ref_seq.pdbx_seq_align_beg_ins_code 
_struct_ref_seq.seq_align_end 
_struct_ref_seq.pdbx_seq_align_end_ins_code 
_struct_ref_seq.pdbx_db_accession 
_struct_ref_seq.db_align_beg 
_struct_ref_seq.pdbx_db_align_beg_ins_code 
_struct_ref_seq.db_align_end 
_struct_ref_seq.pdbx_db_align_end_ins_code 
_struct_ref_seq.pdbx_auth_seq_align_beg 
_struct_ref_seq.pdbx_auth_seq_align_end 
1 1 2O1K A 1 ? 52 ? O92323 95 ? 146 ? 95 146 
2 1 2O1K B 1 ? 52 ? O92323 95 ? 146 ? 95 146 
# 
loop_
_chem_comp.id 
_chem_comp.type 
_chem_comp.mon_nstd_flag 
_chem_comp.name 
_chem_comp.pdbx_synonyms 
_chem_comp.formula 
_chem_comp.formula_weight 
ARG 'L-peptide linking' y ARGININE        ? 'C6 H15 N4 O2 1' 175.209 
ASP 'L-peptide linking' y 'ASPARTIC ACID' ? 'C4 H7 N O4'     133.103 
CA  non-polymer         . 'CALCIUM ION'   ? 'Ca 2'           40.078  
GLN 'L-peptide linking' y GLUTAMINE       ? 'C5 H10 N2 O3'   146.144 
GLU 'L-peptide linking' y 'GLUTAMIC ACID' ? 'C5 H9 N O4'     147.129 
GLY 'peptide linking'   y GLYCINE         ? 'C2 H5 N O2'     75.067  
HOH non-polymer         . WATER           ? 'H2 O'           18.015  
ILE 'L-peptide linking' y ISOLEUCINE      ? 'C6 H13 N O2'    131.173 
LEU 'L-peptide linking' y LEUCINE         ? 'C6 H13 N O2'    131.173 
LYS 'L-peptide linking' y LYSINE          ? 'C6 H15 N2 O2 1' 147.195 
MET 'L-peptide linking' y METHIONINE      ? 'C5 H11 N O2 S'  149.211 
THR 'L-peptide linking' y THREONINE       ? 'C4 H9 N O3'     119.119 
TYR 'L-peptide linking' y TYROSINE        ? 'C9 H11 N O3'    181.189 
VAL 'L-peptide linking' y VALINE          ? 'C5 H11 N O2'    117.146 
# 
_exptl.entry_id          2O1K 
_exptl.method            'X-RAY DIFFRACTION' 
_exptl.crystals_number   1 
# 
_exptl_crystal.id                    1 
_exptl_crystal.density_meas          ? 
_exptl_crystal.density_Matthews      2.10 
_exptl_crystal.density_percent_sol   41.51 
_exptl_crystal.description           ? 
_exptl_crystal.F_000                 ? 
_exptl_crystal.preparation           ? 
# 
_exptl_crystal_grow.crystal_id      1 
_exptl_crystal_grow.method          'VAPOR DIFFUSION, HANGING DROP' 
_exptl_crystal_grow.temp            293 
_exptl_crystal_grow.temp_details    ? 
_exptl_crystal_grow.pH              7.5 
_exptl_crystal_grow.pdbx_details    
'1.5M lithium sulphate monohydrate, 0.1 HEPES, pH 7.5, VAPOR DIFFUSION, HANGING DROP, temperature 293K' 
_exptl_crystal_grow.pdbx_pH_range   . 
# 
_diffrn.id                     1 
_diffrn.ambient_temp           293 
_diffrn.ambient_temp_details   ? 
_diffrn.crystal_id             1 
# 
_diffrn_detector.diffrn_id              1 
_diffrn_detector.detector               'IMAGE PLATE' 
_diffrn_detector.type                   'MAR scanner 345 mm plate' 
_diffrn_detector.pdbx_collection_date   2004-11-06 
_diffrn_detector.details                'OSMIC mirror system' 
# 
_diffrn_radiation.diffrn_id                        1 
_diffrn_radiation.wavelength_id                    1 
_diffrn_radiation.pdbx_monochromatic_or_laue_m_l   M 
_diffrn_radiation.monochromator                    'CU K alpha' 
_diffrn_radiation.pdbx_diffrn_protocol             'SINGLE WAVELENGTH' 
_diffrn_radiation.pdbx_scattering_type             x-ray 
# 
_diffrn_radiation_wavelength.id           1 
_diffrn_radiation_wavelength.wavelength   1.5418 
_diffrn_radiation_wavelength.wt           1.0 
# 
_diffrn_source.diffrn_id                   1 
_diffrn_source.source                      'ROTATING ANODE' 
_diffrn_source.type                        'RIGAKU RU200' 
_diffrn_source.pdbx_synchrotron_site       ? 
_diffrn_source.pdbx_synchrotron_beamline   ? 
_diffrn_source.pdbx_wavelength             ? 
_diffrn_source.pdbx_wavelength_list        1.5418 
# 
_reflns.entry_id                     2O1K 
_reflns.observed_criterion_sigma_F   ? 
_reflns.observed_criterion_sigma_I   ? 
_reflns.d_resolution_high            1.67 
_reflns.d_resolution_low             15 
_reflns.number_all                   ? 
_reflns.number_obs                   12801 
_reflns.percent_possible_obs         98.8 
_reflns.pdbx_Rmerge_I_obs            0.045 
_reflns.pdbx_Rsym_value              ? 
_reflns.pdbx_netI_over_sigmaI        29.8 
_reflns.B_iso_Wilson_estimate        ? 
_reflns.pdbx_redundancy              7.1 
_reflns.R_free_details               ? 
_reflns.limit_h_max                  ? 
_reflns.limit_h_min                  ? 
_reflns.limit_k_max                  ? 
_reflns.limit_k_min                  ? 
_reflns.limit_l_max                  ? 
_reflns.limit_l_min                  ? 
_reflns.observed_criterion_F_max     ? 
_reflns.observed_criterion_F_min     ? 
_reflns.pdbx_chi_squared             ? 
_reflns.pdbx_scaling_rejects         ? 
_reflns.pdbx_ordinal                 1 
_reflns.pdbx_diffrn_id               1 
# 
_reflns_shell.d_res_high             1.67 
_reflns_shell.d_res_low              1.76 
_reflns_shell.percent_possible_all   95.5 
_reflns_shell.Rmerge_I_obs           0.142 
_reflns_shell.pdbx_Rsym_value        ? 
_reflns_shell.meanI_over_sigI_obs    12.5 
_reflns_shell.pdbx_redundancy        ? 
_reflns_shell.percent_possible_obs   ? 
_reflns_shell.number_unique_all      1776 
_reflns_shell.number_measured_all    ? 
_reflns_shell.number_measured_obs    ? 
_reflns_shell.number_unique_obs      ? 
_reflns_shell.pdbx_chi_squared       ? 
_reflns_shell.pdbx_ordinal           1 
_reflns_shell.pdbx_diffrn_id         1 
# 
_refine.entry_id                                 2O1K 
_refine.ls_number_reflns_obs                     12178 
_refine.ls_number_reflns_all                     ? 
_refine.pdbx_ls_sigma_I                          ? 
_refine.pdbx_ls_sigma_F                          ? 
_refine.pdbx_data_cutoff_high_absF               ? 
_refine.pdbx_data_cutoff_low_absF                ? 
_refine.pdbx_data_cutoff_high_rms_absF           ? 
_refine.ls_d_res_low                             15.00 
_refine.ls_d_res_high                            1.67 
_refine.ls_percent_reflns_obs                    98.82 
_refine.ls_R_factor_obs                          0.18973 
_refine.ls_R_factor_all                          ? 
_refine.ls_R_factor_R_work                       0.18764 
_refine.ls_R_factor_R_free                       0.23318 
_refine.ls_R_factor_R_free_error                 ? 
_refine.ls_R_factor_R_free_error_details         ? 
_refine.ls_percent_reflns_R_free                 4.9 
_refine.ls_number_reflns_R_free                  623 
_refine.ls_number_parameters                     ? 
_refine.ls_number_restraints                     ? 
_refine.occupancy_min                            ? 
_refine.occupancy_max                            ? 
_refine.correlation_coeff_Fo_to_Fc               0.945 
_refine.correlation_coeff_Fo_to_Fc_free          0.900 
_refine.B_iso_mean                               21.486 
_refine.aniso_B[1][1]                            -0.03 
_refine.aniso_B[2][2]                            0.22 
_refine.aniso_B[3][3]                            -0.19 
_refine.aniso_B[1][2]                            0.00 
_refine.aniso_B[1][3]                            0.00 
_refine.aniso_B[2][3]                            0.00 
_refine.solvent_model_details                    MASK 
_refine.solvent_model_param_ksol                 ? 
_refine.solvent_model_param_bsol                 ? 
_refine.pdbx_solvent_vdw_probe_radii             1.20 
_refine.pdbx_solvent_ion_probe_radii             0.80 
_refine.pdbx_solvent_shrinkage_radii             0.80 
_refine.pdbx_ls_cross_valid_method               THROUGHOUT 
_refine.details                                  'HYDROGENS HAVE BEEN ADDED IN THE RIDING POSITIONS' 
_refine.pdbx_starting_model                      'PDB CODE 1G1J' 
_refine.pdbx_method_to_determine_struct          'MOLECULAR REPLACEMENT' 
_refine.pdbx_isotropic_thermal_model             ? 
_refine.pdbx_stereochemistry_target_values       'MAXIMUM LIKELIHOOD' 
_refine.pdbx_stereochem_target_val_spec_case     ? 
_refine.pdbx_R_Free_selection_details            RANDOM 
_refine.pdbx_overall_ESU_R                       0.095 
_refine.pdbx_overall_ESU_R_Free                  0.101 
_refine.overall_SU_ML                            0.044 
_refine.overall_SU_B                             2.540 
_refine.ls_redundancy_reflns_obs                 ? 
_refine.B_iso_min                                ? 
_refine.B_iso_max                                ? 
_refine.overall_SU_R_Cruickshank_DPI             ? 
_refine.overall_SU_R_free                        ? 
_refine.ls_wR_factor_R_free                      ? 
_refine.ls_wR_factor_R_work                      ? 
_refine.overall_FOM_free_R_set                   ? 
_refine.overall_FOM_work_R_set                   ? 
_refine.pdbx_refine_id                           'X-RAY DIFFRACTION' 
_refine.pdbx_TLS_residual_ADP_flag               'LIKELY RESIDUAL' 
_refine.pdbx_diffrn_id                           1 
_refine.pdbx_overall_phase_error                 ? 
_refine.pdbx_overall_SU_R_free_Cruickshank_DPI   ? 
_refine.pdbx_overall_SU_R_Blow_DPI               ? 
_refine.pdbx_overall_SU_R_free_Blow_DPI          ? 
# 
_refine_hist.pdbx_refine_id                   'X-RAY DIFFRACTION' 
_refine_hist.cycle_id                         LAST 
_refine_hist.pdbx_number_atoms_protein        700 
_refine_hist.pdbx_number_atoms_nucleic_acid   0 
_refine_hist.pdbx_number_atoms_ligand         1 
_refine_hist.number_atoms_solvent             61 
_refine_hist.number_atoms_total               762 
_refine_hist.d_res_high                       1.67 
_refine_hist.d_res_low                        15.00 
# 
loop_
_refine_ls_restr.type 
_refine_ls_restr.dev_ideal 
_refine_ls_restr.dev_ideal_target 
_refine_ls_restr.weight 
_refine_ls_restr.number 
_refine_ls_restr.pdbx_refine_id 
_refine_ls_restr.pdbx_restraint_function 
r_bond_refined_d             0.013  0.022  ? 734  'X-RAY DIFFRACTION' ? 
r_bond_other_d               0.001  0.020  ? 759  'X-RAY DIFFRACTION' ? 
r_angle_refined_deg          1.117  1.998  ? 985  'X-RAY DIFFRACTION' ? 
r_angle_other_deg            0.765  3.000  ? 1756 'X-RAY DIFFRACTION' ? 
r_dihedral_angle_1_deg       3.403  5.000  ? 92   'X-RAY DIFFRACTION' ? 
r_dihedral_angle_2_deg       30.028 23.889 ? 36   'X-RAY DIFFRACTION' ? 
r_dihedral_angle_3_deg       14.499 15.000 ? 171  'X-RAY DIFFRACTION' ? 
r_dihedral_angle_4_deg       11.405 15.000 ? 10   'X-RAY DIFFRACTION' ? 
r_chiral_restr               0.064  0.200  ? 123  'X-RAY DIFFRACTION' ? 
r_gen_planes_refined         0.004  0.020  ? 776  'X-RAY DIFFRACTION' ? 
r_gen_planes_other           0.001  0.020  ? 138  'X-RAY DIFFRACTION' ? 
r_nbd_refined                0.199  0.200  ? 196  'X-RAY DIFFRACTION' ? 
r_nbd_other                  0.148  0.200  ? 760  'X-RAY DIFFRACTION' ? 
r_nbtor_refined              0.168  0.200  ? 359  'X-RAY DIFFRACTION' ? 
r_nbtor_other                0.081  0.200  ? 473  'X-RAY DIFFRACTION' ? 
r_xyhbond_nbd_refined        0.137  0.200  ? 24   'X-RAY DIFFRACTION' ? 
r_xyhbond_nbd_other          ?      ?      ? ?    'X-RAY DIFFRACTION' ? 
r_metal_ion_refined          ?      ?      ? ?    'X-RAY DIFFRACTION' ? 
r_metal_ion_other            ?      ?      ? ?    'X-RAY DIFFRACTION' ? 
r_symmetry_vdw_refined       0.159  0.200  ? 24   'X-RAY DIFFRACTION' ? 
r_symmetry_vdw_other         0.232  0.200  ? 72   'X-RAY DIFFRACTION' ? 
r_symmetry_hbond_refined     0.208  0.200  ? 16   'X-RAY DIFFRACTION' ? 
r_symmetry_hbond_other       ?      ?      ? ?    'X-RAY DIFFRACTION' ? 
r_symmetry_metal_ion_refined ?      ?      ? ?    'X-RAY DIFFRACTION' ? 
r_symmetry_metal_ion_other   ?      ?      ? ?    'X-RAY DIFFRACTION' ? 
r_mcbond_it                  0.987  1.500  ? 468  'X-RAY DIFFRACTION' ? 
r_mcbond_other               0.239  1.500  ? 180  'X-RAY DIFFRACTION' ? 
r_mcangle_it                 1.446  2.000  ? 722  'X-RAY DIFFRACTION' ? 
r_scbond_it                  2.278  3.000  ? 300  'X-RAY DIFFRACTION' ? 
r_scangle_it                 3.459  4.500  ? 259  'X-RAY DIFFRACTION' ? 
r_rigid_bond_restr           ?      ?      ? ?    'X-RAY DIFFRACTION' ? 
r_sphericity_free            ?      ?      ? ?    'X-RAY DIFFRACTION' ? 
r_sphericity_bonded          ?      ?      ? ?    'X-RAY DIFFRACTION' ? 
# 
_refine_ls_shell.pdbx_total_number_of_bins_used   20 
_refine_ls_shell.d_res_high                       1.670 
_refine_ls_shell.d_res_low                        1.713 
_refine_ls_shell.number_reflns_R_work             812 
_refine_ls_shell.R_factor_R_work                  0.181 
_refine_ls_shell.percent_reflns_obs               90.99 
_refine_ls_shell.R_factor_R_free                  0.22 
_refine_ls_shell.R_factor_R_free_error            ? 
_refine_ls_shell.percent_reflns_R_free            ? 
_refine_ls_shell.number_reflns_R_free             46 
_refine_ls_shell.number_reflns_all                ? 
_refine_ls_shell.R_factor_all                     ? 
_refine_ls_shell.number_reflns_obs                ? 
_refine_ls_shell.redundancy_reflns_obs            ? 
_refine_ls_shell.pdbx_refine_id                   'X-RAY DIFFRACTION' 
# 
_struct.entry_id                  2O1K 
_struct.title                     'Structure of the extended diarrhea-inducing domain of rotavirus enterotoxigenic protein NSP4' 
_struct.pdbx_model_details        ? 
_struct.pdbx_CASP_flag            ? 
_struct.pdbx_model_type_details   ? 
# 
_struct_keywords.entry_id        2O1K 
_struct_keywords.pdbx_keywords   'VIRAL PROTEIN' 
_struct_keywords.text            
'Rotavirus Enterotoxin, Nonstructural protein, NSP4, Tetrameric coiled-coil, virulence, VIRAL PROTEIN' 
# 
loop_
_struct_asym.id 
_struct_asym.pdbx_blank_PDB_chainid_flag 
_struct_asym.pdbx_modified 
_struct_asym.entity_id 
_struct_asym.details 
A N N 1 ? 
B N N 1 ? 
C N N 2 ? 
D N N 3 ? 
E N N 3 ? 
# 
_struct_biol.id   1 
# 
loop_
_struct_conf.conf_type_id 
_struct_conf.id 
_struct_conf.pdbx_PDB_helix_id 
_struct_conf.beg_label_comp_id 
_struct_conf.beg_label_asym_id 
_struct_conf.beg_label_seq_id 
_struct_conf.pdbx_beg_PDB_ins_code 
_struct_conf.end_label_comp_id 
_struct_conf.end_label_asym_id 
_struct_conf.end_label_seq_id 
_struct_conf.pdbx_end_PDB_ins_code 
_struct_conf.beg_auth_comp_id 
_struct_conf.beg_auth_asym_id 
_struct_conf.beg_auth_seq_id 
_struct_conf.end_auth_comp_id 
_struct_conf.end_auth_asym_id 
_struct_conf.end_auth_seq_id 
_struct_conf.pdbx_PDB_helix_class 
_struct_conf.details 
_struct_conf.pdbx_PDB_helix_length 
HELX_P HELX_P1 1 ILE A 1 ? GLN A 43 ? ILE A 95 GLN A 137 1 ? 43 
HELX_P HELX_P2 2 ILE B 1 ? GLN B 43 ? ILE B 95 GLN B 137 1 ? 43 
# 
_struct_conf_type.id          HELX_P 
_struct_conf_type.criteria    ? 
_struct_conf_type.reference   ? 
# 
loop_
_struct_conn.id 
_struct_conn.conn_type_id 
_struct_conn.pdbx_leaving_atom_flag 
_struct_conn.pdbx_PDB_id 
_struct_conn.ptnr1_label_asym_id 
_struct_conn.ptnr1_label_comp_id 
_struct_conn.ptnr1_label_seq_id 
_struct_conn.ptnr1_label_atom_id 
_struct_conn.pdbx_ptnr1_label_alt_id 
_struct_conn.pdbx_ptnr1_PDB_ins_code 
_struct_conn.pdbx_ptnr1_standard_comp_id 
_struct_conn.ptnr1_symmetry 
_struct_conn.ptnr2_label_asym_id 
_struct_conn.ptnr2_label_comp_id 
_struct_conn.ptnr2_label_seq_id 
_struct_conn.ptnr2_label_atom_id 
_struct_conn.pdbx_ptnr2_label_alt_id 
_struct_conn.pdbx_ptnr2_PDB_ins_code 
_struct_conn.ptnr1_auth_asym_id 
_struct_conn.ptnr1_auth_comp_id 
_struct_conn.ptnr1_auth_seq_id 
_struct_conn.ptnr2_auth_asym_id 
_struct_conn.ptnr2_auth_comp_id 
_struct_conn.ptnr2_auth_seq_id 
_struct_conn.ptnr2_symmetry 
_struct_conn.pdbx_ptnr3_label_atom_id 
_struct_conn.pdbx_ptnr3_label_seq_id 
_struct_conn.pdbx_ptnr3_label_comp_id 
_struct_conn.pdbx_ptnr3_label_asym_id 
_struct_conn.pdbx_ptnr3_label_alt_id 
_struct_conn.pdbx_ptnr3_PDB_ins_code 
_struct_conn.details 
_struct_conn.pdbx_dist_value 
_struct_conn.pdbx_value_order 
_struct_conn.pdbx_role 
metalc1 metalc ? ? A GLN 29 OE1 ? ? ? 1_555 C CA . CA ? ? A GLN 123 B CA 501 1_555 ? ? ? ? ? ? ? 2.973 ? ? 
metalc2 metalc ? ? A GLN 29 OE1 ? ? ? 2_665 C CA . CA ? ? A GLN 123 B CA 501 1_555 ? ? ? ? ? ? ? 2.978 ? ? 
metalc3 metalc ? ? B GLU 26 OE1 ? ? ? 1_555 C CA . CA ? ? B GLU 120 B CA 501 1_555 ? ? ? ? ? ? ? 3.151 ? ? 
metalc4 metalc ? ? B GLU 26 OE2 ? ? ? 1_555 C CA . CA ? ? B GLU 120 B CA 501 1_555 ? ? ? ? ? ? ? 3.248 ? ? 
metalc5 metalc ? ? B GLU 26 OE2 ? ? ? 2_665 C CA . CA ? ? B GLU 120 B CA 501 1_555 ? ? ? ? ? ? ? 3.223 ? ? 
metalc6 metalc ? ? B GLU 26 OE1 ? ? ? 2_665 C CA . CA ? ? B GLU 120 B CA 501 1_555 ? ? ? ? ? ? ? 3.132 ? ? 
metalc7 metalc ? ? B GLN 29 OE1 ? ? ? 1_555 C CA . CA ? ? B GLN 123 B CA 501 1_555 ? ? ? ? ? ? ? 2.828 ? ? 
metalc8 metalc ? ? B GLN 29 OE1 ? ? ? 2_665 C CA . CA ? ? B GLN 123 B CA 501 1_555 ? ? ? ? ? ? ? 2.794 ? ? 
# 
_struct_conn_type.id          metalc 
_struct_conn_type.criteria    ? 
_struct_conn_type.reference   ? 
# 
_struct_site.id                   AC1 
_struct_site.pdbx_evidence_code   Software 
_struct_site.pdbx_auth_asym_id    B 
_struct_site.pdbx_auth_comp_id    CA 
_struct_site.pdbx_auth_seq_id     501 
_struct_site.pdbx_auth_ins_code   ? 
_struct_site.pdbx_num_residues    6 
_struct_site.details              'BINDING SITE FOR RESIDUE CA B 501' 
# 
loop_
_struct_site_gen.id 
_struct_site_gen.site_id 
_struct_site_gen.pdbx_num_res 
_struct_site_gen.label_comp_id 
_struct_site_gen.label_asym_id 
_struct_site_gen.label_seq_id 
_struct_site_gen.pdbx_auth_ins_code 
_struct_site_gen.auth_comp_id 
_struct_site_gen.auth_asym_id 
_struct_site_gen.auth_seq_id 
_struct_site_gen.label_atom_id 
_struct_site_gen.label_alt_id 
_struct_site_gen.symmetry 
_struct_site_gen.details 
1 AC1 6 GLN A 29 ? GLN A 123 . ? 2_665 ? 
2 AC1 6 GLN A 29 ? GLN A 123 . ? 1_555 ? 
3 AC1 6 GLU B 26 ? GLU B 120 . ? 2_665 ? 
4 AC1 6 GLU B 26 ? GLU B 120 . ? 1_555 ? 
5 AC1 6 GLN B 29 ? GLN B 123 . ? 1_555 ? 
6 AC1 6 GLN B 29 ? GLN B 123 . ? 2_665 ? 
# 
_atom_sites.entry_id                    2O1K 
_atom_sites.fract_transf_matrix[1][1]   0.01356785 
_atom_sites.fract_transf_matrix[1][2]   0.02949276 
_atom_sites.fract_transf_matrix[1][3]   0.00277081 
_atom_sites.fract_transf_matrix[2][1]   0.00915288 
_atom_sites.fract_transf_matrix[2][2]   -0.00190585 
_atom_sites.fract_transf_matrix[2][3]   -0.02453294 
_atom_sites.fract_transf_matrix[3][1]   -0.00460477 
_atom_sites.fract_transf_matrix[3][2]   0.00229654 
_atom_sites.fract_transf_matrix[3][3]   -0.00189638 
_atom_sites.fract_transf_vector[1]      0.593685 
_atom_sites.fract_transf_vector[2]      0.407926 
_atom_sites.fract_transf_vector[3]      0.689472 
# 
loop_
_atom_type.symbol 
C  
CA 
N  
O  
S  
# 
loop_
_atom_site.group_PDB 
_atom_site.id 
_atom_site.type_symbol 
_atom_site.label_atom_id 
_atom_site.label_alt_id 
_atom_site.label_comp_id 
_atom_site.label_asym_id 
_atom_site.label_entity_id 
_atom_site.label_seq_id 
_atom_site.pdbx_PDB_ins_code 
_atom_site.Cartn_x 
_atom_site.Cartn_y 
_atom_site.Cartn_z 
_atom_site.occupancy 
_atom_site.B_iso_or_equiv 
_atom_site.pdbx_formal_charge 
_atom_site.auth_seq_id 
_atom_site.auth_comp_id 
_atom_site.auth_asym_id 
_atom_site.auth_atom_id 
_atom_site.pdbx_PDB_model_num 
ATOM   1   N  N   . ILE A 1 1  ? 28.094  -10.523 10.581  1.00 36.18 ? 95  ILE A N   1 
ATOM   2   C  CA  . ILE A 1 1  ? 26.901  -11.079 9.868   1.00 36.12 ? 95  ILE A CA  1 
ATOM   3   C  C   . ILE A 1 1  ? 25.669  -11.194 10.768  1.00 36.04 ? 95  ILE A C   1 
ATOM   4   O  O   . ILE A 1 1  ? 24.542  -11.078 10.288  1.00 35.90 ? 95  ILE A O   1 
ATOM   5   C  CB  . ILE A 1 1  ? 27.194  -12.452 9.198   1.00 36.17 ? 95  ILE A CB  1 
ATOM   6   C  CG1 . ILE A 1 1  ? 27.581  -13.523 10.224  1.00 36.13 ? 95  ILE A CG1 1 
ATOM   7   C  CG2 . ILE A 1 1  ? 28.281  -12.303 8.140   1.00 36.42 ? 95  ILE A CG2 1 
ATOM   8   C  CD1 . ILE A 1 1  ? 27.549  -14.925 9.663   1.00 36.24 ? 95  ILE A CD1 1 
ATOM   9   N  N   . GLU A 1 2  ? 25.884  -11.423 12.063  1.00 35.88 ? 96  GLU A N   1 
ATOM   10  C  CA  . GLU A 1 2  ? 24.791  -11.413 13.040  1.00 35.85 ? 96  GLU A CA  1 
ATOM   11  C  C   . GLU A 1 2  ? 24.147  -10.021 13.128  1.00 35.49 ? 96  GLU A C   1 
ATOM   12  O  O   . GLU A 1 2  ? 22.929  -9.902  13.293  1.00 35.15 ? 96  GLU A O   1 
ATOM   13  C  CB  . GLU A 1 2  ? 25.292  -11.866 14.416  1.00 35.95 ? 96  GLU A CB  1 
ATOM   14  C  CG  . GLU A 1 2  ? 25.645  -13.354 14.486  1.00 36.19 ? 96  GLU A CG  1 
ATOM   15  C  CD  . GLU A 1 2  ? 26.557  -13.696 15.652  1.00 36.59 ? 96  GLU A CD  1 
ATOM   16  O  OE1 . GLU A 1 2  ? 27.603  -14.352 15.429  1.00 36.43 ? 96  GLU A OE1 1 
ATOM   17  O  OE2 . GLU A 1 2  ? 26.231  -13.307 16.797  1.00 38.35 ? 96  GLU A OE2 1 
ATOM   18  N  N   . LYS A 1 3  ? 24.970  -8.979  13.009  1.00 35.07 ? 97  LYS A N   1 
ATOM   19  C  CA  . LYS A 1 3  ? 24.487  -7.598  12.972  1.00 34.82 ? 97  LYS A CA  1 
ATOM   20  C  C   . LYS A 1 3  ? 23.666  -7.319  11.712  1.00 34.48 ? 97  LYS A C   1 
ATOM   21  O  O   . LYS A 1 3  ? 22.624  -6.661  11.771  1.00 34.50 ? 97  LYS A O   1 
ATOM   22  C  CB  . LYS A 1 3  ? 25.657  -6.626  13.059  1.00 34.86 ? 97  LYS A CB  1 
ATOM   23  N  N   . GLN A 1 4  ? 24.148  -7.813  10.574  1.00 34.02 ? 98  GLN A N   1 
ATOM   24  C  CA  . GLN A 1 4  ? 23.453  -7.634  9.300   1.00 33.74 ? 98  GLN A CA  1 
ATOM   25  C  C   . GLN A 1 4  ? 22.197  -8.499  9.216   1.00 33.26 ? 98  GLN A C   1 
ATOM   26  O  O   . GLN A 1 4  ? 21.238  -8.135  8.530   1.00 33.08 ? 98  GLN A O   1 
ATOM   27  C  CB  . GLN A 1 4  ? 24.382  -7.945  8.130   1.00 33.75 ? 98  GLN A CB  1 
ATOM   28  C  CG  . GLN A 1 4  ? 25.514  -6.946  7.961   1.00 34.05 ? 98  GLN A CG  1 
ATOM   29  C  CD  . GLN A 1 4  ? 26.568  -7.425  6.987   1.00 34.24 ? 98  GLN A CD  1 
ATOM   30  O  OE1 . GLN A 1 4  ? 27.144  -8.501  7.160   1.00 35.04 ? 98  GLN A OE1 1 
ATOM   31  N  NE2 . GLN A 1 4  ? 26.835  -6.625  5.961   1.00 35.16 ? 98  GLN A NE2 1 
ATOM   32  N  N   . MET A 1 5  ? 22.208  -9.642  9.901   1.00 32.72 ? 99  MET A N   1 
ATOM   33  C  CA  . MET A 1 5  ? 20.998  -10.459 10.043  1.00 32.25 ? 99  MET A CA  1 
ATOM   34  C  C   . MET A 1 5  ? 19.905  -9.675  10.763  1.00 31.66 ? 99  MET A C   1 
ATOM   35  O  O   . MET A 1 5  ? 18.739  -9.711  10.356  1.00 31.02 ? 99  MET A O   1 
ATOM   36  C  CB  . MET A 1 5  ? 21.288  -11.754 10.811  1.00 32.55 ? 99  MET A CB  1 
ATOM   37  C  CG  . MET A 1 5  ? 21.789  -12.917 9.959   1.00 33.24 ? 99  MET A CG  1 
ATOM   38  S  SD  . MET A 1 5  ? 20.629  -13.519 8.706   1.00 35.01 ? 99  MET A SD  1 
ATOM   39  C  CE  . MET A 1 5  ? 19.043  -13.415 9.540   1.00 35.01 ? 99  MET A CE  1 
ATOM   40  N  N   . ASP A 1 6  ? 20.285  -8.968  11.828  1.00 30.87 ? 100 ASP A N   1 
ATOM   41  C  CA  . ASP A 1 6  ? 19.342  -8.129  12.571  1.00 30.63 ? 100 ASP A CA  1 
ATOM   42  C  C   . ASP A 1 6  ? 18.775  -7.001  11.709  1.00 29.95 ? 100 ASP A C   1 
ATOM   43  O  O   . ASP A 1 6  ? 17.600  -6.661  11.842  1.00 30.03 ? 100 ASP A O   1 
ATOM   44  C  CB  . ASP A 1 6  ? 19.990  -7.535  13.824  1.00 30.71 ? 100 ASP A CB  1 
ATOM   45  C  CG  . ASP A 1 6  ? 20.291  -8.581  14.889  1.00 31.58 ? 100 ASP A CG  1 
ATOM   46  O  OD1 . ASP A 1 6  ? 21.218  -8.352  15.693  1.00 32.12 ? 100 ASP A OD1 1 
ATOM   47  O  OD2 . ASP A 1 6  ? 19.603  -9.625  14.928  1.00 33.16 ? 100 ASP A OD2 1 
ATOM   48  N  N   . ARG A 1 7  ? 19.602  -6.425  10.836  1.00 29.09 ? 101 ARG A N   1 
ATOM   49  C  CA  . ARG A 1 7  ? 19.134  -5.399  9.896   1.00 28.94 ? 101 ARG A CA  1 
ATOM   50  C  C   . ARG A 1 7  ? 18.108  -5.968  8.923   1.00 28.04 ? 101 ARG A C   1 
ATOM   51  O  O   . ARG A 1 7  ? 17.103  -5.317  8.640   1.00 27.86 ? 101 ARG A O   1 
ATOM   52  C  CB  . ARG A 1 7  ? 20.295  -4.788  9.108   1.00 28.85 ? 101 ARG A CB  1 
ATOM   53  C  CG  . ARG A 1 7  ? 21.187  -3.880  9.931   1.00 29.59 ? 101 ARG A CG  1 
ATOM   54  C  CD  . ARG A 1 7  ? 22.421  -3.446  9.151   1.00 30.15 ? 101 ARG A CD  1 
ATOM   55  N  NE  . ARG A 1 7  ? 23.508  -3.050  10.047  1.00 31.68 ? 101 ARG A NE  1 
ATOM   56  C  CZ  . ARG A 1 7  ? 24.770  -2.839  9.672   1.00 32.39 ? 101 ARG A CZ  1 
ATOM   57  N  NH1 . ARG A 1 7  ? 25.138  -2.977  8.400   1.00 33.60 ? 101 ARG A NH1 1 
ATOM   58  N  NH2 . ARG A 1 7  ? 25.677  -2.486  10.578  1.00 32.59 ? 101 ARG A NH2 1 
ATOM   59  N  N   . VAL A 1 8  ? 18.358  -7.175  8.417   1.00 27.20 ? 102 VAL A N   1 
ATOM   60  C  CA  . VAL A 1 8  ? 17.447  -7.829  7.463   1.00 27.06 ? 102 VAL A CA  1 
ATOM   61  C  C   . VAL A 1 8  ? 16.076  -8.095  8.089   1.00 26.77 ? 102 VAL A C   1 
ATOM   62  O  O   . VAL A 1 8  ? 15.033  -7.819  7.476   1.00 26.29 ? 102 VAL A O   1 
ATOM   63  C  CB  . VAL A 1 8  ? 18.031  -9.168  6.940   1.00 27.05 ? 102 VAL A CB  1 
ATOM   64  C  CG1 . VAL A 1 8  ? 16.977  -9.957  6.143   1.00 27.11 ? 102 VAL A CG1 1 
ATOM   65  C  CG2 . VAL A 1 8  ? 19.278  -8.921  6.089   1.00 27.02 ? 102 VAL A CG2 1 
ATOM   66  N  N   . VAL A 1 9  ? 16.093  -8.634  9.305   1.00 26.60 ? 103 VAL A N   1 
ATOM   67  C  CA  . VAL A 1 9  ? 14.868  -8.968  10.034  1.00 26.77 ? 103 VAL A CA  1 
ATOM   68  C  C   . VAL A 1 9  ? 14.040  -7.707  10.299  1.00 26.67 ? 103 VAL A C   1 
ATOM   69  O  O   . VAL A 1 9  ? 12.814  -7.717  10.147  1.00 26.54 ? 103 VAL A O   1 
ATOM   70  C  CB  . VAL A 1 9  ? 15.177  -9.677  11.379  1.00 26.98 ? 103 VAL A CB  1 
ATOM   71  C  CG1 . VAL A 1 9  ? 13.888  -9.941  12.159  1.00 27.30 ? 103 VAL A CG1 1 
ATOM   72  C  CG2 . VAL A 1 9  ? 15.941  -10.984 11.148  1.00 27.01 ? 103 VAL A CG2 1 
ATOM   73  N  N   . LYS A 1 10 ? 14.721  -6.627  10.677  1.00 26.41 ? 104 LYS A N   1 
ATOM   74  C  CA  . LYS A 1 10 ? 14.068  -5.341  10.936  1.00 26.32 ? 104 LYS A CA  1 
ATOM   75  C  C   . LYS A 1 10 ? 13.339  -4.831  9.696   1.00 26.13 ? 104 LYS A C   1 
ATOM   76  O  O   . LYS A 1 10 ? 12.183  -4.403  9.780   1.00 26.26 ? 104 LYS A O   1 
ATOM   77  C  CB  . LYS A 1 10 ? 15.089  -4.312  11.408  1.00 26.69 ? 104 LYS A CB  1 
ATOM   78  N  N   . GLU A 1 11 ? 14.012  -4.878  8.549   1.00 25.62 ? 105 GLU A N   1 
ATOM   79  C  CA  . GLU A 1 11 ? 13.409  -4.403  7.303   1.00 25.31 ? 105 GLU A CA  1 
ATOM   80  C  C   . GLU A 1 11 ? 12.228  -5.277  6.912   1.00 25.41 ? 105 GLU A C   1 
ATOM   81  O  O   . GLU A 1 11 ? 11.228  -4.766  6.405   1.00 24.79 ? 105 GLU A O   1 
ATOM   82  C  CB  . GLU A 1 11 ? 14.424  -4.354  6.152   1.00 25.27 ? 105 GLU A CB  1 
ATOM   83  C  CG  . GLU A 1 11 ? 15.636  -3.446  6.382   1.00 25.46 ? 105 GLU A CG  1 
ATOM   84  C  CD  . GLU A 1 11 ? 15.283  -1.998  6.708   1.00 25.79 ? 105 GLU A CD  1 
ATOM   85  O  OE1 . GLU A 1 11 ? 16.147  -1.298  7.273   1.00 26.18 ? 105 GLU A OE1 1 
ATOM   86  O  OE2 . GLU A 1 11 ? 14.157  -1.556  6.404   1.00 25.27 ? 105 GLU A OE2 1 
ATOM   87  N  N   . MET A 1 12 ? 12.328  -6.582  7.145   1.00 25.23 ? 106 MET A N   1 
ATOM   88  C  CA  . MET A 1 12 ? 11.230  -7.493  6.782   1.00 26.34 ? 106 MET A CA  1 
ATOM   89  C  C   . MET A 1 12 ? 9.980   -7.283  7.623   1.00 25.70 ? 106 MET A C   1 
ATOM   90  O  O   . MET A 1 12 ? 8.852   -7.427  7.120   1.00 24.80 ? 106 MET A O   1 
ATOM   91  C  CB  . MET A 1 12 ? 11.670  -8.943  6.891   1.00 26.49 ? 106 MET A CB  1 
ATOM   92  C  CG  . MET A 1 12 ? 12.576  -9.343  5.770   1.00 27.56 ? 106 MET A CG  1 
ATOM   93  S  SD  . MET A 1 12 ? 13.258  -10.973 6.019   1.00 30.14 ? 106 MET A SD  1 
ATOM   94  C  CE  . MET A 1 12 ? 11.799  -11.972 5.912   1.00 29.61 ? 106 MET A CE  1 
ATOM   95  N  N   . ARG A 1 13 ? 10.167  -6.954  8.898   1.00 25.42 ? 107 ARG A N   1 
ATOM   96  C  CA  . ARG A 1 13 ? 9.030   -6.631  9.759   1.00 25.29 ? 107 ARG A CA  1 
ATOM   97  C  C   . ARG A 1 13 ? 8.348   -5.350  9.275   1.00 25.31 ? 107 ARG A C   1 
ATOM   98  O  O   . ARG A 1 13 ? 7.121   -5.283  9.238   1.00 25.47 ? 107 ARG A O   1 
ATOM   99  C  CB  . ARG A 1 13 ? 9.454   -6.510  11.219  1.00 25.48 ? 107 ARG A CB  1 
ATOM   100 N  N   . ARG A 1 14 ? 9.135   -4.353  8.872   1.00 24.98 ? 108 ARG A N   1 
ATOM   101 C  CA  . ARG A 1 14 ? 8.589   -3.105  8.319   1.00 25.07 ? 108 ARG A CA  1 
ATOM   102 C  C   . ARG A 1 14 ? 7.798   -3.379  7.046   1.00 24.30 ? 108 ARG A C   1 
ATOM   103 O  O   . ARG A 1 14 ? 6.733   -2.805  6.851   1.00 23.52 ? 108 ARG A O   1 
ATOM   104 C  CB  . ARG A 1 14 ? 9.694   -2.092  8.006   1.00 25.53 ? 108 ARG A CB  1 
ATOM   105 C  CG  . ARG A 1 14 ? 10.434  -1.581  9.236   1.00 26.65 ? 108 ARG A CG  1 
ATOM   106 C  CD  . ARG A 1 14 ? 11.692  -0.782  8.868   1.00 27.99 ? 108 ARG A CD  1 
ATOM   107 N  NE  . ARG A 1 14 ? 12.766  -0.979  9.840   1.00 31.11 ? 108 ARG A NE  1 
ATOM   108 C  CZ  . ARG A 1 14 ? 13.944  -0.353  9.818   1.00 32.09 ? 108 ARG A CZ  1 
ATOM   109 N  NH1 . ARG A 1 14 ? 14.227  0.544   8.876   1.00 33.87 ? 108 ARG A NH1 1 
ATOM   110 N  NH2 . ARG A 1 14 ? 14.848  -0.625  10.753  1.00 32.87 ? 108 ARG A NH2 1 
ATOM   111 N  N   . GLN A 1 15 ? 8.333   -4.236  6.181   1.00 22.97 ? 109 GLN A N   1 
ATOM   112 C  CA  . GLN A 1 15 ? 7.665   -4.577  4.921   1.00 23.43 ? 109 GLN A CA  1 
ATOM   113 C  C   . GLN A 1 15 ? 6.321   -5.243  5.179   1.00 22.01 ? 109 GLN A C   1 
ATOM   114 O  O   . GLN A 1 15 ? 5.313   -4.926  4.517   1.00 21.49 ? 109 GLN A O   1 
ATOM   115 C  CB  . GLN A 1 15 ? 8.550   -5.507  4.089   1.00 23.52 ? 109 GLN A CB  1 
ATOM   116 C  CG  . GLN A 1 15 ? 8.013   -5.886  2.721   1.00 25.36 ? 109 GLN A CG  1 
ATOM   117 C  CD  . GLN A 1 15 ? 8.881   -6.954  2.038   1.00 26.63 ? 109 GLN A CD  1 
ATOM   118 O  OE1 . GLN A 1 15 ? 8.368   -7.954  1.516   1.00 31.25 ? 109 GLN A OE1 1 
ATOM   119 N  NE2 . GLN A 1 15 ? 10.196  -6.763  2.074   1.00 28.67 ? 109 GLN A NE2 1 
ATOM   120 N  N   . LEU A 1 16 ? 6.296   -6.166  6.133   1.00 21.12 ? 110 LEU A N   1 
ATOM   121 C  CA  . LEU A 1 16 ? 5.065   -6.891  6.470   1.00 21.28 ? 110 LEU A CA  1 
ATOM   122 C  C   . LEU A 1 16 ? 3.956   -5.935  6.872   1.00 20.27 ? 110 LEU A C   1 
ATOM   123 O  O   . LEU A 1 16 ? 2.814   -6.065  6.405   1.00 20.69 ? 110 LEU A O   1 
ATOM   124 C  CB  . LEU A 1 16 ? 5.321   -7.882  7.606   1.00 21.45 ? 110 LEU A CB  1 
ATOM   125 C  CG  . LEU A 1 16 ? 4.144   -8.772  8.007   1.00 23.13 ? 110 LEU A CG  1 
ATOM   126 C  CD1 . LEU A 1 16 ? 3.605   -9.539  6.801   1.00 24.33 ? 110 LEU A CD1 1 
ATOM   127 C  CD2 . LEU A 1 16 ? 4.551   -9.733  9.126   1.00 23.19 ? 110 LEU A CD2 1 
ATOM   128 N  N   . GLU A 1 17 ? 4.305   -4.978  7.728   1.00 19.75 ? 111 GLU A N   1 
ATOM   129 C  CA  . GLU A 1 17 ? 3.371   -3.965  8.194   1.00 19.82 ? 111 GLU A CA  1 
ATOM   130 C  C   . GLU A 1 17 ? 2.850   -3.124  7.043   1.00 18.72 ? 111 GLU A C   1 
ATOM   131 O  O   . GLU A 1 17 ? 1.650   -2.820  6.989   1.00 18.91 ? 111 GLU A O   1 
ATOM   132 C  CB  . GLU A 1 17 ? 4.014   -3.056  9.234   1.00 20.47 ? 111 GLU A CB  1 
ATOM   133 C  CG  . GLU A 1 17 ? 4.368   -3.774  10.510  1.00 24.45 ? 111 GLU A CG  1 
ATOM   134 C  CD  . GLU A 1 17 ? 5.066   -2.878  11.502  1.00 29.12 ? 111 GLU A CD  1 
ATOM   135 O  OE1 . GLU A 1 17 ? 5.957   -2.098  11.083  1.00 32.46 ? 111 GLU A OE1 1 
ATOM   136 O  OE2 . GLU A 1 17 ? 4.731   -2.959  12.705  1.00 34.25 ? 111 GLU A OE2 1 
ATOM   137 N  N   . MET A 1 18 ? 3.730   -2.749  6.120   1.00 17.81 ? 112 MET A N   1 
ATOM   138 C  CA  A MET A 1 18 ? 3.287   -1.946  4.984   0.50 18.57 ? 112 MET A CA  1 
ATOM   139 C  CA  B MET A 1 18 ? 3.325   -1.960  4.946   0.50 18.21 ? 112 MET A CA  1 
ATOM   140 C  C   . MET A 1 18 ? 2.405   -2.750  4.026   1.00 17.85 ? 112 MET A C   1 
ATOM   141 O  O   . MET A 1 18 ? 1.404   -2.226  3.506   1.00 16.40 ? 112 MET A O   1 
ATOM   142 C  CB  A MET A 1 18 ? 4.491   -1.331  4.275   0.50 18.60 ? 112 MET A CB  1 
ATOM   143 C  CB  B MET A 1 18 ? 4.556   -1.509  4.149   0.50 18.86 ? 112 MET A CB  1 
ATOM   144 C  CG  A MET A 1 18 ? 5.246   -0.405  5.178   0.50 19.94 ? 112 MET A CG  1 
ATOM   145 C  CG  B MET A 1 18 ? 5.434   -0.520  4.861   0.50 20.99 ? 112 MET A CG  1 
ATOM   146 S  SD  A MET A 1 18 ? 6.703   0.272   4.393   0.50 22.17 ? 112 MET A SD  1 
ATOM   147 S  SD  B MET A 1 18 ? 4.651   1.056   5.272   0.50 25.83 ? 112 MET A SD  1 
ATOM   148 C  CE  A MET A 1 18 ? 5.926   1.518   3.390   0.50 20.55 ? 112 MET A CE  1 
ATOM   149 C  CE  B MET A 1 18 ? 4.276   1.749   3.653   0.50 25.35 ? 112 MET A CE  1 
ATOM   150 N  N   . ILE A 1 19 ? 2.750   -4.011  3.787   1.00 16.56 ? 113 ILE A N   1 
ATOM   151 C  CA  . ILE A 1 19 ? 1.921   -4.848  2.903   1.00 17.96 ? 113 ILE A CA  1 
ATOM   152 C  C   . ILE A 1 19 ? 0.559   -5.081  3.552   1.00 17.37 ? 113 ILE A C   1 
ATOM   153 O  O   . ILE A 1 19 ? -0.489  -5.068  2.880   1.00 16.40 ? 113 ILE A O   1 
ATOM   154 C  CB  . ILE A 1 19 ? 2.612   -6.190  2.555   1.00 18.82 ? 113 ILE A CB  1 
ATOM   155 C  CG1 . ILE A 1 19 ? 3.895   -5.913  1.763   1.00 19.51 ? 113 ILE A CG1 1 
ATOM   156 C  CG2 . ILE A 1 19 ? 1.675   -7.087  1.754   1.00 19.93 ? 113 ILE A CG2 1 
ATOM   157 C  CD1 . ILE A 1 19 ? 4.867   -7.087  1.705   1.00 20.69 ? 113 ILE A CD1 1 
ATOM   158 N  N   . ASP A 1 20 ? 0.551   -5.288  4.867   1.00 17.04 ? 114 ASP A N   1 
ATOM   159 C  CA  . ASP A 1 20 ? -0.695  -5.495  5.569   1.00 17.75 ? 114 ASP A CA  1 
ATOM   160 C  C   . ASP A 1 20 ? -1.596  -4.284  5.385   1.00 17.65 ? 114 ASP A C   1 
ATOM   161 O  O   . ASP A 1 20 ? -2.804  -4.452  5.099   1.00 17.90 ? 114 ASP A O   1 
ATOM   162 C  CB  . ASP A 1 20 ? -0.443  -5.778  7.051   1.00 18.50 ? 114 ASP A CB  1 
ATOM   163 C  CG  . ASP A 1 20 ? -1.688  -6.163  7.777   1.00 21.39 ? 114 ASP A CG  1 
ATOM   164 O  OD1 . ASP A 1 20 ? -2.000  -5.494  8.772   1.00 25.71 ? 114 ASP A OD1 1 
ATOM   165 O  OD2 . ASP A 1 20 ? -2.370  -7.118  7.336   1.00 24.26 ? 114 ASP A OD2 1 
ATOM   166 N  N   . LYS A 1 21 ? -1.038  -3.076  5.511   1.00 17.56 ? 115 LYS A N   1 
ATOM   167 C  CA  . LYS A 1 21 ? -1.840  -1.859  5.332   1.00 18.25 ? 115 LYS A CA  1 
ATOM   168 C  C   . LYS A 1 21 ? -2.329  -1.700  3.881   1.00 16.39 ? 115 LYS A C   1 
ATOM   169 O  O   . LYS A 1 21 ? -3.440  -1.225  3.645   1.00 17.13 ? 115 LYS A O   1 
ATOM   170 C  CB  . LYS A 1 21 ? -1.130  -0.597  5.796   1.00 19.42 ? 115 LYS A CB  1 
ATOM   171 C  CG  . LYS A 1 21 ? -2.049  0.645   5.787   1.00 21.25 ? 115 LYS A CG  1 
ATOM   172 C  CD  . LYS A 1 21 ? -3.413  0.446   6.519   1.00 24.85 ? 115 LYS A CD  1 
ATOM   173 C  CE  . LYS A 1 21 ? -4.379  1.605   6.225   1.00 23.82 ? 115 LYS A CE  1 
ATOM   174 N  NZ  . LYS A 1 21 ? -5.731  1.146   5.778   1.00 27.97 ? 115 LYS A NZ  1 
ATOM   175 N  N   . LEU A 1 22 ? -1.520  -2.077  2.896   1.00 14.83 ? 116 LEU A N   1 
ATOM   176 C  CA  . LEU A 1 22 ? -1.999  -2.074  1.503   1.00 15.19 ? 116 LEU A CA  1 
ATOM   177 C  C   . LEU A 1 22 ? -3.229  -2.965  1.333   1.00 14.85 ? 116 LEU A C   1 
ATOM   178 O  O   . LEU A 1 22 ? -4.181  -2.620  0.633   1.00 14.98 ? 116 LEU A O   1 
ATOM   179 C  CB  . LEU A 1 22 ? -0.913  -2.534  0.545   1.00 15.39 ? 116 LEU A CB  1 
ATOM   180 C  CG  . LEU A 1 22 ? 0.208   -1.563  0.173   1.00 18.94 ? 116 LEU A CG  1 
ATOM   181 C  CD1 . LEU A 1 22 ? 1.328   -2.318  -0.581  1.00 20.50 ? 116 LEU A CD1 1 
ATOM   182 C  CD2 . LEU A 1 22 ? -0.321  -0.453  -0.674  1.00 20.61 ? 116 LEU A CD2 1 
ATOM   183 N  N   . THR A 1 23 ? -3.209  -4.121  1.986   1.00 13.57 ? 117 THR A N   1 
ATOM   184 C  CA  . THR A 1 23 ? -4.318  -5.056  1.874   1.00 14.91 ? 117 THR A CA  1 
ATOM   185 C  C   . THR A 1 23 ? -5.603  -4.498  2.514   1.00 14.55 ? 117 THR A C   1 
ATOM   186 O  O   . THR A 1 23 ? -6.700  -4.640  1.967   1.00 15.37 ? 117 THR A O   1 
ATOM   187 C  CB  . THR A 1 23 ? -3.926  -6.452  2.401   1.00 16.26 ? 117 THR A CB  1 
ATOM   188 O  OG1 . THR A 1 23 ? -2.706  -6.900  1.745   1.00 19.30 ? 117 THR A OG1 1 
ATOM   189 C  CG2 . THR A 1 23 ? -4.974  -7.427  2.119   1.00 18.66 ? 117 THR A CG2 1 
ATOM   190 N  N   . THR A 1 24 ? -5.498  -3.816  3.647   1.00 14.44 ? 118 THR A N   1 
ATOM   191 C  CA  . THR A 1 24 ? -6.714  -3.281  4.280   1.00 15.54 ? 118 THR A CA  1 
ATOM   192 C  C   . THR A 1 24 ? -7.261  -2.094  3.474   1.00 14.43 ? 118 THR A C   1 
ATOM   193 O  O   . THR A 1 24 ? -8.480  -1.899  3.375   1.00 15.57 ? 118 THR A O   1 
ATOM   194 C  CB  . THR A 1 24 ? -6.519  -2.963  5.768   1.00 17.21 ? 118 THR A CB  1 
ATOM   195 O  OG1 . THR A 1 24 ? -5.580  -1.931  5.907   1.00 20.55 ? 118 THR A OG1 1 
ATOM   196 C  CG2 . THR A 1 24 ? -5.994  -4.164  6.488   1.00 18.11 ? 118 THR A CG2 1 
ATOM   197 N  N   . ARG A 1 25 ? -6.386  -1.297  2.874   1.00 13.83 ? 119 ARG A N   1 
ATOM   198 C  CA  . ARG A 1 25 ? -6.844  -0.229  1.998   1.00 14.78 ? 119 ARG A CA  1 
ATOM   199 C  C   . ARG A 1 25 ? -7.501  -0.778  0.714   1.00 13.51 ? 119 ARG A C   1 
ATOM   200 O  O   . ARG A 1 25 ? -8.474  -0.200  0.184   1.00 13.08 ? 119 ARG A O   1 
ATOM   201 C  CB  . ARG A 1 25 ? -5.717  0.695   1.645   1.00 15.63 ? 119 ARG A CB  1 
ATOM   202 C  CG  . ARG A 1 25 ? -6.223  1.847   0.856   1.00 19.80 ? 119 ARG A CG  1 
ATOM   203 C  CD  . ARG A 1 25 ? -5.463  3.152   0.900   1.00 25.57 ? 119 ARG A CD  1 
ATOM   204 N  NE  . ARG A 1 25 ? -4.178  3.117   1.556   1.00 28.04 ? 119 ARG A NE  1 
ATOM   205 C  CZ  . ARG A 1 25 ? -3.997  3.327   2.855   1.00 29.52 ? 119 ARG A CZ  1 
ATOM   206 N  NH1 . ARG A 1 25 ? -2.773  3.273   3.360   1.00 27.92 ? 119 ARG A NH1 1 
ATOM   207 N  NH2 . ARG A 1 25 ? -5.041  3.587   3.644   1.00 27.74 ? 119 ARG A NH2 1 
ATOM   208 N  N   . GLU A 1 26 ? -7.011  -1.896  0.206   1.00 12.43 ? 120 GLU A N   1 
ATOM   209 C  CA  . GLU A 1 26 ? -7.643  -2.564  -0.953  1.00 12.48 ? 120 GLU A CA  1 
ATOM   210 C  C   . GLU A 1 26 ? -9.112  -2.894  -0.667  1.00 12.08 ? 120 GLU A C   1 
ATOM   211 O  O   . GLU A 1 26 ? -10.005 -2.706  -1.527  1.00 12.29 ? 120 GLU A O   1 
ATOM   212 C  CB  . GLU A 1 26 ? -6.878  -3.814  -1.368  1.00 12.70 ? 120 GLU A CB  1 
ATOM   213 C  CG  . GLU A 1 26 ? -7.311  -4.395  -2.674  1.00 11.73 ? 120 GLU A CG  1 
ATOM   214 C  CD  . GLU A 1 26 ? -8.652  -5.094  -2.676  1.00 14.61 ? 120 GLU A CD  1 
ATOM   215 O  OE1 . GLU A 1 26 ? -8.967  -5.871  -1.723  1.00 12.79 ? 120 GLU A OE1 1 
ATOM   216 O  OE2 . GLU A 1 26 ? -9.368  -4.941  -3.708  1.00 12.87 ? 120 GLU A OE2 1 
ATOM   217 N  N   . ILE A 1 27 ? -9.362  -3.363  0.538   1.00 11.82 ? 121 ILE A N   1 
ATOM   218 C  CA  . ILE A 1 27 ? -10.732 -3.687  0.960   1.00 10.92 ? 121 ILE A CA  1 
ATOM   219 C  C   . ILE A 1 27 ? -11.585 -2.438  0.903   1.00 10.77 ? 121 ILE A C   1 
ATOM   220 O  O   . ILE A 1 27 ? -12.710 -2.462  0.394   1.00 12.10 ? 121 ILE A O   1 
ATOM   221 C  CB  . ILE A 1 27 ? -10.763 -4.343  2.338   1.00 11.03 ? 121 ILE A CB  1 
ATOM   222 C  CG1 . ILE A 1 27 ? -10.076 -5.712  2.283   1.00 11.71 ? 121 ILE A CG1 1 
ATOM   223 C  CG2 . ILE A 1 27 ? -12.190 -4.480  2.818   1.00 12.36 ? 121 ILE A CG2 1 
ATOM   224 C  CD1 . ILE A 1 27 ? -9.748  -6.300  3.629   1.00 13.88 ? 121 ILE A CD1 1 
ATOM   225 N  N   . GLU A 1 28 ? -11.084 -1.347  1.474   1.00 11.28 ? 122 GLU A N   1 
ATOM   226 C  CA  . GLU A 1 28 ? -11.850 -0.092  1.474   1.00 13.18 ? 122 GLU A CA  1 
ATOM   227 C  C   . GLU A 1 28 ? -12.184 0.324   0.039   1.00 11.65 ? 122 GLU A C   1 
ATOM   228 O  O   . GLU A 1 28 ? -13.297 0.769   -0.251  1.00 11.79 ? 122 GLU A O   1 
ATOM   229 C  CB  . GLU A 1 28 ? -11.011 1.027   2.134   1.00 13.18 ? 122 GLU A CB  1 
ATOM   230 C  CG  . GLU A 1 28 ? -11.740 2.321   2.268   1.00 16.00 ? 122 GLU A CG  1 
ATOM   231 C  CD  . GLU A 1 28 ? -11.002 3.387   3.077   1.00 15.83 ? 122 GLU A CD  1 
ATOM   232 O  OE1 . GLU A 1 28 ? -9.765  3.245   3.301   1.00 17.37 ? 122 GLU A OE1 1 
ATOM   233 O  OE2 . GLU A 1 28 ? -11.700 4.372   3.394   1.00 23.22 ? 122 GLU A OE2 1 
ATOM   234 N  N   . GLN A 1 29 ? -11.190 0.246   -0.846  1.00 11.85 ? 123 GLN A N   1 
ATOM   235 C  CA  . GLN A 1 29 ? -11.327 0.648   -2.225  1.00 11.25 ? 123 GLN A CA  1 
ATOM   236 C  C   . GLN A 1 29 ? -12.367 -0.153  -2.962  1.00 10.15 ? 123 GLN A C   1 
ATOM   237 O  O   . GLN A 1 29 ? -13.270 0.421   -3.603  1.00 11.14 ? 123 GLN A O   1 
ATOM   238 C  CB  . GLN A 1 29 ? -9.993  0.517   -2.934  1.00 12.41 ? 123 GLN A CB  1 
ATOM   239 C  CG  . GLN A 1 29 ? -8.951  1.540   -2.496  1.00 10.09 ? 123 GLN A CG  1 
ATOM   240 C  CD  . GLN A 1 29 ? -7.560  1.146   -2.940  1.00 11.73 ? 123 GLN A CD  1 
ATOM   241 O  OE1 . GLN A 1 29 ? -7.313  -0.013  -3.355  1.00 14.80 ? 123 GLN A OE1 1 
ATOM   242 N  NE2 . GLN A 1 29 ? -6.637  2.096   -2.924  1.00 12.14 ? 123 GLN A NE2 1 
ATOM   243 N  N   . VAL A 1 30 ? -12.298 -1.481  -2.851  1.00 10.77 ? 124 VAL A N   1 
ATOM   244 C  CA  . VAL A 1 30 ? -13.210 -2.305  -3.684  1.00 11.19 ? 124 VAL A CA  1 
ATOM   245 C  C   . VAL A 1 30 ? -14.634 -2.125  -3.205  1.00 10.87 ? 124 VAL A C   1 
ATOM   246 O  O   . VAL A 1 30 ? -15.575 -2.144  -4.001  1.00 12.04 ? 124 VAL A O   1 
ATOM   247 C  CB  . VAL A 1 30 ? -12.764 -3.759  -3.819  1.00 11.65 ? 124 VAL A CB  1 
ATOM   248 C  CG1 . VAL A 1 30 ? -12.964 -4.521  -2.573  1.00 14.12 ? 124 VAL A CG1 1 
ATOM   249 C  CG2 . VAL A 1 30 ? -13.507 -4.425  -5.008  1.00 13.06 ? 124 VAL A CG2 1 
ATOM   250 N  N   . GLU A 1 31 ? -14.828 -1.960  -1.897  1.00 11.70 ? 125 GLU A N   1 
ATOM   251 C  CA  . GLU A 1 31 ? -16.207 -1.796  -1.424  1.00 11.52 ? 125 GLU A CA  1 
ATOM   252 C  C   . GLU A 1 31 ? -16.789 -0.433  -1.861  1.00 12.42 ? 125 GLU A C   1 
ATOM   253 O  O   . GLU A 1 31 ? -17.990 -0.337  -2.124  1.00 13.12 ? 125 GLU A O   1 
ATOM   254 C  CB  . GLU A 1 31 ? -16.315 -2.028  0.074   1.00 11.49 ? 125 GLU A CB  1 
ATOM   255 C  CG  . GLU A 1 31 ? -16.016 -3.470  0.421   1.00 9.69  ? 125 GLU A CG  1 
ATOM   256 C  CD  . GLU A 1 31 ? -16.869 -4.520  -0.275  1.00 12.31 ? 125 GLU A CD  1 
ATOM   257 O  OE1 . GLU A 1 31 ? -18.070 -4.307  -0.444  1.00 13.38 ? 125 GLU A OE1 1 
ATOM   258 O  OE2 . GLU A 1 31 ? -16.325 -5.586  -0.669  1.00 12.70 ? 125 GLU A OE2 1 
ATOM   259 N  N   . LEU A 1 32 ? -15.962 0.609   -1.935  1.00 12.30 ? 126 LEU A N   1 
ATOM   260 C  CA  . LEU A 1 32 ? -16.390 1.850   -2.586  1.00 12.98 ? 126 LEU A CA  1 
ATOM   261 C  C   . LEU A 1 32 ? -16.754 1.652   -4.053  1.00 12.24 ? 126 LEU A C   1 
ATOM   262 O  O   . LEU A 1 32 ? -17.787 2.168   -4.534  1.00 12.40 ? 126 LEU A O   1 
ATOM   263 C  CB  . LEU A 1 32 ? -15.341 2.948   -2.465  1.00 12.66 ? 126 LEU A CB  1 
ATOM   264 C  CG  . LEU A 1 32 ? -15.351 3.719   -1.143  1.00 15.72 ? 126 LEU A CG  1 
ATOM   265 C  CD1 . LEU A 1 32 ? -14.029 4.444   -0.879  1.00 17.93 ? 126 LEU A CD1 1 
ATOM   266 C  CD2 . LEU A 1 32 ? -16.451 4.694   -1.147  1.00 17.49 ? 126 LEU A CD2 1 
ATOM   267 N  N   . LEU A 1 33 ? -15.906 0.946   -4.784  1.00 11.84 ? 127 LEU A N   1 
ATOM   268 C  CA  . LEU A 1 33 ? -16.190 0.674   -6.195  1.00 12.36 ? 127 LEU A CA  1 
ATOM   269 C  C   . LEU A 1 33 ? -17.509 -0.047  -6.377  1.00 12.12 ? 127 LEU A C   1 
ATOM   270 O  O   . LEU A 1 33 ? -18.276 0.276   -7.297  1.00 12.08 ? 127 LEU A O   1 
ATOM   271 C  CB  . LEU A 1 33 ? -15.068 -0.140  -6.854  1.00 12.50 ? 127 LEU A CB  1 
ATOM   272 C  CG  . LEU A 1 33 ? -13.791 0.607   -7.188  1.00 14.30 ? 127 LEU A CG  1 
ATOM   273 C  CD1 . LEU A 1 33 ? -12.662 -0.388  -7.495  1.00 15.04 ? 127 LEU A CD1 1 
ATOM   274 C  CD2 . LEU A 1 33 ? -14.030 1.612   -8.375  1.00 15.30 ? 127 LEU A CD2 1 
ATOM   275 N  N   . LYS A 1 34 ? -17.775 -1.045  -5.523  1.00 12.08 ? 128 LYS A N   1 
ATOM   276 C  CA  . LYS A 1 34 ? -19.011 -1.812  -5.620  1.00 12.51 ? 128 LYS A CA  1 
ATOM   277 C  C   . LYS A 1 34 ? -20.243 -0.947  -5.330  1.00 12.92 ? 128 LYS A C   1 
ATOM   278 O  O   . LYS A 1 34 ? -21.274 -1.101  -5.980  1.00 14.66 ? 128 LYS A O   1 
ATOM   279 C  CB  . LYS A 1 34 ? -18.934 -3.058  -4.730  1.00 12.49 ? 128 LYS A CB  1 
ATOM   280 C  CG  . LYS A 1 34 ? -17.966 -4.077  -5.269  1.00 11.95 ? 128 LYS A CG  1 
ATOM   281 C  CD  . LYS A 1 34 ? -17.458 -5.079  -4.255  1.00 13.17 ? 128 LYS A CD  1 
ATOM   282 C  CE  . LYS A 1 34 ? -18.539 -5.840  -3.582  1.00 12.18 ? 128 LYS A CE  1 
ATOM   283 N  NZ  . LYS A 1 34 ? -17.996 -6.856  -2.632  1.00 14.13 ? 128 LYS A NZ  1 
ATOM   284 N  N   . ARG A 1 35 ? -20.119 -0.010  -4.406  1.00 13.30 ? 129 ARG A N   1 
ATOM   285 C  CA  . ARG A 1 35 ? -21.197 0.955   -4.104  1.00 15.03 ? 129 ARG A CA  1 
ATOM   286 C  C   . ARG A 1 35 ? -21.473 1.841   -5.311  1.00 14.81 ? 129 ARG A C   1 
ATOM   287 O  O   . ARG A 1 35 ? -22.613 2.132   -5.681  1.00 15.23 ? 129 ARG A O   1 
ATOM   288 C  CB  A ARG A 1 35 ? -20.828 1.833   -2.931  0.50 14.75 ? 129 ARG A CB  1 
ATOM   289 C  CB  B ARG A 1 35 ? -20.746 1.819   -2.921  0.50 15.15 ? 129 ARG A CB  1 
ATOM   290 C  CG  A ARG A 1 35 ? -20.834 1.119   -1.653  0.50 14.31 ? 129 ARG A CG  1 
ATOM   291 C  CG  B ARG A 1 35 ? -21.794 2.119   -1.892  0.50 17.82 ? 129 ARG A CG  1 
ATOM   292 C  CD  A ARG A 1 35 ? -20.432 2.056   -0.548  0.50 18.14 ? 129 ARG A CD  1 
ATOM   293 C  CD  B ARG A 1 35 ? -21.162 2.713   -0.615  0.50 17.84 ? 129 ARG A CD  1 
ATOM   294 N  NE  A ARG A 1 35 ? -21.553 2.858   -0.077  0.50 19.53 ? 129 ARG A NE  1 
ATOM   295 N  NE  B ARG A 1 35 ? -19.938 2.030   -0.179  0.50 22.35 ? 129 ARG A NE  1 
ATOM   296 C  CZ  A ARG A 1 35 ? -21.457 3.870   0.788   0.50 19.82 ? 129 ARG A CZ  1 
ATOM   297 C  CZ  B ARG A 1 35 ? -19.167 2.439   0.832   0.50 22.18 ? 129 ARG A CZ  1 
ATOM   298 N  NH1 A ARG A 1 35 ? -20.285 4.239   1.291   0.50 21.60 ? 129 ARG A NH1 1 
ATOM   299 N  NH1 B ARG A 1 35 ? -19.489 3.513   1.548   0.50 23.78 ? 129 ARG A NH1 1 
ATOM   300 N  NH2 A ARG A 1 35 ? -22.549 4.520   1.147   0.50 20.28 ? 129 ARG A NH2 1 
ATOM   301 N  NH2 B ARG A 1 35 ? -18.073 1.758   1.148   0.50 20.09 ? 129 ARG A NH2 1 
ATOM   302 N  N   . ILE A 1 36 ? -20.389 2.310   -5.904  1.00 14.10 ? 130 ILE A N   1 
ATOM   303 C  CA  . ILE A 1 36 ? -20.493 3.163   -7.083  1.00 13.95 ? 130 ILE A CA  1 
ATOM   304 C  C   . ILE A 1 36 ? -21.198 2.398   -8.217  1.00 15.32 ? 130 ILE A C   1 
ATOM   305 O  O   . ILE A 1 36 ? -22.074 2.928   -8.882  1.00 15.08 ? 130 ILE A O   1 
ATOM   306 C  CB  . ILE A 1 36 ? -19.135 3.676   -7.507  1.00 14.20 ? 130 ILE A CB  1 
ATOM   307 C  CG1 . ILE A 1 36 ? -18.614 4.673   -6.455  1.00 11.75 ? 130 ILE A CG1 1 
ATOM   308 C  CG2 . ILE A 1 36 ? -19.206 4.304   -8.877  1.00 13.65 ? 130 ILE A CG2 1 
ATOM   309 C  CD1 . ILE A 1 36 ? -17.150 4.927   -6.539  1.00 13.85 ? 130 ILE A CD1 1 
ATOM   310 N  N   . TYR A 1 37 ? -20.751 1.169   -8.458  1.00 16.01 ? 131 TYR A N   1 
ATOM   311 C  CA  . TYR A 1 37 ? -21.356 0.312   -9.470  1.00 17.49 ? 131 TYR A CA  1 
ATOM   312 C  C   . TYR A 1 37 ? -22.848 0.103   -9.220  1.00 18.18 ? 131 TYR A C   1 
ATOM   313 O  O   . TYR A 1 37 ? -23.663 0.192   -10.159 1.00 18.41 ? 131 TYR A O   1 
ATOM   314 C  CB  . TYR A 1 37 ? -20.617 -1.017  -9.495  1.00 19.17 ? 131 TYR A CB  1 
ATOM   315 C  CG  . TYR A 1 37 ? -21.054 -1.922  -10.575 1.00 21.42 ? 131 TYR A CG  1 
ATOM   316 C  CD1 . TYR A 1 37 ? -21.724 -3.085  -10.262 1.00 25.34 ? 131 TYR A CD1 1 
ATOM   317 C  CD2 . TYR A 1 37 ? -20.815 -1.622  -11.894 1.00 24.24 ? 131 TYR A CD2 1 
ATOM   318 C  CE1 . TYR A 1 37 ? -22.128 -3.925  -11.253 1.00 26.83 ? 131 TYR A CE1 1 
ATOM   319 C  CE2 . TYR A 1 37 ? -21.229 -2.464  -12.885 1.00 26.20 ? 131 TYR A CE2 1 
ATOM   320 C  CZ  . TYR A 1 37 ? -21.875 -3.617  -12.560 1.00 25.35 ? 131 TYR A CZ  1 
ATOM   321 N  N   . ASP A 1 38 ? -23.206 -0.166  -7.964  1.00 18.13 ? 132 ASP A N   1 
ATOM   322 C  CA  . ASP A 1 38 ? -24.623 -0.377  -7.587  1.00 19.87 ? 132 ASP A CA  1 
ATOM   323 C  C   . ASP A 1 38 ? -25.475 0.819   -7.971  1.00 20.88 ? 132 ASP A C   1 
ATOM   324 O  O   . ASP A 1 38 ? -26.604 0.657   -8.471  1.00 21.44 ? 132 ASP A O   1 
ATOM   325 C  CB  . ASP A 1 38 ? -24.770 -0.558  -6.078  1.00 19.89 ? 132 ASP A CB  1 
ATOM   326 C  CG  . ASP A 1 38 ? -24.307 -1.916  -5.591  1.00 20.33 ? 132 ASP A CG  1 
ATOM   327 O  OD1 . ASP A 1 38 ? -24.122 -2.829  -6.412  1.00 24.74 ? 132 ASP A OD1 1 
ATOM   328 O  OD2 . ASP A 1 38 ? -24.078 -2.033  -4.365  1.00 21.78 ? 132 ASP A OD2 1 
ATOM   329 N  N   . LYS A 1 39 ? -24.969 2.012   -7.681  1.00 22.19 ? 133 LYS A N   1 
ATOM   330 C  CA  . LYS A 1 39 ? -25.715 3.246   -7.921  1.00 24.49 ? 133 LYS A CA  1 
ATOM   331 C  C   . LYS A 1 39 ? -25.909 3.546   -9.387  1.00 26.02 ? 133 LYS A C   1 
ATOM   332 O  O   . LYS A 1 39 ? -26.931 4.132   -9.763  1.00 25.25 ? 133 LYS A O   1 
ATOM   333 C  CB  . LYS A 1 39 ? -25.053 4.432   -7.238  1.00 24.99 ? 133 LYS A CB  1 
ATOM   334 C  CG  . LYS A 1 39 ? -25.151 4.388   -5.715  1.00 27.28 ? 133 LYS A CG  1 
ATOM   335 C  CD  . LYS A 1 39 ? -24.867 5.749   -5.098  1.00 30.29 ? 133 LYS A CD  1 
ATOM   336 C  CE  . LYS A 1 39 ? -25.466 5.869   -3.690  1.00 31.78 ? 133 LYS A CE  1 
ATOM   337 N  NZ  . LYS A 1 39 ? -25.025 4.783   -2.767  1.00 32.12 ? 133 LYS A NZ  1 
ATOM   338 N  N   . LEU A 1 40 ? -24.941 3.170   -10.222 1.00 27.13 ? 134 LEU A N   1 
ATOM   339 C  CA  . LEU A 1 40 ? -25.072 3.385   -11.669 1.00 29.29 ? 134 LEU A CA  1 
ATOM   340 C  C   . LEU A 1 40 ? -26.086 2.435   -12.280 1.00 31.45 ? 134 LEU A C   1 
ATOM   341 O  O   . LEU A 1 40 ? -26.732 2.761   -13.278 1.00 31.93 ? 134 LEU A O   1 
ATOM   342 C  CB  . LEU A 1 40 ? -23.717 3.246   -12.369 1.00 28.77 ? 134 LEU A CB  1 
ATOM   343 C  CG  . LEU A 1 40 ? -22.813 4.443   -12.115 1.00 28.57 ? 134 LEU A CG  1 
ATOM   344 C  CD1 . LEU A 1 40 ? -21.436 4.196   -12.714 1.00 28.22 ? 134 LEU A CD1 1 
ATOM   345 C  CD2 . LEU A 1 40 ? -23.426 5.726   -12.681 1.00 28.92 ? 134 LEU A CD2 1 
ATOM   346 N  N   . THR A 1 41 ? -26.229 1.261   -11.678 1.00 34.02 ? 135 THR A N   1 
ATOM   347 C  CA  . THR A 1 41 ? -27.290 0.333   -12.046 1.00 36.00 ? 135 THR A CA  1 
ATOM   348 C  C   . THR A 1 41 ? -28.651 0.843   -11.553 1.00 37.27 ? 135 THR A C   1 
ATOM   349 O  O   . THR A 1 41 ? -29.627 0.859   -12.308 1.00 37.86 ? 135 THR A O   1 
ATOM   350 C  CB  . THR A 1 41 ? -26.996 -1.067  -11.481 1.00 36.15 ? 135 THR A CB  1 
ATOM   351 O  OG1 . THR A 1 41 ? -25.769 -1.543  -12.043 1.00 37.61 ? 135 THR A OG1 1 
ATOM   352 C  CG2 . THR A 1 41 ? -28.112 -2.038  -11.807 1.00 36.82 ? 135 THR A CG2 1 
ATOM   353 N  N   . VAL A 1 42 ? -28.702 1.283   -10.299 1.00 38.55 ? 136 VAL A N   1 
ATOM   354 C  CA  . VAL A 1 42 ? -29.940 1.774   -9.687  1.00 39.66 ? 136 VAL A CA  1 
ATOM   355 C  C   . VAL A 1 42 ? -30.456 3.051   -10.369 1.00 40.34 ? 136 VAL A C   1 
ATOM   356 O  O   . VAL A 1 42 ? -31.667 3.223   -10.541 1.00 40.70 ? 136 VAL A O   1 
ATOM   357 C  CB  . VAL A 1 42 ? -29.744 2.018   -8.165  1.00 39.80 ? 136 VAL A CB  1 
ATOM   358 C  CG1 . VAL A 1 42 ? -30.932 2.762   -7.555  1.00 40.61 ? 136 VAL A CG1 1 
ATOM   359 C  CG2 . VAL A 1 42 ? -29.504 0.690   -7.431  1.00 40.26 ? 136 VAL A CG2 1 
ATOM   360 N  N   . GLN A 1 43 ? -29.539 3.939   -10.755 1.00 41.20 ? 137 GLN A N   1 
ATOM   361 C  CA  . GLN A 1 43 ? -29.902 5.198   -11.421 1.00 41.54 ? 137 GLN A CA  1 
ATOM   362 C  C   . GLN A 1 43 ? -30.446 4.961   -12.831 1.00 41.86 ? 137 GLN A C   1 
ATOM   363 O  O   . GLN A 1 43 ? -29.871 4.197   -13.609 1.00 42.34 ? 137 GLN A O   1 
ATOM   364 C  CB  . GLN A 1 43 ? -28.698 6.136   -11.473 1.00 41.62 ? 137 GLN A CB  1 
ATOM   365 N  N   . ILE B 1 1  ? 30.088  -13.259 2.181   1.00 36.78 ? 95  ILE B N   1 
ATOM   366 C  CA  . ILE B 1 1  ? 28.710  -13.243 2.768   1.00 36.77 ? 95  ILE B CA  1 
ATOM   367 C  C   . ILE B 1 1  ? 28.350  -11.888 3.385   1.00 36.71 ? 95  ILE B C   1 
ATOM   368 O  O   . ILE B 1 1  ? 27.183  -11.493 3.368   1.00 36.55 ? 95  ILE B O   1 
ATOM   369 C  CB  . ILE B 1 1  ? 28.486  -14.383 3.813   1.00 36.79 ? 95  ILE B CB  1 
ATOM   370 C  CG1 . ILE B 1 1  ? 29.405  -14.230 5.033   1.00 36.93 ? 95  ILE B CG1 1 
ATOM   371 C  CG2 . ILE B 1 1  ? 28.688  -15.752 3.165   1.00 36.79 ? 95  ILE B CG2 1 
ATOM   372 C  CD1 . ILE B 1 1  ? 29.163  -15.271 6.109   1.00 36.95 ? 95  ILE B CD1 1 
ATOM   373 N  N   . GLU B 1 2  ? 29.347  -11.184 3.924   1.00 36.54 ? 96  GLU B N   1 
ATOM   374 C  CA  . GLU B 1 2  ? 29.133  -9.867  4.531   1.00 36.49 ? 96  GLU B CA  1 
ATOM   375 C  C   . GLU B 1 2  ? 28.662  -8.844  3.496   1.00 36.41 ? 96  GLU B C   1 
ATOM   376 O  O   . GLU B 1 2  ? 27.666  -8.147  3.709   1.00 36.34 ? 96  GLU B O   1 
ATOM   377 C  CB  . GLU B 1 2  ? 30.410  -9.383  5.208   1.00 36.51 ? 96  GLU B CB  1 
ATOM   378 N  N   . LYS B 1 3  ? 29.380  -8.766  2.377   1.00 36.33 ? 97  LYS B N   1 
ATOM   379 C  CA  . LYS B 1 3  ? 29.020  -7.861  1.283   1.00 36.26 ? 97  LYS B CA  1 
ATOM   380 C  C   . LYS B 1 3  ? 27.709  -8.273  0.604   1.00 36.10 ? 97  LYS B C   1 
ATOM   381 O  O   . LYS B 1 3  ? 26.895  -7.419  0.242   1.00 36.15 ? 97  LYS B O   1 
ATOM   382 C  CB  . LYS B 1 3  ? 30.149  -7.795  0.258   1.00 36.26 ? 97  LYS B CB  1 
ATOM   383 N  N   . GLN B 1 4  ? 27.515  -9.579  0.432   1.00 35.88 ? 98  GLN B N   1 
ATOM   384 C  CA  . GLN B 1 4  ? 26.288  -10.109 -0.167  1.00 35.65 ? 98  GLN B CA  1 
ATOM   385 C  C   . GLN B 1 4  ? 25.067  -9.782  0.687   1.00 35.59 ? 98  GLN B C   1 
ATOM   386 O  O   . GLN B 1 4  ? 24.008  -9.416  0.162   1.00 35.48 ? 98  GLN B O   1 
ATOM   387 C  CB  . GLN B 1 4  ? 26.401  -11.611 -0.366  1.00 35.64 ? 98  GLN B CB  1 
ATOM   388 N  N   . MET B 1 5  ? 25.217  -9.910  2.003   1.00 35.37 ? 99  MET B N   1 
ATOM   389 C  CA  . MET B 1 5  ? 24.132  -9.589  2.928   1.00 35.36 ? 99  MET B CA  1 
ATOM   390 C  C   . MET B 1 5  ? 23.921  -8.076  3.042   1.00 34.74 ? 99  MET B C   1 
ATOM   391 O  O   . MET B 1 5  ? 22.794  -7.619  3.278   1.00 34.67 ? 99  MET B O   1 
ATOM   392 C  CB  . MET B 1 5  ? 24.395  -10.200 4.304   1.00 35.31 ? 99  MET B CB  1 
ATOM   393 C  CG  . MET B 1 5  ? 23.178  -10.190 5.217   1.00 35.95 ? 99  MET B CG  1 
ATOM   394 S  SD  . MET B 1 5  ? 23.103  -11.621 6.310   1.00 36.98 ? 99  MET B SD  1 
ATOM   395 C  CE  . MET B 1 5  ? 24.753  -11.637 6.976   1.00 36.69 ? 99  MET B CE  1 
ATOM   396 N  N   . ASP B 1 6  ? 25.000  -7.307  2.867   1.00 34.01 ? 100 ASP B N   1 
ATOM   397 C  CA  . ASP B 1 6  ? 24.906  -5.846  2.818   1.00 33.57 ? 100 ASP B CA  1 
ATOM   398 C  C   . ASP B 1 6  ? 24.106  -5.379  1.595   1.00 32.81 ? 100 ASP B C   1 
ATOM   399 O  O   . ASP B 1 6  ? 23.330  -4.424  1.682   1.00 32.76 ? 100 ASP B O   1 
ATOM   400 C  CB  . ASP B 1 6  ? 26.296  -5.207  2.808   1.00 33.79 ? 100 ASP B CB  1 
ATOM   401 C  CG  . ASP B 1 6  ? 26.247  -3.698  2.993   1.00 34.42 ? 100 ASP B CG  1 
ATOM   402 O  OD1 . ASP B 1 6  ? 25.468  -3.220  3.846   1.00 35.47 ? 100 ASP B OD1 1 
ATOM   403 O  OD2 . ASP B 1 6  ? 26.987  -2.988  2.283   1.00 35.73 ? 100 ASP B OD2 1 
ATOM   404 N  N   . ARG B 1 7  ? 24.299  -6.055  0.463   1.00 31.79 ? 101 ARG B N   1 
ATOM   405 C  CA  . ARG B 1 7  ? 23.517  -5.787  -0.745  1.00 30.92 ? 101 ARG B CA  1 
ATOM   406 C  C   . ARG B 1 7  ? 22.034  -6.100  -0.525  1.00 30.19 ? 101 ARG B C   1 
ATOM   407 O  O   . ARG B 1 7  ? 21.161  -5.329  -0.943  1.00 29.72 ? 101 ARG B O   1 
ATOM   408 C  CB  . ARG B 1 7  ? 24.056  -6.595  -1.916  1.00 31.09 ? 101 ARG B CB  1 
ATOM   409 N  N   . VAL B 1 8  ? 21.757  -7.232  0.124   1.00 29.04 ? 102 VAL B N   1 
ATOM   410 C  CA  . VAL B 1 8  ? 20.387  -7.610  0.481   1.00 28.23 ? 102 VAL B CA  1 
ATOM   411 C  C   . VAL B 1 8  ? 19.696  -6.515  1.296   1.00 27.58 ? 102 VAL B C   1 
ATOM   412 O  O   . VAL B 1 8  ? 18.543  -6.169  1.017   1.00 26.28 ? 102 VAL B O   1 
ATOM   413 C  CB  . VAL B 1 8  ? 20.360  -8.965  1.248   1.00 28.29 ? 102 VAL B CB  1 
ATOM   414 C  CG1 . VAL B 1 8  ? 19.046  -9.170  2.001   1.00 28.60 ? 102 VAL B CG1 1 
ATOM   415 C  CG2 . VAL B 1 8  ? 20.621  -10.114 0.287   1.00 28.77 ? 102 VAL B CG2 1 
ATOM   416 N  N   . VAL B 1 9  ? 20.392  -5.966  2.290   1.00 26.93 ? 103 VAL B N   1 
ATOM   417 C  CA  . VAL B 1 9  ? 19.830  -4.899  3.129   1.00 27.04 ? 103 VAL B CA  1 
ATOM   418 C  C   . VAL B 1 9  ? 19.518  -3.655  2.287   1.00 27.00 ? 103 VAL B C   1 
ATOM   419 O  O   . VAL B 1 9  ? 18.448  -3.056  2.430   1.00 26.76 ? 103 VAL B O   1 
ATOM   420 C  CB  . VAL B 1 9  ? 20.765  -4.511  4.307   1.00 27.16 ? 103 VAL B CB  1 
ATOM   421 C  CG1 . VAL B 1 9  ? 20.239  -3.268  5.033   1.00 27.38 ? 103 VAL B CG1 1 
ATOM   422 C  CG2 . VAL B 1 9  ? 20.907  -5.673  5.297   1.00 26.99 ? 103 VAL B CG2 1 
ATOM   423 N  N   . LYS B 1 10 ? 20.453  -3.274  1.418   1.00 26.94 ? 104 LYS B N   1 
ATOM   424 C  CA  . LYS B 1 10 ? 20.265  -2.111  0.547   1.00 26.94 ? 104 LYS B CA  1 
ATOM   425 C  C   . LYS B 1 10 ? 19.060  -2.302  -0.380  1.00 26.92 ? 104 LYS B C   1 
ATOM   426 O  O   . LYS B 1 10 ? 18.244  -1.389  -0.556  1.00 26.55 ? 104 LYS B O   1 
ATOM   427 C  CB  . LYS B 1 10 ? 21.525  -1.843  -0.268  1.00 27.13 ? 104 LYS B CB  1 
ATOM   428 N  N   . GLU B 1 11 ? 18.953  -3.493  -0.962  1.00 26.85 ? 105 GLU B N   1 
ATOM   429 C  CA  . GLU B 1 11 ? 17.858  -3.809  -1.884  1.00 27.34 ? 105 GLU B CA  1 
ATOM   430 C  C   . GLU B 1 11 ? 16.495  -3.852  -1.164  1.00 27.16 ? 105 GLU B C   1 
ATOM   431 O  O   . GLU B 1 11 ? 15.471  -3.439  -1.727  1.00 27.16 ? 105 GLU B O   1 
ATOM   432 C  CB  . GLU B 1 11 ? 18.159  -5.126  -2.605  1.00 27.59 ? 105 GLU B CB  1 
ATOM   433 C  CG  . GLU B 1 11 ? 17.068  -5.642  -3.523  1.00 29.45 ? 105 GLU B CG  1 
ATOM   434 C  CD  . GLU B 1 11 ? 16.733  -4.702  -4.664  1.00 31.83 ? 105 GLU B CD  1 
ATOM   435 O  OE1 . GLU B 1 11 ? 17.581  -3.863  -5.041  1.00 33.93 ? 105 GLU B OE1 1 
ATOM   436 O  OE2 . GLU B 1 11 ? 15.606  -4.819  -5.196  1.00 34.43 ? 105 GLU B OE2 1 
ATOM   437 N  N   . MET B 1 12 ? 16.479  -4.347  0.072   1.00 26.77 ? 106 MET B N   1 
ATOM   438 C  CA  . MET B 1 12 ? 15.270  -4.299  0.892   1.00 27.10 ? 106 MET B CA  1 
ATOM   439 C  C   . MET B 1 12 ? 14.792  -2.871  1.135   1.00 26.48 ? 106 MET B C   1 
ATOM   440 O  O   . MET B 1 12 ? 13.609  -2.575  0.974   1.00 25.92 ? 106 MET B O   1 
ATOM   441 C  CB  . MET B 1 12 ? 15.496  -4.994  2.230   1.00 27.26 ? 106 MET B CB  1 
ATOM   442 C  CG  . MET B 1 12 ? 15.439  -6.485  2.113   1.00 27.78 ? 106 MET B CG  1 
ATOM   443 S  SD  . MET B 1 12 ? 15.769  -7.328  3.659   1.00 29.73 ? 106 MET B SD  1 
ATOM   444 C  CE  . MET B 1 12 ? 14.696  -8.717  3.386   1.00 29.71 ? 106 MET B CE  1 
ATOM   445 N  N   . ARG B 1 13 ? 15.707  -1.989  1.523   1.00 25.94 ? 107 ARG B N   1 
ATOM   446 C  CA  . ARG B 1 13 ? 15.348  -0.592  1.794   1.00 26.02 ? 107 ARG B CA  1 
ATOM   447 C  C   . ARG B 1 13 ? 14.843  0.107   0.534   1.00 25.91 ? 107 ARG B C   1 
ATOM   448 O  O   . ARG B 1 13 ? 13.923  0.941   0.593   1.00 25.74 ? 107 ARG B O   1 
ATOM   449 C  CB  . ARG B 1 13 ? 16.536  0.161   2.398   1.00 26.21 ? 107 ARG B CB  1 
ATOM   450 C  CG  . ARG B 1 13 ? 16.734  -0.140  3.864   1.00 26.88 ? 107 ARG B CG  1 
ATOM   451 C  CD  . ARG B 1 13 ? 18.050  0.398   4.364   1.00 27.54 ? 107 ARG B CD  1 
ATOM   452 N  NE  . ARG B 1 13 ? 18.265  0.056   5.765   1.00 28.75 ? 107 ARG B NE  1 
ATOM   453 C  CZ  . ARG B 1 13 ? 19.452  0.062   6.374   1.00 29.20 ? 107 ARG B CZ  1 
ATOM   454 N  NH1 . ARG B 1 13 ? 20.564  0.410   5.723   1.00 29.39 ? 107 ARG B NH1 1 
ATOM   455 N  NH2 . ARG B 1 13 ? 19.531  -0.282  7.657   1.00 29.97 ? 107 ARG B NH2 1 
ATOM   456 N  N   . ARG B 1 14 ? 15.424  -0.262  -0.601  1.00 25.53 ? 108 ARG B N   1 
ATOM   457 C  CA  . ARG B 1 14 ? 14.989  0.229   -1.907  1.00 26.22 ? 108 ARG B CA  1 
ATOM   458 C  C   . ARG B 1 14 ? 13.548  -0.187  -2.209  1.00 25.51 ? 108 ARG B C   1 
ATOM   459 O  O   . ARG B 1 14 ? 12.739  0.628   -2.674  1.00 25.47 ? 108 ARG B O   1 
ATOM   460 C  CB  . ARG B 1 14 ? 15.930  -0.318  -2.976  1.00 26.96 ? 108 ARG B CB  1 
ATOM   461 C  CG  . ARG B 1 14 ? 15.634  0.077   -4.405  1.00 30.13 ? 108 ARG B CG  1 
ATOM   462 C  CD  . ARG B 1 14 ? 16.816  -0.340  -5.279  1.00 33.83 ? 108 ARG B CD  1 
ATOM   463 N  NE  . ARG B 1 14 ? 16.478  -0.522  -6.690  1.00 36.19 ? 108 ARG B NE  1 
ATOM   464 C  CZ  . ARG B 1 14 ? 15.749  -1.524  -7.177  1.00 37.40 ? 108 ARG B CZ  1 
ATOM   465 N  NH1 . ARG B 1 14 ? 15.225  -2.437  -6.371  1.00 39.24 ? 108 ARG B NH1 1 
ATOM   466 N  NH2 . ARG B 1 14 ? 15.511  -1.593  -8.481  1.00 38.08 ? 108 ARG B NH2 1 
ATOM   467 N  N   . GLN B 1 15 ? 13.229  -1.450  -1.940  1.00 24.27 ? 109 GLN B N   1 
ATOM   468 C  CA  . GLN B 1 15 ? 11.864  -1.969  -2.158  1.00 23.98 ? 109 GLN B CA  1 
ATOM   469 C  C   . GLN B 1 15 ? 10.857  -1.382  -1.172  1.00 23.20 ? 109 GLN B C   1 
ATOM   470 O  O   . GLN B 1 15 ? 9.680   -1.183  -1.517  1.00 22.20 ? 109 GLN B O   1 
ATOM   471 C  CB  . GLN B 1 15 ? 11.867  -3.493  -2.111  1.00 24.51 ? 109 GLN B CB  1 
ATOM   472 C  CG  . GLN B 1 15 ? 12.751  -4.084  -3.211  1.00 25.25 ? 109 GLN B CG  1 
ATOM   473 C  CD  . GLN B 1 15 ? 12.588  -5.573  -3.383  1.00 27.71 ? 109 GLN B CD  1 
ATOM   474 O  OE1 . GLN B 1 15 ? 11.611  -6.159  -2.920  1.00 29.37 ? 109 GLN B OE1 1 
ATOM   475 N  NE2 . GLN B 1 15 ? 13.548  -6.198  -4.070  1.00 28.49 ? 109 GLN B NE2 1 
ATOM   476 N  N   . LEU B 1 16 ? 11.303  -1.085  0.047   1.00 22.12 ? 110 LEU B N   1 
ATOM   477 C  CA  . LEU B 1 16 ? 10.456  -0.347  0.994   1.00 22.81 ? 110 LEU B CA  1 
ATOM   478 C  C   . LEU B 1 16 ? 10.091  1.039   0.470   1.00 22.43 ? 110 LEU B C   1 
ATOM   479 O  O   . LEU B 1 16 ? 8.960   1.490   0.634   1.00 21.13 ? 110 LEU B O   1 
ATOM   480 C  CB  . LEU B 1 16 ? 11.110  -0.232  2.372   1.00 23.01 ? 110 LEU B CB  1 
ATOM   481 C  CG  . LEU B 1 16 ? 10.718  -1.342  3.341   1.00 25.66 ? 110 LEU B CG  1 
ATOM   482 C  CD1 . LEU B 1 16 ? 10.962  -2.713  2.740   1.00 27.46 ? 110 LEU B CD1 1 
ATOM   483 C  CD2 . LEU B 1 16 ? 11.480  -1.207  4.637   1.00 26.18 ? 110 LEU B CD2 1 
ATOM   484 N  N   . GLU B 1 17 ? 11.038  1.707   -0.176  1.00 22.43 ? 111 GLU B N   1 
ATOM   485 C  CA  . GLU B 1 17 ? 10.745  3.000   -0.792  1.00 23.02 ? 111 GLU B CA  1 
ATOM   486 C  C   . GLU B 1 17 ? 9.661   2.881   -1.868  1.00 21.90 ? 111 GLU B C   1 
ATOM   487 O  O   . GLU B 1 17 ? 8.778   3.744   -1.958  1.00 21.42 ? 111 GLU B O   1 
ATOM   488 C  CB  . GLU B 1 17 ? 12.000  3.634   -1.387  1.00 23.08 ? 111 GLU B CB  1 
ATOM   489 C  CG  . GLU B 1 17 ? 13.003  4.097   -0.356  1.00 25.51 ? 111 GLU B CG  1 
ATOM   490 C  CD  . GLU B 1 17 ? 14.107  4.935   -0.971  1.00 26.16 ? 111 GLU B CD  1 
ATOM   491 O  OE1 . GLU B 1 17 ? 13.779  5.926   -1.666  1.00 32.61 ? 111 GLU B OE1 1 
ATOM   492 O  OE2 . GLU B 1 17 ? 15.298  4.611   -0.761  1.00 31.91 ? 111 GLU B OE2 1 
ATOM   493 N  N   . MET B 1 18 ? 9.736   1.820   -2.666  1.00 20.80 ? 112 MET B N   1 
ATOM   494 C  CA  A MET B 1 18 ? 8.748   1.562   -3.713  0.50 20.53 ? 112 MET B CA  1 
ATOM   495 C  CA  B MET B 1 18 ? 8.753   1.598   -3.711  0.50 20.72 ? 112 MET B CA  1 
ATOM   496 C  C   . MET B 1 18 ? 7.379   1.351   -3.081  1.00 19.75 ? 112 MET B C   1 
ATOM   497 O  O   . MET B 1 18 ? 6.349   1.865   -3.562  1.00 19.21 ? 112 MET B O   1 
ATOM   498 C  CB  A MET B 1 18 ? 9.112   0.315   -4.521  0.50 20.55 ? 112 MET B CB  1 
ATOM   499 C  CB  B MET B 1 18 ? 9.191   0.440   -4.608  0.50 20.88 ? 112 MET B CB  1 
ATOM   500 C  CG  A MET B 1 18 ? 10.315  0.468   -5.410  0.50 21.29 ? 112 MET B CG  1 
ATOM   501 C  CG  B MET B 1 18 ? 10.421  0.789   -5.432  0.50 21.68 ? 112 MET B CG  1 
ATOM   502 S  SD  A MET B 1 18 ? 10.617  -1.031  -6.361  0.50 22.45 ? 112 MET B SD  1 
ATOM   503 S  SD  B MET B 1 18 ? 11.286  -0.636  -6.101  0.50 23.13 ? 112 MET B SD  1 
ATOM   504 C  CE  A MET B 1 18 ? 9.373   -0.894  -7.635  0.50 21.67 ? 112 MET B CE  1 
ATOM   505 C  CE  B MET B 1 18 ? 12.804  0.135   -6.627  0.50 23.29 ? 112 MET B CE  1 
ATOM   506 N  N   . ILE B 1 19 ? 7.353   0.581   -2.001  1.00 18.40 ? 113 ILE B N   1 
ATOM   507 C  CA  . ILE B 1 19 ? 6.086   0.289   -1.335  1.00 18.52 ? 113 ILE B CA  1 
ATOM   508 C  C   . ILE B 1 19 ? 5.488   1.567   -0.696  1.00 18.40 ? 113 ILE B C   1 
ATOM   509 O  O   . ILE B 1 19 ? 4.254   1.768   -0.712  1.00 17.30 ? 113 ILE B O   1 
ATOM   510 C  CB  . ILE B 1 19 ? 6.241   -0.840  -0.286  1.00 18.61 ? 113 ILE B CB  1 
ATOM   511 C  CG1 . ILE B 1 19 ? 6.644   -2.152  -0.971  1.00 19.44 ? 113 ILE B CG1 1 
ATOM   512 C  CG2 . ILE B 1 19 ? 4.957   -1.050  0.490   1.00 18.87 ? 113 ILE B CG2 1 
ATOM   513 C  CD1 . ILE B 1 19 ? 7.162   -3.210  -0.004  1.00 19.76 ? 113 ILE B CD1 1 
ATOM   514 N  N   . ASP B 1 20 ? 6.348   2.429   -0.144  1.00 18.38 ? 114 ASP B N   1 
ATOM   515 C  CA  A ASP B 1 20 ? 5.898   3.707   0.447   0.50 18.58 ? 114 ASP B CA  1 
ATOM   516 C  CA  B ASP B 1 20 ? 5.852   3.667   0.456   0.50 18.88 ? 114 ASP B CA  1 
ATOM   517 C  C   . ASP B 1 20 ? 5.262   4.574   -0.635  1.00 18.68 ? 114 ASP B C   1 
ATOM   518 O  O   . ASP B 1 20 ? 4.185   5.175   -0.426  1.00 18.76 ? 114 ASP B O   1 
ATOM   519 C  CB  A ASP B 1 20 ? 7.061   4.472   1.111   0.50 18.77 ? 114 ASP B CB  1 
ATOM   520 C  CB  B ASP B 1 20 ? 6.946   4.383   1.262   0.50 19.26 ? 114 ASP B CB  1 
ATOM   521 C  CG  A ASP B 1 20 ? 6.662   5.886   1.571   0.50 18.81 ? 114 ASP B CG  1 
ATOM   522 C  CG  B ASP B 1 20 ? 6.397   5.126   2.480   0.50 20.59 ? 114 ASP B CG  1 
ATOM   523 O  OD1 A ASP B 1 20 ? 7.155   6.868   0.984   0.50 19.72 ? 114 ASP B OD1 1 
ATOM   524 O  OD1 B ASP B 1 20 ? 5.222   4.912   2.877   0.50 22.38 ? 114 ASP B OD1 1 
ATOM   525 O  OD2 A ASP B 1 20 ? 5.840   6.024   2.504   0.50 19.23 ? 114 ASP B OD2 1 
ATOM   526 O  OD2 B ASP B 1 20 ? 7.158   5.939   3.045   0.50 22.53 ? 114 ASP B OD2 1 
ATOM   527 N  N   . LYS B 1 21 ? 5.918   4.640   -1.790  1.00 18.33 ? 115 LYS B N   1 
ATOM   528 C  CA  . LYS B 1 21 ? 5.426   5.443   -2.910  1.00 19.45 ? 115 LYS B CA  1 
ATOM   529 C  C   . LYS B 1 21 ? 4.061   4.910   -3.359  1.00 17.92 ? 115 LYS B C   1 
ATOM   530 O  O   . LYS B 1 21 ? 3.132   5.683   -3.608  1.00 17.85 ? 115 LYS B O   1 
ATOM   531 C  CB  . LYS B 1 21 ? 6.404   5.422   -4.099  1.00 20.38 ? 115 LYS B CB  1 
ATOM   532 C  CG  . LYS B 1 21 ? 7.625   6.351   -3.972  1.00 23.80 ? 115 LYS B CG  1 
ATOM   533 C  CD  . LYS B 1 21 ? 8.642   6.219   -5.146  1.00 23.94 ? 115 LYS B CD  1 
ATOM   534 C  CE  . LYS B 1 21 ? 7.979   5.840   -6.479  1.00 27.99 ? 115 LYS B CE  1 
ATOM   535 N  NZ  . LYS B 1 21 ? 8.954   5.690   -7.601  1.00 30.23 ? 115 LYS B NZ  1 
ATOM   536 N  N   . LEU B 1 22 ? 3.962   3.587   -3.477  1.00 15.95 ? 116 LEU B N   1 
ATOM   537 C  CA  . LEU B 1 22 ? 2.720   2.933   -3.916  1.00 14.96 ? 116 LEU B CA  1 
ATOM   538 C  C   . LEU B 1 22 ? 1.605   3.256   -2.927  1.00 15.49 ? 116 LEU B C   1 
ATOM   539 O  O   . LEU B 1 22 ? 0.479   3.553   -3.314  1.00 15.95 ? 116 LEU B O   1 
ATOM   540 C  CB  . LEU B 1 22 ? 2.915   1.423   -4.001  1.00 15.87 ? 116 LEU B CB  1 
ATOM   541 C  CG  . LEU B 1 22 ? 1.723   0.566   -4.407  1.00 16.26 ? 116 LEU B CG  1 
ATOM   542 C  CD1 . LEU B 1 22 ? 1.159   1.016   -5.736  1.00 18.14 ? 116 LEU B CD1 1 
ATOM   543 C  CD2 . LEU B 1 22 ? 2.076   -0.909  -4.466  1.00 16.62 ? 116 LEU B CD2 1 
ATOM   544 N  N   . THR B 1 23 ? 1.928   3.181   -1.636  1.00 15.43 ? 117 THR B N   1 
ATOM   545 C  CA  . THR B 1 23 ? 0.964   3.479   -0.564  1.00 16.17 ? 117 THR B CA  1 
ATOM   546 C  C   . THR B 1 23 ? 0.342   4.862   -0.714  1.00 15.51 ? 117 THR B C   1 
ATOM   547 O  O   . THR B 1 23 ? -0.884  4.992   -0.724  1.00 15.84 ? 117 THR B O   1 
ATOM   548 C  CB  . THR B 1 23 ? 1.651   3.330   0.798   1.00 16.79 ? 117 THR B CB  1 
ATOM   549 O  OG1 . THR B 1 23 ? 2.011   1.948   0.946   1.00 18.72 ? 117 THR B OG1 1 
ATOM   550 C  CG2 . THR B 1 23 ? 0.741   3.754   1.910   1.00 18.54 ? 117 THR B CG2 1 
ATOM   551 N  N   . THR B 1 24 ? 1.188   5.875   -0.904  1.00 14.58 ? 118 THR B N   1 
ATOM   552 C  CA  . THR B 1 24 ? 0.725   7.238   -1.097  1.00 14.83 ? 118 THR B CA  1 
ATOM   553 C  C   . THR B 1 24 ? -0.242  7.342   -2.294  1.00 13.55 ? 118 THR B C   1 
ATOM   554 O  O   . THR B 1 24 ? -1.295  7.973   -2.225  1.00 14.73 ? 118 THR B O   1 
ATOM   555 C  CB  . THR B 1 24 ? 1.890   8.210   -1.231  1.00 16.05 ? 118 THR B CB  1 
ATOM   556 O  OG1 . THR B 1 24 ? 2.675   8.177   -0.011  1.00 18.23 ? 118 THR B OG1 1 
ATOM   557 C  CG2 . THR B 1 24 ? 1.402   9.600   -1.416  1.00 18.85 ? 118 THR B CG2 1 
ATOM   558 N  N   . ARG B 1 25 ? 0.101   6.685   -3.390  1.00 12.92 ? 119 ARG B N   1 
ATOM   559 C  CA  . ARG B 1 25 ? -0.761  6.749   -4.581  1.00 12.60 ? 119 ARG B CA  1 
ATOM   560 C  C   . ARG B 1 25 ? -2.116  6.050   -4.362  1.00 12.33 ? 119 ARG B C   1 
ATOM   561 O  O   . ARG B 1 25 ? -3.169  6.506   -4.798  1.00 14.09 ? 119 ARG B O   1 
ATOM   562 C  CB  . ARG B 1 25 ? -0.017  6.145   -5.775  1.00 13.95 ? 119 ARG B CB  1 
ATOM   563 C  CG  . ARG B 1 25 ? 1.158   7.010   -6.190  1.00 13.27 ? 119 ARG B CG  1 
ATOM   564 C  CD  . ARG B 1 25 ? 2.045   6.311   -7.255  1.00 15.33 ? 119 ARG B CD  1 
ATOM   565 N  NE  . ARG B 1 25 ? 3.307   7.027   -7.445  1.00 18.78 ? 119 ARG B NE  1 
ATOM   566 C  CZ  . ARG B 1 25 ? 4.301   6.577   -8.207  1.00 17.37 ? 119 ARG B CZ  1 
ATOM   567 N  NH1 . ARG B 1 25 ? 4.188   5.423   -8.838  1.00 15.68 ? 119 ARG B NH1 1 
ATOM   568 N  NH2 . ARG B 1 25 ? 5.434   7.287   -8.346  1.00 17.85 ? 119 ARG B NH2 1 
ATOM   569 N  N   . GLU B 1 26 ? -2.083  4.918   -3.676  1.00 12.95 ? 120 GLU B N   1 
ATOM   570 C  CA  . GLU B 1 26 ? -3.302  4.180   -3.307  1.00 13.91 ? 120 GLU B CA  1 
ATOM   571 C  C   . GLU B 1 26 ? -4.237  5.008   -2.392  1.00 15.14 ? 120 GLU B C   1 
ATOM   572 O  O   . GLU B 1 26 ? -5.463  4.959   -2.544  1.00 15.89 ? 120 GLU B O   1 
ATOM   573 C  CB  . GLU B 1 26 ? -2.907  2.867   -2.691  1.00 14.70 ? 120 GLU B CB  1 
ATOM   574 C  CG  . GLU B 1 26 ? -2.322  1.892   -3.717  1.00 14.04 ? 120 GLU B CG  1 
ATOM   575 C  CD  . GLU B 1 26 ? -3.367  1.091   -4.463  1.00 15.62 ? 120 GLU B CD  1 
ATOM   576 O  OE1 . GLU B 1 26 ? -4.305  0.603   -3.806  1.00 15.31 ? 120 GLU B OE1 1 
ATOM   577 O  OE2 . GLU B 1 26 ? -3.221  0.896   -5.681  1.00 15.05 ? 120 GLU B OE2 1 
ATOM   578 N  N   . ILE B 1 27 ? -3.669  5.804   -1.503  1.00 14.39 ? 121 ILE B N   1 
ATOM   579 C  CA  . ILE B 1 27 ? -4.475  6.730   -0.663  1.00 14.28 ? 121 ILE B CA  1 
ATOM   580 C  C   . ILE B 1 27 ? -5.147  7.789   -1.550  1.00 14.48 ? 121 ILE B C   1 
ATOM   581 O  O   . ILE B 1 27 ? -6.319  8.107   -1.394  1.00 13.77 ? 121 ILE B O   1 
ATOM   582 C  CB  . ILE B 1 27 ? -3.629  7.402   0.437   1.00 13.86 ? 121 ILE B CB  1 
ATOM   583 C  CG1 . ILE B 1 27 ? -3.194  6.335   1.429   1.00 16.02 ? 121 ILE B CG1 1 
ATOM   584 C  CG2 . ILE B 1 27 ? -4.438  8.561   1.112   1.00 14.58 ? 121 ILE B CG2 1 
ATOM   585 C  CD1 . ILE B 1 27 ? -2.238  6.802   2.501   1.00 17.46 ? 121 ILE B CD1 1 
ATOM   586 N  N   . GLU B 1 28 ? -4.408  8.340   -2.499  1.00 13.29 ? 122 GLU B N   1 
ATOM   587 C  CA  . GLU B 1 28 ? -4.974  9.289   -3.465  1.00 14.93 ? 122 GLU B CA  1 
ATOM   588 C  C   . GLU B 1 28 ? -6.177  8.705   -4.189  1.00 13.46 ? 122 GLU B C   1 
ATOM   589 O  O   . GLU B 1 28 ? -7.149  9.416   -4.437  1.00 14.31 ? 122 GLU B O   1 
ATOM   590 C  CB  . GLU B 1 28 ? -3.918  9.795   -4.444  1.00 14.56 ? 122 GLU B CB  1 
ATOM   591 C  CG  . GLU B 1 28 ? -2.775  10.578  -3.790  1.00 16.44 ? 122 GLU B CG  1 
ATOM   592 C  CD  . GLU B 1 28 ? -1.570  10.864  -4.708  1.00 19.49 ? 122 GLU B CD  1 
ATOM   593 O  OE1 . GLU B 1 28 ? -1.331  10.139  -5.697  1.00 25.77 ? 122 GLU B OE1 1 
ATOM   594 O  OE2 . GLU B 1 28 ? -0.806  11.800  -4.365  1.00 24.35 ? 122 GLU B OE2 1 
ATOM   595 N  N   . GLN B 1 29 ? -6.129  7.398   -4.514  1.00 13.24 ? 123 GLN B N   1 
ATOM   596 C  CA  . GLN B 1 29 ? -7.278  6.735   -5.134  1.00 13.19 ? 123 GLN B CA  1 
ATOM   597 C  C   . GLN B 1 29 ? -8.485  6.723   -4.199  1.00 13.01 ? 123 GLN B C   1 
ATOM   598 O  O   . GLN B 1 29 ? -9.631  6.882   -4.634  1.00 13.72 ? 123 GLN B O   1 
ATOM   599 C  CB  . GLN B 1 29 ? -6.934  5.297   -5.493  1.00 12.39 ? 123 GLN B CB  1 
ATOM   600 C  CG  . GLN B 1 29 ? -5.974  5.160   -6.645  1.00 12.55 ? 123 GLN B CG  1 
ATOM   601 C  CD  . GLN B 1 29 ? -5.885  3.767   -7.151  1.00 12.86 ? 123 GLN B CD  1 
ATOM   602 O  OE1 . GLN B 1 29 ? -6.821  2.987   -6.968  1.00 13.69 ? 123 GLN B OE1 1 
ATOM   603 N  NE2 . GLN B 1 29 ? -4.802  3.455   -7.876  1.00 13.44 ? 123 GLN B NE2 1 
ATOM   604 N  N   . VAL B 1 30 ? -8.251  6.522   -2.906  1.00 13.06 ? 124 VAL B N   1 
ATOM   605 C  CA  . VAL B 1 30 ? -9.388  6.523   -1.938  1.00 12.45 ? 124 VAL B CA  1 
ATOM   606 C  C   . VAL B 1 30 ? -10.045 7.915   -1.948  1.00 12.65 ? 124 VAL B C   1 
ATOM   607 O  O   . VAL B 1 30 ? -11.257 8.044   -1.949  1.00 13.07 ? 124 VAL B O   1 
ATOM   608 C  CB  . VAL B 1 30 ? -8.944  6.100   -0.519  1.00 12.84 ? 124 VAL B CB  1 
ATOM   609 C  CG1 . VAL B 1 30 ? -10.040 6.278   0.468   1.00 12.71 ? 124 VAL B CG1 1 
ATOM   610 C  CG2 . VAL B 1 30 ? -8.433  4.635   -0.518  1.00 13.57 ? 124 VAL B CG2 1 
ATOM   611 N  N   . GLU B 1 31 ? -9.249  8.975   -1.960  1.00 12.02 ? 125 GLU B N   1 
ATOM   612 C  CA  . GLU B 1 31 ? -9.830  10.324  -2.028  1.00 12.78 ? 125 GLU B CA  1 
ATOM   613 C  C   . GLU B 1 31 ? -10.700 10.517  -3.259  1.00 13.43 ? 125 GLU B C   1 
ATOM   614 O  O   . GLU B 1 31 ? -11.802 11.056  -3.168  1.00 13.32 ? 125 GLU B O   1 
ATOM   615 C  CB  . GLU B 1 31 ? -8.722  11.403  -1.989  1.00 12.77 ? 125 GLU B CB  1 
ATOM   616 C  CG  . GLU B 1 31 ? -7.931  11.435  -0.687  1.00 12.28 ? 125 GLU B CG  1 
ATOM   617 C  CD  . GLU B 1 31 ? -7.209  12.754  -0.441  1.00 16.35 ? 125 GLU B CD  1 
ATOM   618 O  OE1 . GLU B 1 31 ? -7.746  13.854  -0.758  1.00 20.90 ? 125 GLU B OE1 1 
ATOM   619 O  OE2 . GLU B 1 31 ? -6.123  12.692  0.147   1.00 18.16 ? 125 GLU B OE2 1 
ATOM   620 N  N   . LEU B 1 32 ? -10.215 10.066  -4.411  1.00 12.36 ? 126 LEU B N   1 
ATOM   621 C  CA  . LEU B 1 32 ? -10.997 10.146  -5.660  1.00 12.93 ? 126 LEU B CA  1 
ATOM   622 C  C   . LEU B 1 32 ? -12.269 9.298   -5.601  1.00 12.85 ? 126 LEU B C   1 
ATOM   623 O  O   . LEU B 1 32 ? -13.358 9.749   -6.002  1.00 12.80 ? 126 LEU B O   1 
ATOM   624 C  CB  . LEU B 1 32 ? -10.148 9.731   -6.873  1.00 14.34 ? 126 LEU B CB  1 
ATOM   625 C  CG  . LEU B 1 32 ? -9.268  10.791  -7.440  1.00 19.56 ? 126 LEU B CG  1 
ATOM   626 C  CD1 . LEU B 1 32 ? -8.231  10.142  -8.362  1.00 21.00 ? 126 LEU B CD1 1 
ATOM   627 C  CD2 . LEU B 1 32 ? -10.162 11.765  -8.181  1.00 23.11 ? 126 LEU B CD2 1 
ATOM   628 N  N   . LEU B 1 33 ? -12.166 8.084   -5.064  1.00 11.53 ? 127 LEU B N   1 
ATOM   629 C  CA  . LEU B 1 33 ? -13.341 7.193   -4.968  1.00 12.01 ? 127 LEU B CA  1 
ATOM   630 C  C   . LEU B 1 33 ? -14.419 7.828   -4.095  1.00 12.29 ? 127 LEU B C   1 
ATOM   631 O  O   . LEU B 1 33 ? -15.598 7.817   -4.422  1.00 12.89 ? 127 LEU B O   1 
ATOM   632 C  CB  . LEU B 1 33 ? -12.926 5.849   -4.392  1.00 12.36 ? 127 LEU B CB  1 
ATOM   633 C  CG  . LEU B 1 33 ? -12.210 4.889   -5.335  1.00 13.25 ? 127 LEU B CG  1 
ATOM   634 C  CD1 . LEU B 1 33 ? -11.473 3.831   -4.567  1.00 17.22 ? 127 LEU B CD1 1 
ATOM   635 C  CD2 . LEU B 1 33 ? -13.246 4.308   -6.287  1.00 14.52 ? 127 LEU B CD2 1 
ATOM   636 N  N   . LYS B 1 34 ? -13.998 8.408   -2.972  1.00 11.10 ? 128 LYS B N   1 
ATOM   637 C  CA  . LYS B 1 34 ? -14.933 9.095   -2.069  1.00 11.19 ? 128 LYS B CA  1 
ATOM   638 C  C   . LYS B 1 34 ? -15.627 10.267  -2.768  1.00 11.26 ? 128 LYS B C   1 
ATOM   639 O  O   . LYS B 1 34 ? -16.815 10.457  -2.593  1.00 12.95 ? 128 LYS B O   1 
ATOM   640 C  CB  . LYS B 1 34 ? -14.223 9.513   -0.816  1.00 11.46 ? 128 LYS B CB  1 
ATOM   641 C  CG  . LYS B 1 34 ? -13.930 8.335   0.163   1.00 9.69  ? 128 LYS B CG  1 
ATOM   642 C  CD  . LYS B 1 34 ? -13.281 8.837   1.442   1.00 10.46 ? 128 LYS B CD  1 
ATOM   643 C  CE  . LYS B 1 34 ? -13.196 7.782   2.491   1.00 9.79  ? 128 LYS B CE  1 
ATOM   644 N  NZ  . LYS B 1 34 ? -12.696 8.395   3.803   1.00 10.92 ? 128 LYS B NZ  1 
ATOM   645 N  N   . ARG B 1 35 ? -14.864 11.037  -3.526  1.00 11.80 ? 129 ARG B N   1 
ATOM   646 C  CA  A ARG B 1 35 ? -15.409 12.196  -4.247  0.50 12.41 ? 129 ARG B CA  1 
ATOM   647 C  CA  B ARG B 1 35 ? -15.383 12.192  -4.260  0.50 12.44 ? 129 ARG B CA  1 
ATOM   648 C  C   . ARG B 1 35 ? -16.395 11.749  -5.315  1.00 12.23 ? 129 ARG B C   1 
ATOM   649 O  O   . ARG B 1 35 ? -17.445 12.360  -5.485  1.00 12.62 ? 129 ARG B O   1 
ATOM   650 C  CB  A ARG B 1 35 ? -14.302 13.031  -4.879  0.50 12.82 ? 129 ARG B CB  1 
ATOM   651 C  CB  B ARG B 1 35 ? -14.225 12.910  -4.922  0.50 12.82 ? 129 ARG B CB  1 
ATOM   652 C  CG  A ARG B 1 35 ? -13.405 13.727  -3.861  0.50 14.77 ? 129 ARG B CG  1 
ATOM   653 C  CG  B ARG B 1 35 ? -14.586 14.172  -5.657  0.50 15.13 ? 129 ARG B CG  1 
ATOM   654 C  CD  A ARG B 1 35 ? -12.770 14.980  -4.399  0.50 21.41 ? 129 ARG B CD  1 
ATOM   655 C  CD  B ARG B 1 35 ? -14.641 15.380  -4.765  0.50 20.28 ? 129 ARG B CD  1 
ATOM   656 N  NE  A ARG B 1 35 ? -11.979 14.766  -5.604  0.50 23.47 ? 129 ARG B NE  1 
ATOM   657 N  NE  B ARG B 1 35 ? -15.275 16.522  -5.443  0.50 21.56 ? 129 ARG B NE  1 
ATOM   658 C  CZ  A ARG B 1 35 ? -11.591 15.733  -6.437  0.50 24.35 ? 129 ARG B CZ  1 
ATOM   659 C  CZ  B ARG B 1 35 ? -14.635 17.442  -6.167  0.50 23.26 ? 129 ARG B CZ  1 
ATOM   660 N  NH1 A ARG B 1 35 ? -11.921 17.007  -6.213  0.50 26.11 ? 129 ARG B NH1 1 
ATOM   661 N  NH1 B ARG B 1 35 ? -13.323 17.385  -6.382  0.50 24.28 ? 129 ARG B NH1 1 
ATOM   662 N  NH2 A ARG B 1 35 ? -10.868 15.432  -7.508  0.50 25.77 ? 129 ARG B NH2 1 
ATOM   663 N  NH2 B ARG B 1 35 ? -15.338 18.430  -6.706  0.50 22.70 ? 129 ARG B NH2 1 
ATOM   664 N  N   . ILE B 1 36 ? -16.073 10.673  -6.019  1.00 11.21 ? 130 ILE B N   1 
ATOM   665 C  CA  . ILE B 1 36 ? -16.949 10.148  -7.060  1.00 11.89 ? 130 ILE B CA  1 
ATOM   666 C  C   . ILE B 1 36 ? -18.263 9.679   -6.418  1.00 12.63 ? 130 ILE B C   1 
ATOM   667 O  O   . ILE B 1 36 ? -19.344 9.947   -6.899  1.00 13.55 ? 130 ILE B O   1 
ATOM   668 C  CB  . ILE B 1 36 ? -16.272 8.988   -7.854  1.00 11.17 ? 130 ILE B CB  1 
ATOM   669 C  CG1 . ILE B 1 36 ? -15.150 9.559   -8.755  1.00 11.63 ? 130 ILE B CG1 1 
ATOM   670 C  CG2 . ILE B 1 36 ? -17.323 8.171   -8.655  1.00 11.64 ? 130 ILE B CG2 1 
ATOM   671 C  CD1 . ILE B 1 36 ? -14.217 8.491   -9.210  1.00 14.52 ? 130 ILE B CD1 1 
ATOM   672 N  N   . TYR B 1 37 ? -18.150 8.943   -5.326  1.00 13.35 ? 131 TYR B N   1 
ATOM   673 C  CA  . TYR B 1 37 ? -19.347 8.443   -4.684  1.00 15.46 ? 131 TYR B CA  1 
ATOM   674 C  C   . TYR B 1 37 ? -20.264 9.573   -4.212  1.00 15.40 ? 131 TYR B C   1 
ATOM   675 O  O   . TYR B 1 37 ? -21.490 9.529   -4.387  1.00 14.98 ? 131 TYR B O   1 
ATOM   676 C  CB  . TYR B 1 37 ? -18.956 7.537   -3.556  1.00 16.94 ? 131 TYR B CB  1 
ATOM   677 C  CG  . TYR B 1 37 ? -20.104 6.904   -2.920  1.00 19.98 ? 131 TYR B CG  1 
ATOM   678 C  CD1 . TYR B 1 37 ? -20.926 6.051   -3.635  1.00 23.67 ? 131 TYR B CD1 1 
ATOM   679 C  CD2 . TYR B 1 37 ? -20.413 7.193   -1.623  1.00 23.85 ? 131 TYR B CD2 1 
ATOM   680 C  CE1 . TYR B 1 37 ? -21.994 5.485   -3.053  1.00 25.79 ? 131 TYR B CE1 1 
ATOM   681 C  CE2 . TYR B 1 37 ? -21.474 6.631   -1.058  1.00 24.34 ? 131 TYR B CE2 1 
ATOM   682 C  CZ  . TYR B 1 37 ? -22.270 5.774   -1.766  1.00 24.82 ? 131 TYR B CZ  1 
ATOM   683 N  N   . ASP B 1 38 ? -19.672 10.600  -3.626  1.00 15.79 ? 132 ASP B N   1 
ATOM   684 C  CA  . ASP B 1 38 ? -20.448 11.761  -3.164  1.00 16.20 ? 132 ASP B CA  1 
ATOM   685 C  C   . ASP B 1 38 ? -21.167 12.457  -4.298  1.00 17.52 ? 132 ASP B C   1 
ATOM   686 O  O   . ASP B 1 38 ? -22.263 12.958  -4.102  1.00 16.94 ? 132 ASP B O   1 
ATOM   687 C  CB  . ASP B 1 38 ? -19.553 12.772  -2.471  1.00 16.71 ? 132 ASP B CB  1 
ATOM   688 C  CG  . ASP B 1 38 ? -19.167 12.350  -1.069  1.00 20.31 ? 132 ASP B CG  1 
ATOM   689 O  OD1 . ASP B 1 38 ? -19.687 11.302  -0.572  1.00 22.23 ? 132 ASP B OD1 1 
ATOM   690 O  OD2 . ASP B 1 38 ? -18.317 13.057  -0.496  1.00 22.29 ? 132 ASP B OD2 1 
ATOM   691 N  N   . LYS B 1 39 ? -20.524 12.554  -5.450  1.00 17.85 ? 133 LYS B N   1 
ATOM   692 C  CA  . LYS B 1 39 ? -21.165 13.191  -6.630  1.00 20.36 ? 133 LYS B CA  1 
ATOM   693 C  C   . LYS B 1 39 ? -22.391 12.408  -7.089  1.00 21.57 ? 133 LYS B C   1 
ATOM   694 O  O   . LYS B 1 39 ? -23.389 13.010  -7.521  1.00 21.84 ? 133 LYS B O   1 
ATOM   695 C  CB  . LYS B 1 39 ? -20.170 13.343  -7.781  1.00 20.15 ? 133 LYS B CB  1 
ATOM   696 C  CG  . LYS B 1 39 ? -19.172 14.489  -7.599  1.00 21.32 ? 133 LYS B CG  1 
ATOM   697 C  CD  . LYS B 1 39 ? -18.236 14.641  -8.788  1.00 23.81 ? 133 LYS B CD  1 
ATOM   698 C  CE  . LYS B 1 39 ? -17.410 15.924  -8.699  1.00 26.23 ? 133 LYS B CE  1 
ATOM   699 N  NZ  . LYS B 1 39 ? -16.622 16.214  -9.937  1.00 29.63 ? 133 LYS B NZ  1 
ATOM   700 N  N   . LEU B 1 40 ? -22.328 11.082  -7.005  1.00 22.57 ? 134 LEU B N   1 
ATOM   701 C  CA  . LEU B 1 40 ? -23.475 10.233  -7.361  1.00 24.63 ? 134 LEU B CA  1 
ATOM   702 C  C   . LEU B 1 40 ? -24.628 10.386  -6.365  1.00 26.94 ? 134 LEU B C   1 
ATOM   703 O  O   . LEU B 1 40 ? -25.785 10.571  -6.771  1.00 27.40 ? 134 LEU B O   1 
ATOM   704 C  CB  . LEU B 1 40 ? -23.058 8.763   -7.508  1.00 24.06 ? 134 LEU B CB  1 
ATOM   705 C  CG  . LEU B 1 40 ? -22.208 8.513   -8.758  1.00 23.67 ? 134 LEU B CG  1 
ATOM   706 C  CD1 . LEU B 1 40 ? -21.673 7.097   -8.808  1.00 23.20 ? 134 LEU B CD1 1 
ATOM   707 C  CD2 . LEU B 1 40 ? -23.001 8.828   -10.029 1.00 22.45 ? 134 LEU B CD2 1 
ATOM   708 N  N   . THR B 1 41 ? -24.310 10.346  -5.073  1.00 29.18 ? 135 THR B N   1 
ATOM   709 C  CA  . THR B 1 41 ? -25.305 10.568  -4.014  1.00 31.44 ? 135 THR B CA  1 
ATOM   710 C  C   . THR B 1 41 ? -25.976 11.945  -4.168  1.00 33.31 ? 135 THR B C   1 
ATOM   711 O  O   . THR B 1 41 ? -27.200 12.074  -3.989  1.00 33.66 ? 135 THR B O   1 
ATOM   712 C  CB  . THR B 1 41 ? -24.675 10.443  -2.595  1.00 31.48 ? 135 THR B CB  1 
ATOM   713 O  OG1 . THR B 1 41 ? -24.082 9.147   -2.436  1.00 33.38 ? 135 THR B OG1 1 
ATOM   714 C  CG2 . THR B 1 41 ? -25.730 10.641  -1.504  1.00 32.57 ? 135 THR B CG2 1 
ATOM   715 N  N   . VAL B 1 42 ? -25.188 12.964  -4.512  1.00 35.16 ? 136 VAL B N   1 
ATOM   716 C  CA  . VAL B 1 42 ? -25.723 14.314  -4.757  1.00 36.92 ? 136 VAL B CA  1 
ATOM   717 C  C   . VAL B 1 42 ? -26.731 14.293  -5.917  1.00 38.05 ? 136 VAL B C   1 
ATOM   718 O  O   . VAL B 1 42 ? -27.840 14.827  -5.796  1.00 38.38 ? 136 VAL B O   1 
ATOM   719 C  CB  . VAL B 1 42 ? -24.581 15.335  -5.052  1.00 36.92 ? 136 VAL B CB  1 
ATOM   720 C  CG1 . VAL B 1 42 ? -25.133 16.652  -5.576  1.00 37.97 ? 136 VAL B CG1 1 
ATOM   721 C  CG2 . VAL B 1 42 ? -23.736 15.581  -3.802  1.00 37.41 ? 136 VAL B CG2 1 
ATOM   722 N  N   . GLN B 1 43 ? -26.339 13.684  -7.036  1.00 39.37 ? 137 GLN B N   1 
ATOM   723 C  CA  . GLN B 1 43 ? -27.230 13.543  -8.196  1.00 40.41 ? 137 GLN B CA  1 
ATOM   724 C  C   . GLN B 1 43 ? -28.392 12.605  -7.871  1.00 40.48 ? 137 GLN B C   1 
ATOM   725 O  O   . GLN B 1 43 ? -29.557 13.018  -7.864  1.00 41.02 ? 137 GLN B O   1 
ATOM   726 C  CB  . GLN B 1 43 ? -26.463 13.004  -9.407  1.00 40.47 ? 137 GLN B CB  1 
ATOM   727 C  CG  . GLN B 1 43 ? -25.430 13.973  -9.987  1.00 41.45 ? 137 GLN B CG  1 
ATOM   728 C  CD  . GLN B 1 43 ? -24.425 13.292  -10.911 1.00 42.12 ? 137 GLN B CD  1 
ATOM   729 O  OE1 . GLN B 1 43 ? -24.472 12.076  -11.119 1.00 45.16 ? 137 GLN B OE1 1 
ATOM   730 N  NE2 . GLN B 1 43 ? -23.506 14.080  -11.470 1.00 44.52 ? 137 GLN B NE2 1 
HETATM 731 CA CA  . CA  C 2 .  ? -6.381  0.313   -6.159  0.50 23.75 ? 501 CA  B CA  1 
HETATM 732 O  O   . HOH D 3 .  ? -6.458  -7.404  5.294   1.00 22.80 ? 2   HOH A O   1 
HETATM 733 O  O   . HOH D 3 .  ? -19.809 -2.377  -1.371  1.00 16.38 ? 3   HOH A O   1 
HETATM 734 O  O   . HOH D 3 .  ? -15.274 1.363   1.624   1.00 15.62 ? 5   HOH A O   1 
HETATM 735 O  O   . HOH D 3 .  ? -9.100  1.719   5.081   1.00 35.50 ? 6   HOH A O   1 
HETATM 736 O  O   . HOH D 3 .  ? -10.793 -6.617  -5.247  1.00 13.50 ? 7   HOH A O   1 
HETATM 737 O  O   . HOH D 3 .  ? -7.457  4.961   3.041   1.00 21.04 ? 8   HOH A O   1 
HETATM 738 O  O   . HOH D 3 .  ? -7.137  -6.792  0.029   1.00 17.77 ? 9   HOH A O   1 
HETATM 739 O  O   . HOH D 3 .  ? -11.235 -7.388  -1.304  1.00 14.39 ? 11  HOH A O   1 
HETATM 740 O  O   . HOH D 3 .  ? -20.330 1.586   4.176   1.00 33.09 ? 16  HOH A O   1 
HETATM 741 O  O   . HOH D 3 .  ? -14.834 4.015   2.896   1.00 29.53 ? 17  HOH A O   1 
HETATM 742 O  O   . HOH D 3 .  ? -11.926 -8.897  -3.535  1.00 26.97 ? 19  HOH A O   1 
HETATM 743 O  O   . HOH D 3 .  ? -15.368 -8.510  -3.737  1.00 28.31 ? 20  HOH A O   1 
HETATM 744 O  O   . HOH D 3 .  ? -13.523 -7.960  -5.972  1.00 28.96 ? 21  HOH A O   1 
HETATM 745 O  O   . HOH D 3 .  ? -22.310 -2.905  -2.438  1.00 27.68 ? 23  HOH A O   1 
HETATM 746 O  O   . HOH D 3 .  ? -16.947 5.343   2.975   1.00 55.29 ? 24  HOH A O   1 
HETATM 747 O  O   . HOH D 3 .  ? -17.546 1.393   4.431   1.00 33.58 ? 25  HOH A O   1 
HETATM 748 O  O   . HOH D 3 .  ? -19.215 4.103   6.063   1.00 50.10 ? 26  HOH A O   1 
HETATM 749 O  O   . HOH D 3 .  ? -13.485 1.791   5.225   1.00 31.53 ? 27  HOH A O   1 
HETATM 750 O  O   . HOH D 3 .  ? -3.285  -8.959  5.135   1.00 39.60 ? 28  HOH A O   1 
HETATM 751 O  O   . HOH D 3 .  ? 1.530   0.455   3.264   1.00 32.65 ? 29  HOH A O   1 
HETATM 752 O  O   . HOH D 3 .  ? -2.274  -9.497  1.028   1.00 43.55 ? 30  HOH A O   1 
HETATM 753 O  O   . HOH D 3 .  ? -10.796 -1.817  5.216   1.00 25.74 ? 32  HOH A O   1 
HETATM 754 O  O   . HOH D 3 .  ? -4.735  -1.785  8.707   1.00 41.36 ? 33  HOH A O   1 
HETATM 755 O  O   . HOH D 3 .  ? -2.168  1.528   0.995   1.00 43.02 ? 36  HOH A O   1 
HETATM 756 O  O   . HOH D 3 .  ? 11.914  -5.098  1.396   1.00 47.73 ? 37  HOH A O   1 
HETATM 757 O  O   . HOH D 3 .  ? -25.015 -0.263  -2.428  1.00 37.32 ? 39  HOH A O   1 
HETATM 758 O  O   . HOH D 3 .  ? -30.886 3.265   -15.878 1.00 67.57 ? 44  HOH A O   1 
HETATM 759 O  O   . HOH D 3 .  ? 29.431  -7.593  10.669  1.00 79.45 ? 45  HOH A O   1 
HETATM 760 O  O   . HOH D 3 .  ? -4.971  -6.947  7.838   1.00 37.99 ? 46  HOH A O   1 
HETATM 761 O  O   . HOH D 3 .  ? 28.371  -12.726 13.112  1.00 55.46 ? 51  HOH A O   1 
HETATM 762 O  O   . HOH D 3 .  ? -28.741 -5.308  -11.387 1.00 53.97 ? 60  HOH A O   1 
HETATM 763 O  O   . HOH D 3 .  ? -29.452 -6.673  -14.214 1.00 51.37 ? 61  HOH A O   1 
HETATM 764 O  O   . HOH E 3 .  ? 2.437   8.370   -10.688 1.00 30.93 ? 1   HOH B O   1 
HETATM 765 O  O   . HOH E 3 .  ? -3.818  -0.064  -0.948  1.00 22.70 ? 4   HOH B O   1 
HETATM 766 O  O   . HOH E 3 .  ? -17.749 9.461   -0.067  1.00 28.52 ? 10  HOH B O   1 
HETATM 767 O  O   . HOH E 3 .  ? 2.059   7.077   4.484   1.00 47.56 ? 12  HOH B O   1 
HETATM 768 O  O   . HOH E 3 .  ? 1.208   10.618  -6.253  1.00 49.32 ? 13  HOH B O   1 
HETATM 769 O  O   . HOH E 3 .  ? 3.057   6.577   2.230   1.00 39.76 ? 14  HOH B O   1 
HETATM 770 O  O   . HOH E 3 .  ? -6.741  12.153  -5.158  1.00 33.03 ? 15  HOH B O   1 
HETATM 771 O  O   . HOH E 3 .  ? 21.655  1.402   9.551   1.00 63.09 ? 18  HOH B O   1 
HETATM 772 O  O   . HOH E 3 .  ? -9.354  1.640   -7.888  0.50 17.78 ? 22  HOH B O   1 
HETATM 773 O  O   . HOH E 3 .  ? 1.855   10.122  -8.854  1.00 48.30 ? 31  HOH B O   1 
HETATM 774 O  O   . HOH E 3 .  ? 3.895   8.518   -4.285  1.00 44.80 ? 34  HOH B O   1 
HETATM 775 O  O   . HOH E 3 .  ? 13.145  2.949   -4.539  1.00 50.50 ? 35  HOH B O   1 
HETATM 776 O  O   . HOH E 3 .  ? -7.699  16.588  -7.496  1.00 44.35 ? 38  HOH B O   1 
HETATM 777 O  O   . HOH E 3 .  ? -8.568  15.025  -9.332  1.00 55.26 ? 40  HOH B O   1 
HETATM 778 O  O   . HOH E 3 .  ? 5.682   11.140  -7.194  1.00 57.82 ? 41  HOH B O   1 
HETATM 779 O  O   . HOH E 3 .  ? 8.439   3.047   -7.881  1.00 49.51 ? 42  HOH B O   1 
HETATM 780 O  O   . HOH E 3 .  ? -1.495  -1.526  -4.325  0.50 32.22 ? 43  HOH B O   1 
HETATM 781 O  O   . HOH E 3 .  ? 15.690  8.023   -0.816  1.00 72.97 ? 47  HOH B O   1 
HETATM 782 O  O   . HOH E 3 .  ? -28.836 10.528  -5.524  1.00 66.53 ? 48  HOH B O   1 
HETATM 783 O  O   . HOH E 3 .  ? -17.368 14.821  -4.514  1.00 34.62 ? 49  HOH B O   1 
HETATM 784 O  O   . HOH E 3 .  ? 4.336   8.379   3.770   1.00 59.42 ? 50  HOH B O   1 
HETATM 785 O  O   . HOH E 3 .  ? 3.507   9.731   -6.392  1.00 46.77 ? 52  HOH B O   1 
HETATM 786 O  O   . HOH E 3 .  ? -10.799 17.569  -3.680  1.00 46.42 ? 53  HOH B O   1 
HETATM 787 O  O   . HOH E 3 .  ? 10.282  5.949   2.172   1.00 56.50 ? 54  HOH B O   1 
HETATM 788 O  O   . HOH E 3 .  ? -31.371 14.870  -6.663  1.00 65.00 ? 55  HOH B O   1 
HETATM 789 O  O   . HOH E 3 .  ? 21.711  -3.435  -3.399  1.00 68.00 ? 56  HOH B O   1 
HETATM 790 O  O   . HOH E 3 .  ? 18.629  1.270   -0.016  1.00 60.07 ? 57  HOH B O   1 
HETATM 791 O  O   . HOH E 3 .  ? -7.965  14.923  -12.041 1.00 48.52 ? 58  HOH B O   1 
HETATM 792 O  O   . HOH E 3 .  ? -11.232 19.806  -8.088  1.00 55.99 ? 59  HOH B O   1 
# 
loop_
_pdbx_poly_seq_scheme.asym_id 
_pdbx_poly_seq_scheme.entity_id 
_pdbx_poly_seq_scheme.seq_id 
_pdbx_poly_seq_scheme.mon_id 
_pdbx_poly_seq_scheme.ndb_seq_num 
_pdbx_poly_seq_scheme.pdb_seq_num 
_pdbx_poly_seq_scheme.auth_seq_num 
_pdbx_poly_seq_scheme.pdb_mon_id 
_pdbx_poly_seq_scheme.auth_mon_id 
_pdbx_poly_seq_scheme.pdb_strand_id 
_pdbx_poly_seq_scheme.pdb_ins_code 
_pdbx_poly_seq_scheme.hetero 
A 1 1  ILE 1  95  95  ILE ILE A . n 
A 1 2  GLU 2  96  96  GLU GLU A . n 
A 1 3  LYS 3  97  97  LYS LYS A . n 
A 1 4  GLN 4  98  98  GLN GLN A . n 
A 1 5  MET 5  99  99  MET MET A . n 
A 1 6  ASP 6  100 100 ASP ASP A . n 
A 1 7  ARG 7  101 101 ARG ARG A . n 
A 1 8  VAL 8  102 102 VAL VAL A . n 
A 1 9  VAL 9  103 103 VAL VAL A . n 
A 1 10 LYS 10 104 104 LYS LYS A . n 
A 1 11 GLU 11 105 105 GLU GLU A . n 
A 1 12 MET 12 106 106 MET MET A . n 
A 1 13 ARG 13 107 107 ARG ARG A . n 
A 1 14 ARG 14 108 108 ARG ARG A . n 
A 1 15 GLN 15 109 109 GLN GLN A . n 
A 1 16 LEU 16 110 110 LEU LEU A . n 
A 1 17 GLU 17 111 111 GLU GLU A . n 
A 1 18 MET 18 112 112 MET MET A . n 
A 1 19 ILE 19 113 113 ILE ILE A . n 
A 1 20 ASP 20 114 114 ASP ASP A . n 
A 1 21 LYS 21 115 115 LYS LYS A . n 
A 1 22 LEU 22 116 116 LEU LEU A . n 
A 1 23 THR 23 117 117 THR THR A . n 
A 1 24 THR 24 118 118 THR THR A . n 
A 1 25 ARG 25 119 119 ARG ARG A . n 
A 1 26 GLU 26 120 120 GLU GLU A . n 
A 1 27 ILE 27 121 121 ILE ILE A . n 
A 1 28 GLU 28 122 122 GLU GLU A . n 
A 1 29 GLN 29 123 123 GLN GLN A . n 
A 1 30 VAL 30 124 124 VAL VAL A . n 
A 1 31 GLU 31 125 125 GLU GLU A . n 
A 1 32 LEU 32 126 126 LEU LEU A . n 
A 1 33 LEU 33 127 127 LEU LEU A . n 
A 1 34 LYS 34 128 128 LYS LYS A . n 
A 1 35 ARG 35 129 129 ARG ARG A . n 
A 1 36 ILE 36 130 130 ILE ILE A . n 
A 1 37 TYR 37 131 131 TYR TYR A . n 
A 1 38 ASP 38 132 132 ASP ASP A . n 
A 1 39 LYS 39 133 133 LYS LYS A . n 
A 1 40 LEU 40 134 134 LEU LEU A . n 
A 1 41 THR 41 135 135 THR THR A . n 
A 1 42 VAL 42 136 136 VAL VAL A . n 
A 1 43 GLN 43 137 137 GLN GLN A . n 
A 1 44 THR 44 138 ?   ?   ?   A . n 
A 1 45 THR 45 139 ?   ?   ?   A . n 
A 1 46 GLY 46 140 ?   ?   ?   A . n 
A 1 47 GLU 47 141 ?   ?   ?   A . n 
A 1 48 ILE 48 142 ?   ?   ?   A . n 
A 1 49 ASP 49 143 ?   ?   ?   A . n 
A 1 50 MET 50 144 ?   ?   ?   A . n 
A 1 51 THR 51 145 ?   ?   ?   A . n 
A 1 52 LYS 52 146 ?   ?   ?   A . n 
B 1 1  ILE 1  95  95  ILE ILE B . n 
B 1 2  GLU 2  96  96  GLU GLU B . n 
B 1 3  LYS 3  97  97  LYS LYS B . n 
B 1 4  GLN 4  98  98  GLN GLN B . n 
B 1 5  MET 5  99  99  MET MET B . n 
B 1 6  ASP 6  100 100 ASP ASP B . n 
B 1 7  ARG 7  101 101 ARG ARG B . n 
B 1 8  VAL 8  102 102 VAL VAL B . n 
B 1 9  VAL 9  103 103 VAL VAL B . n 
B 1 10 LYS 10 104 104 LYS LYS B . n 
B 1 11 GLU 11 105 105 GLU GLU B . n 
B 1 12 MET 12 106 106 MET MET B . n 
B 1 13 ARG 13 107 107 ARG ARG B . n 
B 1 14 ARG 14 108 108 ARG ARG B . n 
B 1 15 GLN 15 109 109 GLN GLN B . n 
B 1 16 LEU 16 110 110 LEU LEU B . n 
B 1 17 GLU 17 111 111 GLU GLU B . n 
B 1 18 MET 18 112 112 MET MET B . n 
B 1 19 ILE 19 113 113 ILE ILE B . n 
B 1 20 ASP 20 114 114 ASP ASP B . n 
B 1 21 LYS 21 115 115 LYS LYS B . n 
B 1 22 LEU 22 116 116 LEU LEU B . n 
B 1 23 THR 23 117 117 THR THR B . n 
B 1 24 THR 24 118 118 THR THR B . n 
B 1 25 ARG 25 119 119 ARG ARG B . n 
B 1 26 GLU 26 120 120 GLU GLU B . n 
B 1 27 ILE 27 121 121 ILE ILE B . n 
B 1 28 GLU 28 122 122 GLU GLU B . n 
B 1 29 GLN 29 123 123 GLN GLN B . n 
B 1 30 VAL 30 124 124 VAL VAL B . n 
B 1 31 GLU 31 125 125 GLU GLU B . n 
B 1 32 LEU 32 126 126 LEU LEU B . n 
B 1 33 LEU 33 127 127 LEU LEU B . n 
B 1 34 LYS 34 128 128 LYS LYS B . n 
B 1 35 ARG 35 129 129 ARG ARG B . n 
B 1 36 ILE 36 130 130 ILE ILE B . n 
B 1 37 TYR 37 131 131 TYR TYR B . n 
B 1 38 ASP 38 132 132 ASP ASP B . n 
B 1 39 LYS 39 133 133 LYS LYS B . n 
B 1 40 LEU 40 134 134 LEU LEU B . n 
B 1 41 THR 41 135 135 THR THR B . n 
B 1 42 VAL 42 136 136 VAL VAL B . n 
B 1 43 GLN 43 137 137 GLN GLN B . n 
B 1 44 THR 44 138 ?   ?   ?   B . n 
B 1 45 THR 45 139 ?   ?   ?   B . n 
B 1 46 GLY 46 140 ?   ?   ?   B . n 
B 1 47 GLU 47 141 ?   ?   ?   B . n 
B 1 48 ILE 48 142 ?   ?   ?   B . n 
B 1 49 ASP 49 143 ?   ?   ?   B . n 
B 1 50 MET 50 144 ?   ?   ?   B . n 
B 1 51 THR 51 145 ?   ?   ?   B . n 
B 1 52 LYS 52 146 ?   ?   ?   B . n 
# 
loop_
_pdbx_nonpoly_scheme.asym_id 
_pdbx_nonpoly_scheme.entity_id 
_pdbx_nonpoly_scheme.mon_id 
_pdbx_nonpoly_scheme.ndb_seq_num 
_pdbx_nonpoly_scheme.pdb_seq_num 
_pdbx_nonpoly_scheme.auth_seq_num 
_pdbx_nonpoly_scheme.pdb_mon_id 
_pdbx_nonpoly_scheme.auth_mon_id 
_pdbx_nonpoly_scheme.pdb_strand_id 
_pdbx_nonpoly_scheme.pdb_ins_code 
C 2 CA  1  501 1  CA  CA  B . 
D 3 HOH 1  2   2  HOH HOH A . 
D 3 HOH 2  3   3  HOH HOH A . 
D 3 HOH 3  5   5  HOH HOH A . 
D 3 HOH 4  6   6  HOH HOH A . 
D 3 HOH 5  7   7  HOH HOH A . 
D 3 HOH 6  8   8  HOH HOH A . 
D 3 HOH 7  9   9  HOH HOH A . 
D 3 HOH 8  11  11 HOH HOH A . 
D 3 HOH 9  16  16 HOH HOH A . 
D 3 HOH 10 17  17 HOH HOH A . 
D 3 HOH 11 19  19 HOH HOH A . 
D 3 HOH 12 20  20 HOH HOH A . 
D 3 HOH 13 21  21 HOH HOH A . 
D 3 HOH 14 23  23 HOH HOH A . 
D 3 HOH 15 24  24 HOH HOH A . 
D 3 HOH 16 25  25 HOH HOH A . 
D 3 HOH 17 26  26 HOH HOH A . 
D 3 HOH 18 27  27 HOH HOH A . 
D 3 HOH 19 28  28 HOH HOH A . 
D 3 HOH 20 29  29 HOH HOH A . 
D 3 HOH 21 30  30 HOH HOH A . 
D 3 HOH 22 32  32 HOH HOH A . 
D 3 HOH 23 33  33 HOH HOH A . 
D 3 HOH 24 36  36 HOH HOH A . 
D 3 HOH 25 37  37 HOH HOH A . 
D 3 HOH 26 39  39 HOH HOH A . 
D 3 HOH 27 44  44 HOH HOH A . 
D 3 HOH 28 45  45 HOH HOH A . 
D 3 HOH 29 46  46 HOH HOH A . 
D 3 HOH 30 51  51 HOH HOH A . 
D 3 HOH 31 60  60 HOH HOH A . 
D 3 HOH 32 61  61 HOH HOH A . 
E 3 HOH 1  1   1  HOH HOH B . 
E 3 HOH 2  4   4  HOH HOH B . 
E 3 HOH 3  10  10 HOH HOH B . 
E 3 HOH 4  12  12 HOH HOH B . 
E 3 HOH 5  13  13 HOH HOH B . 
E 3 HOH 6  14  14 HOH HOH B . 
E 3 HOH 7  15  15 HOH HOH B . 
E 3 HOH 8  18  18 HOH HOH B . 
E 3 HOH 9  22  22 HOH HOH B . 
E 3 HOH 10 31  31 HOH HOH B . 
E 3 HOH 11 34  34 HOH HOH B . 
E 3 HOH 12 35  35 HOH HOH B . 
E 3 HOH 13 38  38 HOH HOH B . 
E 3 HOH 14 40  40 HOH HOH B . 
E 3 HOH 15 41  41 HOH HOH B . 
E 3 HOH 16 42  42 HOH HOH B . 
E 3 HOH 17 43  43 HOH HOH B . 
E 3 HOH 18 47  47 HOH HOH B . 
E 3 HOH 19 48  48 HOH HOH B . 
E 3 HOH 20 49  49 HOH HOH B . 
E 3 HOH 21 50  50 HOH HOH B . 
E 3 HOH 22 52  52 HOH HOH B . 
E 3 HOH 23 53  53 HOH HOH B . 
E 3 HOH 24 54  54 HOH HOH B . 
E 3 HOH 25 55  55 HOH HOH B . 
E 3 HOH 26 56  56 HOH HOH B . 
E 3 HOH 27 57  57 HOH HOH B . 
E 3 HOH 28 58  58 HOH HOH B . 
E 3 HOH 29 59  59 HOH HOH B . 
# 
_pdbx_struct_assembly.id                   1 
_pdbx_struct_assembly.details              author_and_software_defined_assembly 
_pdbx_struct_assembly.method_details       PISA 
_pdbx_struct_assembly.oligomeric_details   tetrameric 
_pdbx_struct_assembly.oligomeric_count     4 
# 
_pdbx_struct_assembly_gen.assembly_id       1 
_pdbx_struct_assembly_gen.oper_expression   1,2 
_pdbx_struct_assembly_gen.asym_id_list      A,B,C,D,E 
# 
loop_
_pdbx_struct_assembly_prop.biol_id 
_pdbx_struct_assembly_prop.type 
_pdbx_struct_assembly_prop.value 
_pdbx_struct_assembly_prop.details 
1 'ABSA (A^2)' 8770 ? 
1 MORE         -110 ? 
1 'SSA (A^2)'  9210 ? 
# 
loop_
_pdbx_struct_oper_list.id 
_pdbx_struct_oper_list.type 
_pdbx_struct_oper_list.name 
_pdbx_struct_oper_list.symmetry_operation 
_pdbx_struct_oper_list.matrix[1][1] 
_pdbx_struct_oper_list.matrix[1][2] 
_pdbx_struct_oper_list.matrix[1][3] 
_pdbx_struct_oper_list.vector[1] 
_pdbx_struct_oper_list.matrix[2][1] 
_pdbx_struct_oper_list.matrix[2][2] 
_pdbx_struct_oper_list.matrix[2][3] 
_pdbx_struct_oper_list.vector[2] 
_pdbx_struct_oper_list.matrix[3][1] 
_pdbx_struct_oper_list.matrix[3][2] 
_pdbx_struct_oper_list.matrix[3][3] 
_pdbx_struct_oper_list.vector[3] 
1 'identity operation'         1_555 x,y,z       1.0000000000 0.0000000000  0.0000000000 0.0000000000 0.0000000000  1.0000000000  0.0000000000  0.0000000000  0.0000000000 0.0000000000  1.0000000000  0.0000000000  
2 'crystal symmetry operation' 2_665 -x+1,-y+1,z 0.4101031329 -0.7032621465 0.5807217696 0.0508806539 -0.7032621465 -0.6492613659 -0.2896239493 -5.7144729081 0.5807217696 -0.2896239493 -0.7608417670 -7.0438541614 
# 
_pdbx_struct_special_symmetry.id              1 
_pdbx_struct_special_symmetry.PDB_model_num   1 
_pdbx_struct_special_symmetry.auth_asym_id    B 
_pdbx_struct_special_symmetry.auth_comp_id    CA 
_pdbx_struct_special_symmetry.auth_seq_id     501 
_pdbx_struct_special_symmetry.PDB_ins_code    ? 
_pdbx_struct_special_symmetry.label_asym_id   C 
_pdbx_struct_special_symmetry.label_comp_id   CA 
_pdbx_struct_special_symmetry.label_seq_id    . 
# 
loop_
_pdbx_struct_conn_angle.id 
_pdbx_struct_conn_angle.ptnr1_label_atom_id 
_pdbx_struct_conn_angle.ptnr1_label_alt_id 
_pdbx_struct_conn_angle.ptnr1_label_asym_id 
_pdbx_struct_conn_angle.ptnr1_label_comp_id 
_pdbx_struct_conn_angle.ptnr1_label_seq_id 
_pdbx_struct_conn_angle.ptnr1_auth_atom_id 
_pdbx_struct_conn_angle.ptnr1_auth_asym_id 
_pdbx_struct_conn_angle.ptnr1_auth_comp_id 
_pdbx_struct_conn_angle.ptnr1_auth_seq_id 
_pdbx_struct_conn_angle.ptnr1_PDB_ins_code 
_pdbx_struct_conn_angle.ptnr1_symmetry 
_pdbx_struct_conn_angle.ptnr2_label_atom_id 
_pdbx_struct_conn_angle.ptnr2_label_alt_id 
_pdbx_struct_conn_angle.ptnr2_label_asym_id 
_pdbx_struct_conn_angle.ptnr2_label_comp_id 
_pdbx_struct_conn_angle.ptnr2_label_seq_id 
_pdbx_struct_conn_angle.ptnr2_auth_atom_id 
_pdbx_struct_conn_angle.ptnr2_auth_asym_id 
_pdbx_struct_conn_angle.ptnr2_auth_comp_id 
_pdbx_struct_conn_angle.ptnr2_auth_seq_id 
_pdbx_struct_conn_angle.ptnr2_PDB_ins_code 
_pdbx_struct_conn_angle.ptnr2_symmetry 
_pdbx_struct_conn_angle.ptnr3_label_atom_id 
_pdbx_struct_conn_angle.ptnr3_label_alt_id 
_pdbx_struct_conn_angle.ptnr3_label_asym_id 
_pdbx_struct_conn_angle.ptnr3_label_comp_id 
_pdbx_struct_conn_angle.ptnr3_label_seq_id 
_pdbx_struct_conn_angle.ptnr3_auth_atom_id 
_pdbx_struct_conn_angle.ptnr3_auth_asym_id 
_pdbx_struct_conn_angle.ptnr3_auth_comp_id 
_pdbx_struct_conn_angle.ptnr3_auth_seq_id 
_pdbx_struct_conn_angle.ptnr3_PDB_ins_code 
_pdbx_struct_conn_angle.ptnr3_symmetry 
_pdbx_struct_conn_angle.value 
_pdbx_struct_conn_angle.value_esd 
1  OE1 ? A GLN 29 ? A GLN 123 ? 1_555 CA ? C CA . ? B CA 501 ? 1_555 OE1 ? A GLN 29 ? A GLN 123 ? 2_665 167.5 ? 
2  OE1 ? A GLN 29 ? A GLN 123 ? 1_555 CA ? C CA . ? B CA 501 ? 1_555 OE1 ? B GLU 26 ? B GLU 120 ? 1_555 60.8  ? 
3  OE1 ? A GLN 29 ? A GLN 123 ? 2_665 CA ? C CA . ? B CA 501 ? 1_555 OE1 ? B GLU 26 ? B GLU 120 ? 1_555 108.2 ? 
4  OE1 ? A GLN 29 ? A GLN 123 ? 1_555 CA ? C CA . ? B CA 501 ? 1_555 OE2 ? B GLU 26 ? B GLU 120 ? 1_555 100.7 ? 
5  OE1 ? A GLN 29 ? A GLN 123 ? 2_665 CA ? C CA . ? B CA 501 ? 1_555 OE2 ? B GLU 26 ? B GLU 120 ? 1_555 68.5  ? 
6  OE1 ? B GLU 26 ? B GLU 120 ? 1_555 CA ? C CA . ? B CA 501 ? 1_555 OE2 ? B GLU 26 ? B GLU 120 ? 1_555 39.9  ? 
7  OE1 ? A GLN 29 ? A GLN 123 ? 1_555 CA ? C CA . ? B CA 501 ? 1_555 OE2 ? B GLU 26 ? B GLU 120 ? 2_665 68.9  ? 
8  OE1 ? A GLN 29 ? A GLN 123 ? 2_665 CA ? C CA . ? B CA 501 ? 1_555 OE2 ? B GLU 26 ? B GLU 120 ? 2_665 101.2 ? 
9  OE1 ? B GLU 26 ? B GLU 120 ? 1_555 CA ? C CA . ? B CA 501 ? 1_555 OE2 ? B GLU 26 ? B GLU 120 ? 2_665 62.1  ? 
10 OE2 ? B GLU 26 ? B GLU 120 ? 1_555 CA ? C CA . ? B CA 501 ? 1_555 OE2 ? B GLU 26 ? B GLU 120 ? 2_665 74.6  ? 
11 OE1 ? A GLN 29 ? A GLN 123 ? 1_555 CA ? C CA . ? B CA 501 ? 1_555 OE1 ? B GLU 26 ? B GLU 120 ? 2_665 108.9 ? 
12 OE1 ? A GLN 29 ? A GLN 123 ? 2_665 CA ? C CA . ? B CA 501 ? 1_555 OE1 ? B GLU 26 ? B GLU 120 ? 2_665 61.0  ? 
13 OE1 ? B GLU 26 ? B GLU 120 ? 1_555 CA ? C CA . ? B CA 501 ? 1_555 OE1 ? B GLU 26 ? B GLU 120 ? 2_665 78.4  ? 
14 OE2 ? B GLU 26 ? B GLU 120 ? 1_555 CA ? C CA . ? B CA 501 ? 1_555 OE1 ? B GLU 26 ? B GLU 120 ? 2_665 62.1  ? 
15 OE2 ? B GLU 26 ? B GLU 120 ? 2_665 CA ? C CA . ? B CA 501 ? 1_555 OE1 ? B GLU 26 ? B GLU 120 ? 2_665 40.2  ? 
16 OE1 ? A GLN 29 ? A GLN 123 ? 1_555 CA ? C CA . ? B CA 501 ? 1_555 OE1 ? B GLN 29 ? B GLN 123 ? 1_555 108.9 ? 
17 OE1 ? A GLN 29 ? A GLN 123 ? 2_665 CA ? C CA . ? B CA 501 ? 1_555 OE1 ? B GLN 29 ? B GLN 123 ? 1_555 78.5  ? 
18 OE1 ? B GLU 26 ? B GLU 120 ? 1_555 CA ? C CA . ? B CA 501 ? 1_555 OE1 ? B GLN 29 ? B GLN 123 ? 1_555 103.2 ? 
19 OE2 ? B GLU 26 ? B GLU 120 ? 1_555 CA ? C CA . ? B CA 501 ? 1_555 OE1 ? B GLN 29 ? B GLN 123 ? 1_555 91.4  ? 
20 OE2 ? B GLU 26 ? B GLU 120 ? 2_665 CA ? C CA . ? B CA 501 ? 1_555 OE1 ? B GLN 29 ? B GLN 123 ? 1_555 164.8 ? 
21 OE1 ? B GLU 26 ? B GLU 120 ? 2_665 CA ? C CA . ? B CA 501 ? 1_555 OE1 ? B GLN 29 ? B GLN 123 ? 1_555 137.0 ? 
22 OE1 ? A GLN 29 ? A GLN 123 ? 1_555 CA ? C CA . ? B CA 501 ? 1_555 OE1 ? B GLN 29 ? B GLN 123 ? 2_665 79.1  ? 
23 OE1 ? A GLN 29 ? A GLN 123 ? 2_665 CA ? C CA . ? B CA 501 ? 1_555 OE1 ? B GLN 29 ? B GLN 123 ? 2_665 109.7 ? 
24 OE1 ? B GLU 26 ? B GLU 120 ? 1_555 CA ? C CA . ? B CA 501 ? 1_555 OE1 ? B GLN 29 ? B GLN 123 ? 2_665 137.7 ? 
25 OE2 ? B GLU 26 ? B GLU 120 ? 1_555 CA ? C CA . ? B CA 501 ? 1_555 OE1 ? B GLN 29 ? B GLN 123 ? 2_665 166.0 ? 
26 OE2 ? B GLU 26 ? B GLU 120 ? 2_665 CA ? C CA . ? B CA 501 ? 1_555 OE1 ? B GLN 29 ? B GLN 123 ? 2_665 92.5  ? 
27 OE1 ? B GLU 26 ? B GLU 120 ? 2_665 CA ? C CA . ? B CA 501 ? 1_555 OE1 ? B GLN 29 ? B GLN 123 ? 2_665 104.5 ? 
28 OE1 ? B GLN 29 ? B GLN 123 ? 1_555 CA ? C CA . ? B CA 501 ? 1_555 OE1 ? B GLN 29 ? B GLN 123 ? 2_665 102.0 ? 
# 
loop_
_pdbx_audit_revision_history.ordinal 
_pdbx_audit_revision_history.data_content_type 
_pdbx_audit_revision_history.major_revision 
_pdbx_audit_revision_history.minor_revision 
_pdbx_audit_revision_history.revision_date 
1 'Structure model' 1 0 2006-12-26 
2 'Structure model' 1 1 2008-05-01 
3 'Structure model' 1 2 2011-07-13 
4 'Structure model' 1 3 2017-10-18 
5 'Structure model' 1 4 2023-10-25 
# 
_pdbx_audit_revision_details.ordinal             1 
_pdbx_audit_revision_details.revision_ordinal    1 
_pdbx_audit_revision_details.data_content_type   'Structure model' 
_pdbx_audit_revision_details.provider            repository 
_pdbx_audit_revision_details.type                'Initial release' 
_pdbx_audit_revision_details.description         ? 
_pdbx_audit_revision_details.details             ? 
# 
loop_
_pdbx_audit_revision_group.ordinal 
_pdbx_audit_revision_group.revision_ordinal 
_pdbx_audit_revision_group.data_content_type 
_pdbx_audit_revision_group.group 
1 2 'Structure model' 'Version format compliance' 
2 3 'Structure model' Advisory                    
3 3 'Structure model' 'Derived calculations'      
4 3 'Structure model' 'Version format compliance' 
5 4 'Structure model' 'Refinement description'    
6 5 'Structure model' 'Data collection'           
7 5 'Structure model' 'Database references'       
8 5 'Structure model' 'Derived calculations'      
9 5 'Structure model' 'Refinement description'    
# 
loop_
_pdbx_audit_revision_category.ordinal 
_pdbx_audit_revision_category.revision_ordinal 
_pdbx_audit_revision_category.data_content_type 
_pdbx_audit_revision_category.category 
1 4 'Structure model' software                      
2 5 'Structure model' chem_comp_atom                
3 5 'Structure model' chem_comp_bond                
4 5 'Structure model' database_2                    
5 5 'Structure model' pdbx_initial_refinement_model 
6 5 'Structure model' pdbx_struct_conn_angle        
7 5 'Structure model' struct_conn                   
8 5 'Structure model' struct_site                   
# 
loop_
_pdbx_audit_revision_item.ordinal 
_pdbx_audit_revision_item.revision_ordinal 
_pdbx_audit_revision_item.data_content_type 
_pdbx_audit_revision_item.item 
1  4 'Structure model' '_software.name'                              
2  5 'Structure model' '_database_2.pdbx_DOI'                        
3  5 'Structure model' '_database_2.pdbx_database_accession'         
4  5 'Structure model' '_pdbx_struct_conn_angle.ptnr1_auth_asym_id'  
5  5 'Structure model' '_pdbx_struct_conn_angle.ptnr1_auth_comp_id'  
6  5 'Structure model' '_pdbx_struct_conn_angle.ptnr1_auth_seq_id'   
7  5 'Structure model' '_pdbx_struct_conn_angle.ptnr1_label_asym_id' 
8  5 'Structure model' '_pdbx_struct_conn_angle.ptnr1_label_atom_id' 
9  5 'Structure model' '_pdbx_struct_conn_angle.ptnr1_label_comp_id' 
10 5 'Structure model' '_pdbx_struct_conn_angle.ptnr1_label_seq_id'  
11 5 'Structure model' '_pdbx_struct_conn_angle.ptnr1_symmetry'      
12 5 'Structure model' '_pdbx_struct_conn_angle.ptnr3_auth_asym_id'  
13 5 'Structure model' '_pdbx_struct_conn_angle.ptnr3_auth_comp_id'  
14 5 'Structure model' '_pdbx_struct_conn_angle.ptnr3_auth_seq_id'   
15 5 'Structure model' '_pdbx_struct_conn_angle.ptnr3_label_asym_id' 
16 5 'Structure model' '_pdbx_struct_conn_angle.ptnr3_label_atom_id' 
17 5 'Structure model' '_pdbx_struct_conn_angle.ptnr3_label_comp_id' 
18 5 'Structure model' '_pdbx_struct_conn_angle.ptnr3_label_seq_id'  
19 5 'Structure model' '_pdbx_struct_conn_angle.ptnr3_symmetry'      
20 5 'Structure model' '_pdbx_struct_conn_angle.value'               
21 5 'Structure model' '_struct_conn.pdbx_dist_value'                
22 5 'Structure model' '_struct_conn.ptnr1_auth_asym_id'             
23 5 'Structure model' '_struct_conn.ptnr1_auth_comp_id'             
24 5 'Structure model' '_struct_conn.ptnr1_auth_seq_id'              
25 5 'Structure model' '_struct_conn.ptnr1_label_asym_id'            
26 5 'Structure model' '_struct_conn.ptnr1_label_atom_id'            
27 5 'Structure model' '_struct_conn.ptnr1_label_comp_id'            
28 5 'Structure model' '_struct_conn.ptnr1_label_seq_id'             
29 5 'Structure model' '_struct_conn.ptnr1_symmetry'                 
30 5 'Structure model' '_struct_conn.ptnr2_auth_asym_id'             
31 5 'Structure model' '_struct_conn.ptnr2_auth_comp_id'             
32 5 'Structure model' '_struct_conn.ptnr2_auth_seq_id'              
33 5 'Structure model' '_struct_conn.ptnr2_label_asym_id'            
34 5 'Structure model' '_struct_conn.ptnr2_label_atom_id'            
35 5 'Structure model' '_struct_conn.ptnr2_label_comp_id'            
36 5 'Structure model' '_struct_conn.ptnr2_label_seq_id'             
37 5 'Structure model' '_struct_conn.ptnr2_symmetry'                 
38 5 'Structure model' '_struct_site.pdbx_auth_asym_id'              
39 5 'Structure model' '_struct_site.pdbx_auth_comp_id'              
40 5 'Structure model' '_struct_site.pdbx_auth_seq_id'               
# 
loop_
_pdbx_refine_tls.id 
_pdbx_refine_tls.details 
_pdbx_refine_tls.method 
_pdbx_refine_tls.origin_x 
_pdbx_refine_tls.origin_y 
_pdbx_refine_tls.origin_z 
_pdbx_refine_tls.T[1][1] 
_pdbx_refine_tls.T[2][2] 
_pdbx_refine_tls.T[3][3] 
_pdbx_refine_tls.T[1][2] 
_pdbx_refine_tls.T[1][3] 
_pdbx_refine_tls.T[2][3] 
_pdbx_refine_tls.L[1][1] 
_pdbx_refine_tls.L[2][2] 
_pdbx_refine_tls.L[3][3] 
_pdbx_refine_tls.L[1][2] 
_pdbx_refine_tls.L[1][3] 
_pdbx_refine_tls.L[2][3] 
_pdbx_refine_tls.S[1][1] 
_pdbx_refine_tls.S[1][2] 
_pdbx_refine_tls.S[1][3] 
_pdbx_refine_tls.S[2][1] 
_pdbx_refine_tls.S[2][2] 
_pdbx_refine_tls.S[2][3] 
_pdbx_refine_tls.S[3][1] 
_pdbx_refine_tls.S[3][2] 
_pdbx_refine_tls.S[3][3] 
_pdbx_refine_tls.pdbx_refine_id 
1 ? refined -2.0720 -3.0488 1.9772  -0.0354 -0.0181 -0.0301 -0.0123 -0.0100 -0.0070 10.4689 1.8044 3.5713 -1.5440 4.0791 -1.3447 0.0107  -0.1072 0.0430  0.1455 -0.0662 -0.2061 0.0169  0.2350 0.0555  'X-RAY DIFFRACTION' 
2 ? refined 1.8364  3.0437  -2.1514 -0.0455 -0.0158 -0.0282 -0.0292 -0.0062 -0.0106 12.2125 3.4673 1.3043 -4.0072 0.3169 -0.4771 -0.0065 -0.3404 -0.0673 0.0613 0.0290  -0.3406 -0.0960 0.1666 -0.0225 'X-RAY DIFFRACTION' 
# 
loop_
_pdbx_refine_tls_group.id 
_pdbx_refine_tls_group.refine_tls_id 
_pdbx_refine_tls_group.beg_auth_asym_id 
_pdbx_refine_tls_group.beg_auth_seq_id 
_pdbx_refine_tls_group.beg_label_asym_id 
_pdbx_refine_tls_group.beg_label_seq_id 
_pdbx_refine_tls_group.end_auth_asym_id 
_pdbx_refine_tls_group.end_auth_seq_id 
_pdbx_refine_tls_group.end_label_asym_id 
_pdbx_refine_tls_group.end_label_seq_id 
_pdbx_refine_tls_group.selection 
_pdbx_refine_tls_group.pdbx_refine_id 
_pdbx_refine_tls_group.selection_details 
1 1 A 95 A 1 A 137 A 43 ? 'X-RAY DIFFRACTION' ? 
2 2 B 95 B 1 B 137 B 43 ? 'X-RAY DIFFRACTION' ? 
# 
loop_
_software.name 
_software.classification 
_software.version 
_software.citation_id 
_software.pdbx_ordinal 
REFMAC refinement        5.2.0009  ? 1 
MAR345 'data collection' 345DTB    ? 2 
MOSFLM 'data reduction'  .         ? 3 
CCP4   'data scaling'    '(SCALA)' ? 4 
AMoRE  phasing           .         ? 5 
# 
loop_
_pdbx_unobs_or_zero_occ_atoms.id 
_pdbx_unobs_or_zero_occ_atoms.PDB_model_num 
_pdbx_unobs_or_zero_occ_atoms.polymer_flag 
_pdbx_unobs_or_zero_occ_atoms.occupancy_flag 
_pdbx_unobs_or_zero_occ_atoms.auth_asym_id 
_pdbx_unobs_or_zero_occ_atoms.auth_comp_id 
_pdbx_unobs_or_zero_occ_atoms.auth_seq_id 
_pdbx_unobs_or_zero_occ_atoms.PDB_ins_code 
_pdbx_unobs_or_zero_occ_atoms.auth_atom_id 
_pdbx_unobs_or_zero_occ_atoms.label_alt_id 
_pdbx_unobs_or_zero_occ_atoms.label_asym_id 
_pdbx_unobs_or_zero_occ_atoms.label_comp_id 
_pdbx_unobs_or_zero_occ_atoms.label_seq_id 
_pdbx_unobs_or_zero_occ_atoms.label_atom_id 
1  1 Y 1 A LYS 97  ? CG  ? A LYS 3  CG  
2  1 Y 1 A LYS 97  ? CD  ? A LYS 3  CD  
3  1 Y 1 A LYS 97  ? CE  ? A LYS 3  CE  
4  1 Y 1 A LYS 97  ? NZ  ? A LYS 3  NZ  
5  1 Y 1 A LYS 104 ? CG  ? A LYS 10 CG  
6  1 Y 1 A LYS 104 ? CD  ? A LYS 10 CD  
7  1 Y 1 A LYS 104 ? CE  ? A LYS 10 CE  
8  1 Y 1 A LYS 104 ? NZ  ? A LYS 10 NZ  
9  1 Y 1 A ARG 107 ? CG  ? A ARG 13 CG  
10 1 Y 1 A ARG 107 ? CD  ? A ARG 13 CD  
11 1 Y 1 A ARG 107 ? NE  ? A ARG 13 NE  
12 1 Y 1 A ARG 107 ? CZ  ? A ARG 13 CZ  
13 1 Y 1 A ARG 107 ? NH1 ? A ARG 13 NH1 
14 1 Y 1 A ARG 107 ? NH2 ? A ARG 13 NH2 
15 1 Y 1 A TYR 131 ? OH  ? A TYR 37 OH  
16 1 Y 1 A GLN 137 ? CG  ? A GLN 43 CG  
17 1 Y 1 A GLN 137 ? CD  ? A GLN 43 CD  
18 1 Y 1 A GLN 137 ? OE1 ? A GLN 43 OE1 
19 1 Y 1 A GLN 137 ? NE2 ? A GLN 43 NE2 
20 1 Y 1 B GLU 96  ? CG  ? B GLU 2  CG  
21 1 Y 1 B GLU 96  ? CD  ? B GLU 2  CD  
22 1 Y 1 B GLU 96  ? OE1 ? B GLU 2  OE1 
23 1 Y 1 B GLU 96  ? OE2 ? B GLU 2  OE2 
24 1 Y 1 B LYS 97  ? CG  ? B LYS 3  CG  
25 1 Y 1 B LYS 97  ? CD  ? B LYS 3  CD  
26 1 Y 1 B LYS 97  ? CE  ? B LYS 3  CE  
27 1 Y 1 B LYS 97  ? NZ  ? B LYS 3  NZ  
28 1 Y 1 B GLN 98  ? CG  ? B GLN 4  CG  
29 1 Y 1 B GLN 98  ? CD  ? B GLN 4  CD  
30 1 Y 1 B GLN 98  ? OE1 ? B GLN 4  OE1 
31 1 Y 1 B GLN 98  ? NE2 ? B GLN 4  NE2 
32 1 Y 1 B ARG 101 ? CG  ? B ARG 7  CG  
33 1 Y 1 B ARG 101 ? CD  ? B ARG 7  CD  
34 1 Y 1 B ARG 101 ? NE  ? B ARG 7  NE  
35 1 Y 1 B ARG 101 ? CZ  ? B ARG 7  CZ  
36 1 Y 1 B ARG 101 ? NH1 ? B ARG 7  NH1 
37 1 Y 1 B ARG 101 ? NH2 ? B ARG 7  NH2 
38 1 Y 1 B LYS 104 ? CG  ? B LYS 10 CG  
39 1 Y 1 B LYS 104 ? CD  ? B LYS 10 CD  
40 1 Y 1 B LYS 104 ? CE  ? B LYS 10 CE  
41 1 Y 1 B LYS 104 ? NZ  ? B LYS 10 NZ  
42 1 Y 1 B TYR 131 ? OH  ? B TYR 37 OH  
# 
loop_
_pdbx_unobs_or_zero_occ_residues.id 
_pdbx_unobs_or_zero_occ_residues.PDB_model_num 
_pdbx_unobs_or_zero_occ_residues.polymer_flag 
_pdbx_unobs_or_zero_occ_residues.occupancy_flag 
_pdbx_unobs_or_zero_occ_residues.auth_asym_id 
_pdbx_unobs_or_zero_occ_residues.auth_comp_id 
_pdbx_unobs_or_zero_occ_residues.auth_seq_id 
_pdbx_unobs_or_zero_occ_residues.PDB_ins_code 
_pdbx_unobs_or_zero_occ_residues.label_asym_id 
_pdbx_unobs_or_zero_occ_residues.label_comp_id 
_pdbx_unobs_or_zero_occ_residues.label_seq_id 
1  1 Y 1 A THR 138 ? A THR 44 
2  1 Y 1 A THR 139 ? A THR 45 
3  1 Y 1 A GLY 140 ? A GLY 46 
4  1 Y 1 A GLU 141 ? A GLU 47 
5  1 Y 1 A ILE 142 ? A ILE 48 
6  1 Y 1 A ASP 143 ? A ASP 49 
7  1 Y 1 A MET 144 ? A MET 50 
8  1 Y 1 A THR 145 ? A THR 51 
9  1 Y 1 A LYS 146 ? A LYS 52 
10 1 Y 1 B THR 138 ? B THR 44 
11 1 Y 1 B THR 139 ? B THR 45 
12 1 Y 1 B GLY 140 ? B GLY 46 
13 1 Y 1 B GLU 141 ? B GLU 47 
14 1 Y 1 B ILE 142 ? B ILE 48 
15 1 Y 1 B ASP 143 ? B ASP 49 
16 1 Y 1 B MET 144 ? B MET 50 
17 1 Y 1 B THR 145 ? B THR 51 
18 1 Y 1 B LYS 146 ? B LYS 52 
# 
loop_
_chem_comp_atom.comp_id 
_chem_comp_atom.atom_id 
_chem_comp_atom.type_symbol 
_chem_comp_atom.pdbx_aromatic_flag 
_chem_comp_atom.pdbx_stereo_config 
_chem_comp_atom.pdbx_ordinal 
ARG N    N  N N 1   
ARG CA   C  N S 2   
ARG C    C  N N 3   
ARG O    O  N N 4   
ARG CB   C  N N 5   
ARG CG   C  N N 6   
ARG CD   C  N N 7   
ARG NE   N  N N 8   
ARG CZ   C  N N 9   
ARG NH1  N  N N 10  
ARG NH2  N  N N 11  
ARG OXT  O  N N 12  
ARG H    H  N N 13  
ARG H2   H  N N 14  
ARG HA   H  N N 15  
ARG HB2  H  N N 16  
ARG HB3  H  N N 17  
ARG HG2  H  N N 18  
ARG HG3  H  N N 19  
ARG HD2  H  N N 20  
ARG HD3  H  N N 21  
ARG HE   H  N N 22  
ARG HH11 H  N N 23  
ARG HH12 H  N N 24  
ARG HH21 H  N N 25  
ARG HH22 H  N N 26  
ARG HXT  H  N N 27  
ASP N    N  N N 28  
ASP CA   C  N S 29  
ASP C    C  N N 30  
ASP O    O  N N 31  
ASP CB   C  N N 32  
ASP CG   C  N N 33  
ASP OD1  O  N N 34  
ASP OD2  O  N N 35  
ASP OXT  O  N N 36  
ASP H    H  N N 37  
ASP H2   H  N N 38  
ASP HA   H  N N 39  
ASP HB2  H  N N 40  
ASP HB3  H  N N 41  
ASP HD2  H  N N 42  
ASP HXT  H  N N 43  
CA  CA   CA N N 44  
GLN N    N  N N 45  
GLN CA   C  N S 46  
GLN C    C  N N 47  
GLN O    O  N N 48  
GLN CB   C  N N 49  
GLN CG   C  N N 50  
GLN CD   C  N N 51  
GLN OE1  O  N N 52  
GLN NE2  N  N N 53  
GLN OXT  O  N N 54  
GLN H    H  N N 55  
GLN H2   H  N N 56  
GLN HA   H  N N 57  
GLN HB2  H  N N 58  
GLN HB3  H  N N 59  
GLN HG2  H  N N 60  
GLN HG3  H  N N 61  
GLN HE21 H  N N 62  
GLN HE22 H  N N 63  
GLN HXT  H  N N 64  
GLU N    N  N N 65  
GLU CA   C  N S 66  
GLU C    C  N N 67  
GLU O    O  N N 68  
GLU CB   C  N N 69  
GLU CG   C  N N 70  
GLU CD   C  N N 71  
GLU OE1  O  N N 72  
GLU OE2  O  N N 73  
GLU OXT  O  N N 74  
GLU H    H  N N 75  
GLU H2   H  N N 76  
GLU HA   H  N N 77  
GLU HB2  H  N N 78  
GLU HB3  H  N N 79  
GLU HG2  H  N N 80  
GLU HG3  H  N N 81  
GLU HE2  H  N N 82  
GLU HXT  H  N N 83  
GLY N    N  N N 84  
GLY CA   C  N N 85  
GLY C    C  N N 86  
GLY O    O  N N 87  
GLY OXT  O  N N 88  
GLY H    H  N N 89  
GLY H2   H  N N 90  
GLY HA2  H  N N 91  
GLY HA3  H  N N 92  
GLY HXT  H  N N 93  
HOH O    O  N N 94  
HOH H1   H  N N 95  
HOH H2   H  N N 96  
ILE N    N  N N 97  
ILE CA   C  N S 98  
ILE C    C  N N 99  
ILE O    O  N N 100 
ILE CB   C  N S 101 
ILE CG1  C  N N 102 
ILE CG2  C  N N 103 
ILE CD1  C  N N 104 
ILE OXT  O  N N 105 
ILE H    H  N N 106 
ILE H2   H  N N 107 
ILE HA   H  N N 108 
ILE HB   H  N N 109 
ILE HG12 H  N N 110 
ILE HG13 H  N N 111 
ILE HG21 H  N N 112 
ILE HG22 H  N N 113 
ILE HG23 H  N N 114 
ILE HD11 H  N N 115 
ILE HD12 H  N N 116 
ILE HD13 H  N N 117 
ILE HXT  H  N N 118 
LEU N    N  N N 119 
LEU CA   C  N S 120 
LEU C    C  N N 121 
LEU O    O  N N 122 
LEU CB   C  N N 123 
LEU CG   C  N N 124 
LEU CD1  C  N N 125 
LEU CD2  C  N N 126 
LEU OXT  O  N N 127 
LEU H    H  N N 128 
LEU H2   H  N N 129 
LEU HA   H  N N 130 
LEU HB2  H  N N 131 
LEU HB3  H  N N 132 
LEU HG   H  N N 133 
LEU HD11 H  N N 134 
LEU HD12 H  N N 135 
LEU HD13 H  N N 136 
LEU HD21 H  N N 137 
LEU HD22 H  N N 138 
LEU HD23 H  N N 139 
LEU HXT  H  N N 140 
LYS N    N  N N 141 
LYS CA   C  N S 142 
LYS C    C  N N 143 
LYS O    O  N N 144 
LYS CB   C  N N 145 
LYS CG   C  N N 146 
LYS CD   C  N N 147 
LYS CE   C  N N 148 
LYS NZ   N  N N 149 
LYS OXT  O  N N 150 
LYS H    H  N N 151 
LYS H2   H  N N 152 
LYS HA   H  N N 153 
LYS HB2  H  N N 154 
LYS HB3  H  N N 155 
LYS HG2  H  N N 156 
LYS HG3  H  N N 157 
LYS HD2  H  N N 158 
LYS HD3  H  N N 159 
LYS HE2  H  N N 160 
LYS HE3  H  N N 161 
LYS HZ1  H  N N 162 
LYS HZ2  H  N N 163 
LYS HZ3  H  N N 164 
LYS HXT  H  N N 165 
MET N    N  N N 166 
MET CA   C  N S 167 
MET C    C  N N 168 
MET O    O  N N 169 
MET CB   C  N N 170 
MET CG   C  N N 171 
MET SD   S  N N 172 
MET CE   C  N N 173 
MET OXT  O  N N 174 
MET H    H  N N 175 
MET H2   H  N N 176 
MET HA   H  N N 177 
MET HB2  H  N N 178 
MET HB3  H  N N 179 
MET HG2  H  N N 180 
MET HG3  H  N N 181 
MET HE1  H  N N 182 
MET HE2  H  N N 183 
MET HE3  H  N N 184 
MET HXT  H  N N 185 
THR N    N  N N 186 
THR CA   C  N S 187 
THR C    C  N N 188 
THR O    O  N N 189 
THR CB   C  N R 190 
THR OG1  O  N N 191 
THR CG2  C  N N 192 
THR OXT  O  N N 193 
THR H    H  N N 194 
THR H2   H  N N 195 
THR HA   H  N N 196 
THR HB   H  N N 197 
THR HG1  H  N N 198 
THR HG21 H  N N 199 
THR HG22 H  N N 200 
THR HG23 H  N N 201 
THR HXT  H  N N 202 
TYR N    N  N N 203 
TYR CA   C  N S 204 
TYR C    C  N N 205 
TYR O    O  N N 206 
TYR CB   C  N N 207 
TYR CG   C  Y N 208 
TYR CD1  C  Y N 209 
TYR CD2  C  Y N 210 
TYR CE1  C  Y N 211 
TYR CE2  C  Y N 212 
TYR CZ   C  Y N 213 
TYR OH   O  N N 214 
TYR OXT  O  N N 215 
TYR H    H  N N 216 
TYR H2   H  N N 217 
TYR HA   H  N N 218 
TYR HB2  H  N N 219 
TYR HB3  H  N N 220 
TYR HD1  H  N N 221 
TYR HD2  H  N N 222 
TYR HE1  H  N N 223 
TYR HE2  H  N N 224 
TYR HH   H  N N 225 
TYR HXT  H  N N 226 
VAL N    N  N N 227 
VAL CA   C  N S 228 
VAL C    C  N N 229 
VAL O    O  N N 230 
VAL CB   C  N N 231 
VAL CG1  C  N N 232 
VAL CG2  C  N N 233 
VAL OXT  O  N N 234 
VAL H    H  N N 235 
VAL H2   H  N N 236 
VAL HA   H  N N 237 
VAL HB   H  N N 238 
VAL HG11 H  N N 239 
VAL HG12 H  N N 240 
VAL HG13 H  N N 241 
VAL HG21 H  N N 242 
VAL HG22 H  N N 243 
VAL HG23 H  N N 244 
VAL HXT  H  N N 245 
# 
loop_
_chem_comp_bond.comp_id 
_chem_comp_bond.atom_id_1 
_chem_comp_bond.atom_id_2 
_chem_comp_bond.value_order 
_chem_comp_bond.pdbx_aromatic_flag 
_chem_comp_bond.pdbx_stereo_config 
_chem_comp_bond.pdbx_ordinal 
ARG N   CA   sing N N 1   
ARG N   H    sing N N 2   
ARG N   H2   sing N N 3   
ARG CA  C    sing N N 4   
ARG CA  CB   sing N N 5   
ARG CA  HA   sing N N 6   
ARG C   O    doub N N 7   
ARG C   OXT  sing N N 8   
ARG CB  CG   sing N N 9   
ARG CB  HB2  sing N N 10  
ARG CB  HB3  sing N N 11  
ARG CG  CD   sing N N 12  
ARG CG  HG2  sing N N 13  
ARG CG  HG3  sing N N 14  
ARG CD  NE   sing N N 15  
ARG CD  HD2  sing N N 16  
ARG CD  HD3  sing N N 17  
ARG NE  CZ   sing N N 18  
ARG NE  HE   sing N N 19  
ARG CZ  NH1  sing N N 20  
ARG CZ  NH2  doub N N 21  
ARG NH1 HH11 sing N N 22  
ARG NH1 HH12 sing N N 23  
ARG NH2 HH21 sing N N 24  
ARG NH2 HH22 sing N N 25  
ARG OXT HXT  sing N N 26  
ASP N   CA   sing N N 27  
ASP N   H    sing N N 28  
ASP N   H2   sing N N 29  
ASP CA  C    sing N N 30  
ASP CA  CB   sing N N 31  
ASP CA  HA   sing N N 32  
ASP C   O    doub N N 33  
ASP C   OXT  sing N N 34  
ASP CB  CG   sing N N 35  
ASP CB  HB2  sing N N 36  
ASP CB  HB3  sing N N 37  
ASP CG  OD1  doub N N 38  
ASP CG  OD2  sing N N 39  
ASP OD2 HD2  sing N N 40  
ASP OXT HXT  sing N N 41  
GLN N   CA   sing N N 42  
GLN N   H    sing N N 43  
GLN N   H2   sing N N 44  
GLN CA  C    sing N N 45  
GLN CA  CB   sing N N 46  
GLN CA  HA   sing N N 47  
GLN C   O    doub N N 48  
GLN C   OXT  sing N N 49  
GLN CB  CG   sing N N 50  
GLN CB  HB2  sing N N 51  
GLN CB  HB3  sing N N 52  
GLN CG  CD   sing N N 53  
GLN CG  HG2  sing N N 54  
GLN CG  HG3  sing N N 55  
GLN CD  OE1  doub N N 56  
GLN CD  NE2  sing N N 57  
GLN NE2 HE21 sing N N 58  
GLN NE2 HE22 sing N N 59  
GLN OXT HXT  sing N N 60  
GLU N   CA   sing N N 61  
GLU N   H    sing N N 62  
GLU N   H2   sing N N 63  
GLU CA  C    sing N N 64  
GLU CA  CB   sing N N 65  
GLU CA  HA   sing N N 66  
GLU C   O    doub N N 67  
GLU C   OXT  sing N N 68  
GLU CB  CG   sing N N 69  
GLU CB  HB2  sing N N 70  
GLU CB  HB3  sing N N 71  
GLU CG  CD   sing N N 72  
GLU CG  HG2  sing N N 73  
GLU CG  HG3  sing N N 74  
GLU CD  OE1  doub N N 75  
GLU CD  OE2  sing N N 76  
GLU OE2 HE2  sing N N 77  
GLU OXT HXT  sing N N 78  
GLY N   CA   sing N N 79  
GLY N   H    sing N N 80  
GLY N   H2   sing N N 81  
GLY CA  C    sing N N 82  
GLY CA  HA2  sing N N 83  
GLY CA  HA3  sing N N 84  
GLY C   O    doub N N 85  
GLY C   OXT  sing N N 86  
GLY OXT HXT  sing N N 87  
HOH O   H1   sing N N 88  
HOH O   H2   sing N N 89  
ILE N   CA   sing N N 90  
ILE N   H    sing N N 91  
ILE N   H2   sing N N 92  
ILE CA  C    sing N N 93  
ILE CA  CB   sing N N 94  
ILE CA  HA   sing N N 95  
ILE C   O    doub N N 96  
ILE C   OXT  sing N N 97  
ILE CB  CG1  sing N N 98  
ILE CB  CG2  sing N N 99  
ILE CB  HB   sing N N 100 
ILE CG1 CD1  sing N N 101 
ILE CG1 HG12 sing N N 102 
ILE CG1 HG13 sing N N 103 
ILE CG2 HG21 sing N N 104 
ILE CG2 HG22 sing N N 105 
ILE CG2 HG23 sing N N 106 
ILE CD1 HD11 sing N N 107 
ILE CD1 HD12 sing N N 108 
ILE CD1 HD13 sing N N 109 
ILE OXT HXT  sing N N 110 
LEU N   CA   sing N N 111 
LEU N   H    sing N N 112 
LEU N   H2   sing N N 113 
LEU CA  C    sing N N 114 
LEU CA  CB   sing N N 115 
LEU CA  HA   sing N N 116 
LEU C   O    doub N N 117 
LEU C   OXT  sing N N 118 
LEU CB  CG   sing N N 119 
LEU CB  HB2  sing N N 120 
LEU CB  HB3  sing N N 121 
LEU CG  CD1  sing N N 122 
LEU CG  CD2  sing N N 123 
LEU CG  HG   sing N N 124 
LEU CD1 HD11 sing N N 125 
LEU CD1 HD12 sing N N 126 
LEU CD1 HD13 sing N N 127 
LEU CD2 HD21 sing N N 128 
LEU CD2 HD22 sing N N 129 
LEU CD2 HD23 sing N N 130 
LEU OXT HXT  sing N N 131 
LYS N   CA   sing N N 132 
LYS N   H    sing N N 133 
LYS N   H2   sing N N 134 
LYS CA  C    sing N N 135 
LYS CA  CB   sing N N 136 
LYS CA  HA   sing N N 137 
LYS C   O    doub N N 138 
LYS C   OXT  sing N N 139 
LYS CB  CG   sing N N 140 
LYS CB  HB2  sing N N 141 
LYS CB  HB3  sing N N 142 
LYS CG  CD   sing N N 143 
LYS CG  HG2  sing N N 144 
LYS CG  HG3  sing N N 145 
LYS CD  CE   sing N N 146 
LYS CD  HD2  sing N N 147 
LYS CD  HD3  sing N N 148 
LYS CE  NZ   sing N N 149 
LYS CE  HE2  sing N N 150 
LYS CE  HE3  sing N N 151 
LYS NZ  HZ1  sing N N 152 
LYS NZ  HZ2  sing N N 153 
LYS NZ  HZ3  sing N N 154 
LYS OXT HXT  sing N N 155 
MET N   CA   sing N N 156 
MET N   H    sing N N 157 
MET N   H2   sing N N 158 
MET CA  C    sing N N 159 
MET CA  CB   sing N N 160 
MET CA  HA   sing N N 161 
MET C   O    doub N N 162 
MET C   OXT  sing N N 163 
MET CB  CG   sing N N 164 
MET CB  HB2  sing N N 165 
MET CB  HB3  sing N N 166 
MET CG  SD   sing N N 167 
MET CG  HG2  sing N N 168 
MET CG  HG3  sing N N 169 
MET SD  CE   sing N N 170 
MET CE  HE1  sing N N 171 
MET CE  HE2  sing N N 172 
MET CE  HE3  sing N N 173 
MET OXT HXT  sing N N 174 
THR N   CA   sing N N 175 
THR N   H    sing N N 176 
THR N   H2   sing N N 177 
THR CA  C    sing N N 178 
THR CA  CB   sing N N 179 
THR CA  HA   sing N N 180 
THR C   O    doub N N 181 
THR C   OXT  sing N N 182 
THR CB  OG1  sing N N 183 
THR CB  CG2  sing N N 184 
THR CB  HB   sing N N 185 
THR OG1 HG1  sing N N 186 
THR CG2 HG21 sing N N 187 
THR CG2 HG22 sing N N 188 
THR CG2 HG23 sing N N 189 
THR OXT HXT  sing N N 190 
TYR N   CA   sing N N 191 
TYR N   H    sing N N 192 
TYR N   H2   sing N N 193 
TYR CA  C    sing N N 194 
TYR CA  CB   sing N N 195 
TYR CA  HA   sing N N 196 
TYR C   O    doub N N 197 
TYR C   OXT  sing N N 198 
TYR CB  CG   sing N N 199 
TYR CB  HB2  sing N N 200 
TYR CB  HB3  sing N N 201 
TYR CG  CD1  doub Y N 202 
TYR CG  CD2  sing Y N 203 
TYR CD1 CE1  sing Y N 204 
TYR CD1 HD1  sing N N 205 
TYR CD2 CE2  doub Y N 206 
TYR CD2 HD2  sing N N 207 
TYR CE1 CZ   doub Y N 208 
TYR CE1 HE1  sing N N 209 
TYR CE2 CZ   sing Y N 210 
TYR CE2 HE2  sing N N 211 
TYR CZ  OH   sing N N 212 
TYR OH  HH   sing N N 213 
TYR OXT HXT  sing N N 214 
VAL N   CA   sing N N 215 
VAL N   H    sing N N 216 
VAL N   H2   sing N N 217 
VAL CA  C    sing N N 218 
VAL CA  CB   sing N N 219 
VAL CA  HA   sing N N 220 
VAL C   O    doub N N 221 
VAL C   OXT  sing N N 222 
VAL CB  CG1  sing N N 223 
VAL CB  CG2  sing N N 224 
VAL CB  HB   sing N N 225 
VAL CG1 HG11 sing N N 226 
VAL CG1 HG12 sing N N 227 
VAL CG1 HG13 sing N N 228 
VAL CG2 HG21 sing N N 229 
VAL CG2 HG22 sing N N 230 
VAL CG2 HG23 sing N N 231 
VAL OXT HXT  sing N N 232 
# 
loop_
_pdbx_entity_nonpoly.entity_id 
_pdbx_entity_nonpoly.name 
_pdbx_entity_nonpoly.comp_id 
2 'CALCIUM ION' CA  
3 water         HOH 
# 
_pdbx_initial_refinement_model.id               1 
_pdbx_initial_refinement_model.entity_id_list   ? 
_pdbx_initial_refinement_model.type             'experimental model' 
_pdbx_initial_refinement_model.source_name      PDB 
_pdbx_initial_refinement_model.accession_code   1G1J 
_pdbx_initial_refinement_model.details          'PDB CODE 1G1J' 
# 
